data_3MKH
#
_entry.id   3MKH
#
_cell.length_a   137.501
_cell.length_b   137.501
_cell.length_c   131.323
_cell.angle_alpha   90.00
_cell.angle_beta   90.00
_cell.angle_gamma   90.00
#
_symmetry.space_group_name_H-M   'P 43'
#
loop_
_entity.id
_entity.type
_entity.pdbx_description
1 polymer 'NITROALKANE OXIDASE'
2 non-polymer 'FLAVIN-ADENINE DINUCLEOTIDE'
3 non-polymer 'MAGNESIUM ION'
4 non-polymer 'SULFATE ION'
5 water water
#
_entity_poly.entity_id   1
_entity_poly.type   'polypeptide(L)'
_entity_poly.pdbx_seq_one_letter_code
;MAIDFHLSASQKGTYQAARSLARNLLMPARQTYLQHPPNSPLRFQSTQPTYAAAVSAGILKGQISPAHGGTGGTLIESAI
LVEECYSVEPSAALTIFATGLGLTPINLAAGPQHAEFLAPFLSGEGSPLASLVFSEPGGVANALEKGAPGFQTTARLEGD
EWVINGEKMWATNCAGWDFKGCDLACVVCRDATTPLEEGQDPENKVMIILVTRADLDRNGEGSFEVLRHVATPGHTSVSG
PHVRYTNVRVPTKNVLCPAGQGAKVAFGAFDGSAVLVGAMGVGLMRAAFDAALKFAKEDNRGGAVPLLERQAFADLLSGV
KIQTEAARALTWKAAHAMENGPGDYDARRELALAAKVFCSEAAVKACTDVINAVGISAYDLQRPFSDLLNTAVVLPIFDG
GNVGIRRRHLQQLMLKPTYDAWSSTYGSFPGSHHHHHH
;
_entity_poly.pdbx_strand_id   A,B,C,D
#
# COMPACT_ATOMS: atom_id res chain seq x y z
N ALA A 2 -7.51 -4.22 34.61
CA ALA A 2 -7.76 -5.58 34.09
C ALA A 2 -8.25 -5.50 32.64
N ILE A 3 -7.49 -6.06 31.72
CA ILE A 3 -7.78 -5.88 30.31
C ILE A 3 -9.17 -6.43 29.99
N ASP A 4 -10.06 -5.54 29.58
CA ASP A 4 -11.47 -5.90 29.43
C ASP A 4 -12.06 -5.10 28.26
N PHE A 5 -12.64 -5.79 27.29
CA PHE A 5 -13.29 -5.14 26.13
C PHE A 5 -14.83 -5.18 26.18
N HIS A 6 -15.39 -5.63 27.30
CA HIS A 6 -16.84 -5.59 27.49
C HIS A 6 -17.32 -4.21 27.89
N LEU A 7 -18.40 -3.74 27.28
CA LEU A 7 -18.99 -2.49 27.67
C LEU A 7 -19.71 -2.68 28.99
N SER A 8 -19.60 -1.68 29.86
CA SER A 8 -20.37 -1.64 31.10
C SER A 8 -21.82 -1.32 30.78
N ALA A 9 -22.69 -1.40 31.77
CA ALA A 9 -24.10 -1.05 31.57
C ALA A 9 -24.23 0.38 31.08
N SER A 10 -23.42 1.27 31.63
CA SER A 10 -23.42 2.68 31.21
C SER A 10 -22.93 2.88 29.77
N GLN A 11 -22.00 2.02 29.34
CA GLN A 11 -21.49 2.09 27.98
C GLN A 11 -22.45 1.45 27.00
N LYS A 12 -23.12 0.39 27.42
CA LYS A 12 -24.19 -0.18 26.60
C LYS A 12 -25.30 0.83 26.45
N GLY A 13 -25.59 1.56 27.52
CA GLY A 13 -26.63 2.58 27.51
C GLY A 13 -26.29 3.66 26.50
N THR A 14 -25.04 4.10 26.50
CA THR A 14 -24.58 5.10 25.56
C THR A 14 -24.76 4.62 24.12
N TYR A 15 -24.36 3.38 23.85
CA TYR A 15 -24.53 2.80 22.51
C TYR A 15 -25.99 2.81 22.07
N GLN A 16 -26.88 2.34 22.95
CA GLN A 16 -28.29 2.30 22.62
C GLN A 16 -28.89 3.69 22.41
N ALA A 17 -28.54 4.63 23.28
CA ALA A 17 -28.97 6.02 23.09
C ALA A 17 -28.44 6.61 21.78
N ALA A 18 -27.20 6.29 21.45
CA ALA A 18 -26.60 6.79 20.20
C ALA A 18 -27.37 6.29 18.98
N ARG A 19 -27.72 5.00 18.99
CA ARG A 19 -28.51 4.42 17.90
C ARG A 19 -29.83 5.18 17.73
N SER A 20 -30.48 5.44 18.86
CA SER A 20 -31.77 6.13 18.85
C SER A 20 -31.65 7.60 18.38
N LEU A 21 -30.65 8.31 18.89
CA LEU A 21 -30.41 9.68 18.48
C LEU A 21 -30.14 9.80 16.97
N ALA A 22 -29.25 8.94 16.48
CA ALA A 22 -28.88 8.98 15.07
C ALA A 22 -30.10 8.72 14.21
N ARG A 23 -30.86 7.69 14.57
CA ARG A 23 -32.04 7.33 13.80
C ARG A 23 -33.15 8.39 13.88
N ASN A 24 -33.36 8.96 15.06
CA ASN A 24 -34.48 9.90 15.25
C ASN A 24 -34.20 11.32 14.86
N LEU A 25 -32.96 11.76 15.04
CA LEU A 25 -32.60 13.17 14.79
C LEU A 25 -31.80 13.33 13.50
N LEU A 26 -30.76 12.53 13.33
CA LEU A 26 -29.86 12.74 12.19
C LEU A 26 -30.43 12.32 10.83
N MET A 27 -31.13 11.19 10.79
CA MET A 27 -31.73 10.75 9.54
C MET A 27 -32.76 11.74 9.00
N PRO A 28 -33.63 12.26 9.87
CA PRO A 28 -34.55 13.29 9.39
C PRO A 28 -33.86 14.58 8.96
N ALA A 29 -32.77 14.95 9.62
CA ALA A 29 -31.99 16.11 9.21
C ALA A 29 -31.56 15.94 7.76
N ARG A 30 -31.13 14.73 7.40
CA ARG A 30 -30.69 14.44 6.03
C ARG A 30 -31.84 14.61 5.00
N GLN A 31 -33.01 14.05 5.28
CA GLN A 31 -34.11 14.14 4.32
C GLN A 31 -34.55 15.60 4.17
N THR A 32 -34.36 16.37 5.23
CA THR A 32 -34.66 17.79 5.19
C THR A 32 -33.69 18.60 4.33
N TYR A 33 -32.37 18.48 4.58
CA TYR A 33 -31.43 19.32 3.82
C TYR A 33 -31.28 18.95 2.34
N LEU A 34 -31.55 17.69 2.03
CA LEU A 34 -31.54 17.19 0.66
C LEU A 34 -32.55 17.92 -0.27
N GLN A 35 -33.52 18.61 0.32
CA GLN A 35 -34.46 19.41 -0.47
C GLN A 35 -33.81 20.66 -1.07
N HIS A 36 -32.66 21.04 -0.53
CA HIS A 36 -31.94 22.19 -1.05
C HIS A 36 -30.80 21.72 -1.95
N PRO A 37 -30.32 22.62 -2.83
CA PRO A 37 -29.23 22.30 -3.76
C PRO A 37 -27.96 21.90 -3.02
N PRO A 38 -27.14 21.03 -3.64
CA PRO A 38 -25.95 20.38 -3.05
C PRO A 38 -24.95 21.36 -2.42
N ASN A 39 -24.85 22.54 -3.00
CA ASN A 39 -23.90 23.55 -2.58
C ASN A 39 -24.55 24.70 -1.80
N SER A 40 -25.83 24.58 -1.46
CA SER A 40 -26.54 25.70 -0.84
C SER A 40 -26.25 25.86 0.65
N PRO A 41 -25.93 27.09 1.10
CA PRO A 41 -25.84 27.32 2.54
C PRO A 41 -27.16 27.03 3.27
N LEU A 42 -28.25 26.92 2.53
CA LEU A 42 -29.55 26.58 3.13
C LEU A 42 -29.59 25.15 3.68
N ARG A 43 -28.68 24.30 3.22
CA ARG A 43 -28.62 22.94 3.77
C ARG A 43 -28.29 23.03 5.27
N PHE A 44 -27.22 23.75 5.58
CA PHE A 44 -26.85 24.00 6.97
C PHE A 44 -28.02 24.61 7.74
N GLN A 45 -28.55 25.72 7.24
CA GLN A 45 -29.62 26.42 7.94
C GLN A 45 -30.80 25.49 8.22
N SER A 46 -31.14 24.64 7.26
CA SER A 46 -32.29 23.75 7.39
C SER A 46 -32.11 22.72 8.52
N THR A 47 -30.91 22.55 9.03
CA THR A 47 -30.71 21.59 10.13
C THR A 47 -30.94 22.17 11.52
N GLN A 48 -31.34 23.43 11.61
CA GLN A 48 -31.52 24.04 12.93
C GLN A 48 -32.58 23.31 13.80
N PRO A 49 -33.77 23.04 13.23
CA PRO A 49 -34.76 22.37 14.06
C PRO A 49 -34.28 21.03 14.63
N THR A 50 -33.57 20.23 13.84
CA THR A 50 -33.10 18.97 14.42
C THR A 50 -31.93 19.16 15.37
N TYR A 51 -31.11 20.18 15.14
CA TYR A 51 -30.10 20.55 16.12
C TYR A 51 -30.78 20.93 17.45
N ALA A 52 -31.85 21.71 17.38
CA ALA A 52 -32.58 22.08 18.60
C ALA A 52 -33.13 20.85 19.31
N ALA A 53 -33.53 19.84 18.55
CA ALA A 53 -34.03 18.60 19.13
C ALA A 53 -32.93 17.86 19.86
N ALA A 54 -31.71 17.88 19.31
CA ALA A 54 -30.54 17.27 19.95
C ALA A 54 -30.20 18.00 21.23
N VAL A 55 -30.34 19.32 21.20
CA VAL A 55 -30.11 20.13 22.38
C VAL A 55 -31.09 19.74 23.48
N SER A 56 -32.36 19.63 23.10
CA SER A 56 -33.41 19.25 24.05
C SER A 56 -33.19 17.86 24.63
N ALA A 57 -32.55 16.99 23.85
CA ALA A 57 -32.17 15.65 24.29
C ALA A 57 -30.94 15.64 25.22
N GLY A 58 -30.35 16.81 25.47
CA GLY A 58 -29.25 16.94 26.40
C GLY A 58 -27.85 16.84 25.79
N ILE A 59 -27.74 16.87 24.46
CA ILE A 59 -26.45 16.61 23.81
C ILE A 59 -25.37 17.64 24.15
N LEU A 60 -25.76 18.91 24.24
CA LEU A 60 -24.79 19.96 24.55
C LEU A 60 -24.32 19.86 26.02
N LYS A 61 -25.23 19.55 26.93
CA LYS A 61 -24.82 19.34 28.33
C LYS A 61 -23.73 18.27 28.41
N GLY A 62 -23.85 17.27 27.55
CA GLY A 62 -22.90 16.17 27.49
C GLY A 62 -21.54 16.54 26.92
N GLN A 63 -21.44 17.73 26.32
CA GLN A 63 -20.17 18.20 25.78
C GLN A 63 -19.44 19.07 26.79
N ILE A 64 -20.06 19.34 27.93
CA ILE A 64 -19.47 20.23 28.93
C ILE A 64 -19.01 19.42 30.13
N SER A 65 -17.83 19.72 30.63
CA SER A 65 -17.28 18.90 31.69
C SER A 65 -18.05 19.06 33.01
N PRO A 66 -18.12 17.99 33.82
CA PRO A 66 -18.77 18.09 35.14
C PRO A 66 -18.24 19.25 35.97
N ALA A 67 -16.97 19.60 35.78
CA ALA A 67 -16.39 20.68 36.55
C ALA A 67 -17.10 22.01 36.27
N HIS A 68 -17.77 22.12 35.12
CA HIS A 68 -18.52 23.35 34.82
C HIS A 68 -20.03 23.17 34.81
N GLY A 69 -20.51 22.13 35.49
CA GLY A 69 -21.93 21.91 35.60
C GLY A 69 -22.51 21.05 34.48
N GLY A 70 -21.66 20.60 33.57
CA GLY A 70 -22.10 19.73 32.48
C GLY A 70 -22.13 18.27 32.88
N THR A 71 -22.52 17.40 31.96
CA THR A 71 -22.59 15.99 32.32
C THR A 71 -21.66 15.18 31.44
N GLY A 72 -20.63 15.84 30.92
CA GLY A 72 -19.64 15.16 30.07
C GLY A 72 -19.08 13.88 30.68
N GLY A 73 -19.07 12.83 29.87
CA GLY A 73 -18.58 11.53 30.30
C GLY A 73 -17.20 11.22 29.78
N THR A 74 -16.90 9.94 29.65
CA THR A 74 -15.56 9.53 29.24
C THR A 74 -15.39 9.68 27.73
N LEU A 75 -14.14 9.74 27.30
CA LEU A 75 -13.83 9.81 25.88
C LEU A 75 -14.27 8.51 25.20
N ILE A 76 -14.19 7.39 25.92
CA ILE A 76 -14.68 6.13 25.37
C ILE A 76 -16.16 6.21 24.96
N GLU A 77 -16.98 6.77 25.85
CA GLU A 77 -18.41 6.90 25.56
C GLU A 77 -18.67 7.88 24.43
N SER A 78 -17.87 8.93 24.36
CA SER A 78 -17.91 9.84 23.24
C SER A 78 -17.57 9.12 21.93
N ALA A 79 -16.59 8.24 21.97
CA ALA A 79 -16.17 7.52 20.77
C ALA A 79 -17.30 6.59 20.31
N ILE A 80 -18.02 6.03 21.26
CA ILE A 80 -19.16 5.17 20.94
C ILE A 80 -20.26 5.98 20.24
N LEU A 81 -20.59 7.14 20.81
CA LEU A 81 -21.61 7.98 20.20
C LEU A 81 -21.20 8.42 18.79
N VAL A 82 -19.97 8.90 18.67
CA VAL A 82 -19.47 9.43 17.40
C VAL A 82 -19.45 8.36 16.29
N GLU A 83 -19.01 7.14 16.64
CA GLU A 83 -18.98 6.06 15.67
C GLU A 83 -20.38 5.78 15.13
N GLU A 84 -21.34 5.64 16.03
CA GLU A 84 -22.70 5.38 15.62
C GLU A 84 -23.25 6.52 14.73
N CYS A 85 -23.05 7.77 15.15
CA CYS A 85 -23.58 8.90 14.38
C CYS A 85 -22.98 8.97 12.99
N TYR A 86 -21.67 8.79 12.89
CA TYR A 86 -21.01 8.80 11.60
C TYR A 86 -21.36 7.63 10.70
N SER A 87 -21.77 6.51 11.29
CA SER A 87 -22.17 5.39 10.47
C SER A 87 -23.52 5.68 9.83
N VAL A 88 -24.20 6.70 10.32
CA VAL A 88 -25.57 6.99 9.88
C VAL A 88 -25.70 8.29 9.08
N GLU A 89 -25.23 9.41 9.63
CA GLU A 89 -25.36 10.69 8.94
C GLU A 89 -24.25 11.62 9.39
N PRO A 90 -23.11 11.56 8.68
CA PRO A 90 -21.92 12.35 9.08
C PRO A 90 -22.14 13.86 9.09
N SER A 91 -22.84 14.41 8.11
CA SER A 91 -22.88 15.86 7.96
C SER A 91 -23.62 16.55 9.12
N ALA A 92 -24.85 16.12 9.40
CA ALA A 92 -25.60 16.70 10.50
C ALA A 92 -24.92 16.39 11.83
N ALA A 93 -24.27 15.24 11.92
CA ALA A 93 -23.51 14.91 13.13
C ALA A 93 -22.39 15.92 13.38
N LEU A 94 -21.65 16.27 12.34
CA LEU A 94 -20.46 17.09 12.52
C LEU A 94 -20.82 18.48 13.07
N THR A 95 -21.95 19.02 12.63
CA THR A 95 -22.38 20.33 13.14
C THR A 95 -22.54 20.29 14.66
N ILE A 96 -23.14 19.22 15.15
CA ILE A 96 -23.28 19.01 16.58
C ILE A 96 -21.92 18.81 17.25
N PHE A 97 -21.11 17.91 16.73
CA PHE A 97 -19.80 17.66 17.33
C PHE A 97 -18.90 18.90 17.32
N ALA A 98 -19.06 19.73 16.29
CA ALA A 98 -18.23 20.95 16.18
C ALA A 98 -18.51 21.93 17.32
N THR A 99 -19.75 21.96 17.81
CA THR A 99 -20.06 22.81 18.98
C THR A 99 -19.28 22.24 20.18
N GLY A 100 -19.16 20.92 20.24
CA GLY A 100 -18.40 20.30 21.31
C GLY A 100 -16.93 20.68 21.25
N LEU A 101 -16.37 20.74 20.05
CA LEU A 101 -15.00 21.18 19.88
C LEU A 101 -14.83 22.64 20.32
N GLY A 102 -15.81 23.47 19.98
CA GLY A 102 -15.78 24.87 20.37
C GLY A 102 -15.82 25.07 21.88
N LEU A 103 -16.52 24.17 22.58
CA LEU A 103 -16.57 24.24 24.05
C LEU A 103 -15.35 23.67 24.75
N THR A 104 -14.55 22.88 24.04
CA THR A 104 -13.42 22.18 24.62
C THR A 104 -12.36 23.10 25.28
N PRO A 105 -11.96 24.19 24.61
CA PRO A 105 -10.98 25.08 25.27
C PRO A 105 -11.50 25.63 26.59
N ILE A 106 -12.81 25.86 26.67
CA ILE A 106 -13.44 26.32 27.89
C ILE A 106 -13.46 25.24 28.97
N ASN A 107 -13.75 23.99 28.60
CA ASN A 107 -13.60 22.87 29.52
C ASN A 107 -12.17 22.81 30.04
N LEU A 108 -11.21 23.09 29.17
CA LEU A 108 -9.79 22.96 29.53
C LEU A 108 -9.25 24.13 30.39
N ALA A 109 -9.77 25.33 30.21
CA ALA A 109 -9.07 26.51 30.74
C ALA A 109 -9.93 27.58 31.39
N ALA A 110 -11.25 27.36 31.45
CA ALA A 110 -12.15 28.36 31.96
C ALA A 110 -11.68 28.85 33.33
N GLY A 111 -11.85 30.15 33.58
CA GLY A 111 -11.74 30.69 34.93
C GLY A 111 -13.12 30.98 35.46
N PRO A 112 -13.21 31.50 36.71
CA PRO A 112 -14.54 31.76 37.30
C PRO A 112 -15.34 32.76 36.48
N GLN A 113 -14.66 33.68 35.79
CA GLN A 113 -15.32 34.72 35.01
C GLN A 113 -16.01 34.18 33.76
N HIS A 114 -15.76 32.92 33.45
CA HIS A 114 -16.22 32.34 32.19
C HIS A 114 -17.53 31.58 32.29
N ALA A 115 -18.07 31.47 33.50
CA ALA A 115 -19.26 30.66 33.72
C ALA A 115 -20.44 31.26 32.96
N GLU A 116 -20.49 32.59 32.90
CA GLU A 116 -21.59 33.25 32.20
C GLU A 116 -21.62 32.90 30.71
N PHE A 117 -20.46 32.56 30.13
CA PHE A 117 -20.40 32.28 28.69
C PHE A 117 -20.97 30.92 28.38
N LEU A 118 -20.85 30.00 29.34
CA LEU A 118 -21.32 28.64 29.19
C LEU A 118 -22.81 28.51 29.42
N ALA A 119 -23.39 29.48 30.12
CA ALA A 119 -24.79 29.38 30.53
C ALA A 119 -25.78 28.97 29.42
N PRO A 120 -25.68 29.59 28.24
CA PRO A 120 -26.63 29.25 27.17
C PRO A 120 -26.58 27.77 26.76
N PHE A 121 -25.44 27.12 26.98
CA PHE A 121 -25.24 25.75 26.51
C PHE A 121 -25.66 24.71 27.54
N LEU A 122 -26.08 25.21 28.70
CA LEU A 122 -26.45 24.33 29.82
C LEU A 122 -27.95 24.34 30.13
N SER A 123 -28.71 25.13 29.37
CA SER A 123 -30.15 25.26 29.60
C SER A 123 -31.01 24.08 29.12
N GLY A 124 -30.49 23.28 28.19
CA GLY A 124 -31.30 22.24 27.57
C GLY A 124 -32.33 22.77 26.57
N GLU A 125 -32.22 24.05 26.21
CA GLU A 125 -33.11 24.58 25.18
C GLU A 125 -32.45 25.54 24.18
N GLY A 126 -33.23 25.98 23.21
CA GLY A 126 -32.71 26.75 22.10
C GLY A 126 -31.77 25.92 21.22
N SER A 127 -30.89 26.62 20.50
CA SER A 127 -29.98 25.95 19.59
C SER A 127 -28.68 26.71 19.50
N PRO A 128 -27.99 26.92 20.65
CA PRO A 128 -26.74 27.69 20.65
C PRO A 128 -25.63 26.94 19.92
N LEU A 129 -24.80 27.68 19.20
CA LEU A 129 -23.68 27.13 18.45
C LEU A 129 -22.38 27.67 18.99
N ALA A 130 -21.37 26.82 19.07
CA ALA A 130 -20.02 27.22 19.48
C ALA A 130 -19.05 26.79 18.39
N SER A 131 -17.91 27.46 18.31
CA SER A 131 -16.93 27.21 17.27
C SER A 131 -15.52 27.40 17.82
N LEU A 132 -14.61 26.50 17.44
CA LEU A 132 -13.19 26.69 17.72
C LEU A 132 -12.60 27.31 16.46
N VAL A 133 -12.28 28.59 16.56
CA VAL A 133 -11.97 29.38 15.38
C VAL A 133 -10.46 29.53 15.30
N PHE A 134 -9.85 28.55 14.63
CA PHE A 134 -8.41 28.38 14.56
C PHE A 134 -7.93 28.63 13.14
N SER A 135 -8.50 27.89 12.19
CA SER A 135 -8.00 27.87 10.82
C SER A 135 -8.18 29.18 10.05
N GLU A 136 -7.31 29.37 9.06
CA GLU A 136 -7.21 30.61 8.31
C GLU A 136 -6.99 30.31 6.82
N PRO A 137 -7.43 31.21 5.93
CA PRO A 137 -7.35 30.95 4.48
C PRO A 137 -5.93 30.62 4.00
N GLY A 138 -4.93 31.30 4.56
CA GLY A 138 -3.55 31.10 4.15
C GLY A 138 -2.87 29.87 4.74
N GLY A 139 -3.59 29.13 5.57
CA GLY A 139 -3.03 27.95 6.23
C GLY A 139 -2.59 28.20 7.66
N VAL A 140 -2.51 27.13 8.46
CA VAL A 140 -2.06 27.30 9.85
C VAL A 140 -1.09 26.21 10.35
N ALA A 141 -0.67 25.29 9.48
CA ALA A 141 0.27 24.25 9.92
C ALA A 141 1.56 24.88 10.45
N ASN A 142 1.88 26.08 9.99
CA ASN A 142 3.13 26.75 10.35
C ASN A 142 2.90 28.01 11.19
N ALA A 143 1.76 28.08 11.87
CA ALA A 143 1.42 29.25 12.65
C ALA A 143 2.45 29.52 13.75
N LEU A 144 3.09 28.45 14.24
CA LEU A 144 4.04 28.54 15.36
C LEU A 144 5.49 28.51 14.92
N GLU A 145 5.72 28.45 13.62
CA GLU A 145 7.07 28.28 13.10
C GLU A 145 7.90 29.55 13.22
N LYS A 146 9.10 29.41 13.78
CA LYS A 146 10.02 30.54 13.84
C LYS A 146 10.34 31.03 12.42
N GLY A 147 10.28 32.34 12.21
CA GLY A 147 10.61 32.91 10.92
C GLY A 147 9.42 32.97 9.98
N ALA A 148 8.28 32.46 10.41
CA ALA A 148 7.07 32.53 9.60
C ALA A 148 6.24 33.74 10.03
N PRO A 149 5.25 34.14 9.21
CA PRO A 149 4.41 35.28 9.56
C PRO A 149 3.59 35.08 10.84
N GLY A 150 3.26 33.83 11.18
CA GLY A 150 2.39 33.58 12.32
C GLY A 150 0.93 33.75 11.92
N PHE A 151 0.01 33.56 12.87
CA PHE A 151 -1.42 33.76 12.63
C PHE A 151 -1.69 35.12 11.96
N GLN A 152 -2.60 35.15 11.01
CA GLN A 152 -2.98 36.41 10.40
C GLN A 152 -3.94 37.13 11.32
N THR A 153 -4.66 36.39 12.15
CA THR A 153 -5.62 36.99 13.06
C THR A 153 -4.87 37.49 14.31
N THR A 154 -5.05 38.77 14.63
CA THR A 154 -4.31 39.39 15.71
C THR A 154 -5.24 39.99 16.73
N ALA A 155 -4.71 40.20 17.93
CA ALA A 155 -5.42 40.89 18.98
C ALA A 155 -4.45 41.89 19.63
N ARG A 156 -4.97 43.06 19.99
CA ARG A 156 -4.19 44.11 20.64
C ARG A 156 -4.98 44.71 21.79
N LEU A 157 -4.34 44.87 22.94
CA LEU A 157 -4.99 45.50 24.08
C LEU A 157 -4.95 47.02 23.89
N GLU A 158 -6.13 47.63 23.82
CA GLU A 158 -6.24 49.09 23.72
C GLU A 158 -7.05 49.55 24.90
N GLY A 159 -6.36 50.05 25.92
CA GLY A 159 -7.03 50.43 27.15
C GLY A 159 -7.51 49.20 27.89
N ASP A 160 -8.81 49.13 28.15
CA ASP A 160 -9.37 47.98 28.85
C ASP A 160 -10.17 47.05 27.91
N GLU A 161 -9.90 47.12 26.62
CA GLU A 161 -10.53 46.16 25.72
C GLU A 161 -9.50 45.54 24.76
N TRP A 162 -9.70 44.28 24.43
CA TRP A 162 -8.92 43.63 23.40
C TRP A 162 -9.58 43.87 22.05
N VAL A 163 -8.78 44.14 21.04
CA VAL A 163 -9.33 44.43 19.73
C VAL A 163 -8.85 43.37 18.74
N ILE A 164 -9.80 42.70 18.09
CA ILE A 164 -9.49 41.56 17.25
C ILE A 164 -9.69 41.88 15.77
N ASN A 165 -8.72 41.50 14.95
CA ASN A 165 -8.81 41.63 13.50
C ASN A 165 -8.23 40.41 12.82
N GLY A 166 -8.93 39.91 11.81
CA GLY A 166 -8.39 38.83 11.01
C GLY A 166 -9.43 38.06 10.24
N GLU A 167 -8.95 37.25 9.30
CA GLU A 167 -9.80 36.36 8.55
C GLU A 167 -9.60 34.92 8.97
N LYS A 168 -10.70 34.19 9.04
CA LYS A 168 -10.65 32.80 9.44
C LYS A 168 -11.38 32.02 8.36
N MET A 169 -11.08 30.72 8.25
CA MET A 169 -11.77 29.90 7.25
C MET A 169 -11.81 28.48 7.80
N TRP A 170 -12.86 27.75 7.44
CA TRP A 170 -13.06 26.35 7.78
C TRP A 170 -13.56 26.12 9.21
N ALA A 171 -13.74 27.19 9.98
CA ALA A 171 -14.10 27.01 11.39
C ALA A 171 -15.58 26.72 11.54
N THR A 172 -15.87 25.45 11.73
CA THR A 172 -17.23 24.96 11.69
C THR A 172 -18.14 25.70 12.68
N ASN A 173 -19.27 26.18 12.19
CA ASN A 173 -20.28 26.88 12.99
C ASN A 173 -20.01 28.37 13.28
N CYS A 174 -18.82 28.88 12.95
CA CYS A 174 -18.44 30.21 13.44
C CYS A 174 -19.39 31.34 13.02
N ALA A 175 -20.11 31.14 11.91
CA ALA A 175 -20.98 32.20 11.41
C ALA A 175 -22.41 32.15 11.96
N GLY A 176 -22.76 31.08 12.68
CA GLY A 176 -24.10 30.97 13.27
C GLY A 176 -25.17 30.61 12.27
N TRP A 177 -26.41 30.43 12.74
CA TRP A 177 -27.50 30.02 11.88
C TRP A 177 -27.85 31.06 10.81
N ASP A 178 -27.65 32.33 11.15
CA ASP A 178 -28.06 33.42 10.27
C ASP A 178 -26.84 34.10 9.63
N PHE A 179 -25.66 33.51 9.82
CA PHE A 179 -24.44 33.98 9.20
C PHE A 179 -23.94 35.32 9.72
N LYS A 180 -24.43 35.75 10.88
CA LYS A 180 -23.94 36.99 11.46
C LYS A 180 -23.15 36.74 12.74
N GLY A 181 -22.74 35.49 12.96
CA GLY A 181 -21.89 35.14 14.08
C GLY A 181 -22.54 34.17 15.05
N CYS A 182 -21.81 33.14 15.44
CA CYS A 182 -22.38 32.14 16.32
C CYS A 182 -22.45 32.66 17.78
N ASP A 183 -23.07 31.88 18.66
CA ASP A 183 -23.19 32.26 20.07
C ASP A 183 -21.87 32.39 20.80
N LEU A 184 -20.95 31.46 20.57
CA LEU A 184 -19.70 31.46 21.32
C LEU A 184 -18.55 30.96 20.48
N ALA A 185 -17.63 31.85 20.12
CA ALA A 185 -16.47 31.47 19.32
C ALA A 185 -15.21 31.56 20.18
N CYS A 186 -14.40 30.50 20.17
CA CYS A 186 -13.06 30.56 20.79
C CYS A 186 -12.06 30.93 19.70
N VAL A 187 -11.62 32.19 19.69
CA VAL A 187 -10.80 32.69 18.59
C VAL A 187 -9.34 32.58 18.96
N VAL A 188 -8.63 31.77 18.19
CA VAL A 188 -7.22 31.61 18.38
C VAL A 188 -6.51 32.67 17.57
N CYS A 189 -5.69 33.47 18.24
CA CYS A 189 -5.05 34.58 17.58
C CYS A 189 -3.68 34.88 18.20
N ARG A 190 -2.96 35.81 17.59
CA ARG A 190 -1.70 36.24 18.18
C ARG A 190 -1.75 37.68 18.72
N ASP A 191 -1.19 37.85 19.92
CA ASP A 191 -1.12 39.15 20.57
C ASP A 191 -0.16 40.02 19.77
N ALA A 192 -0.63 41.17 19.31
CA ALA A 192 0.21 42.10 18.58
C ALA A 192 0.36 43.43 19.35
N THR A 193 0.00 43.42 20.62
CA THR A 193 0.12 44.63 21.45
C THR A 193 1.56 45.09 21.48
N THR A 194 2.47 44.15 21.66
CA THR A 194 3.89 44.38 21.53
C THR A 194 4.42 43.42 20.48
N PRO A 195 5.44 43.83 19.73
CA PRO A 195 5.96 42.99 18.65
C PRO A 195 6.69 41.77 19.20
N LEU A 196 6.77 40.74 18.38
CA LEU A 196 7.61 39.58 18.67
C LEU A 196 9.07 40.04 18.73
N GLU A 197 9.80 39.60 19.75
CA GLU A 197 11.20 39.96 19.85
C GLU A 197 12.06 39.12 18.91
N GLU A 198 13.26 39.60 18.61
CA GLU A 198 14.20 38.89 17.76
C GLU A 198 14.49 37.47 18.28
N GLY A 199 14.18 36.46 17.47
CA GLY A 199 14.41 35.07 17.86
C GLY A 199 13.49 34.53 18.96
N GLN A 200 12.41 35.25 19.26
CA GLN A 200 11.44 34.78 20.26
C GLN A 200 10.54 33.70 19.66
N ASP A 201 10.17 32.72 20.49
CA ASP A 201 9.23 31.67 20.09
C ASP A 201 7.84 32.27 19.85
N PRO A 202 7.31 32.15 18.61
CA PRO A 202 5.98 32.68 18.29
C PRO A 202 4.88 32.15 19.23
N GLU A 203 5.10 30.98 19.79
CA GLU A 203 4.16 30.38 20.73
C GLU A 203 3.85 31.32 21.90
N ASN A 204 4.82 32.15 22.27
CA ASN A 204 4.67 33.10 23.39
C ASN A 204 3.58 34.16 23.19
N LYS A 205 3.16 34.40 21.95
CA LYS A 205 2.17 35.44 21.64
C LYS A 205 0.75 34.88 21.44
N VAL A 206 0.61 33.57 21.45
CA VAL A 206 -0.69 32.97 21.10
C VAL A 206 -1.69 33.00 22.24
N MET A 207 -2.89 33.45 21.92
CA MET A 207 -3.98 33.60 22.87
C MET A 207 -5.24 32.88 22.38
N ILE A 208 -6.18 32.65 23.28
CA ILE A 208 -7.55 32.36 22.87
C ILE A 208 -8.47 33.39 23.51
N ILE A 209 -9.29 34.04 22.69
CA ILE A 209 -10.22 35.05 23.19
C ILE A 209 -11.62 34.69 22.76
N LEU A 210 -12.55 34.72 23.71
CA LEU A 210 -13.95 34.46 23.42
C LEU A 210 -14.56 35.62 22.64
N VAL A 211 -15.45 35.29 21.71
CA VAL A 211 -16.26 36.27 21.00
C VAL A 211 -17.69 35.74 20.92
N THR A 212 -18.63 36.46 21.52
CA THR A 212 -20.02 36.03 21.54
C THR A 212 -20.80 36.80 20.48
N ARG A 213 -21.97 36.29 20.12
CA ARG A 213 -22.84 37.04 19.22
C ARG A 213 -23.20 38.40 19.82
N ALA A 214 -23.39 38.45 21.14
CA ALA A 214 -23.64 39.72 21.82
C ALA A 214 -22.49 40.73 21.63
N ASP A 215 -21.24 40.25 21.70
CA ASP A 215 -20.08 41.10 21.39
C ASP A 215 -20.17 41.65 19.96
N LEU A 216 -20.45 40.76 19.01
CA LEU A 216 -20.53 41.16 17.61
C LEU A 216 -21.60 42.21 17.37
N ASP A 217 -22.76 42.03 17.99
CA ASP A 217 -23.87 42.97 17.82
C ASP A 217 -23.51 44.31 18.44
N ARG A 218 -22.84 44.26 19.58
CA ARG A 218 -22.45 45.47 20.28
C ARG A 218 -21.45 46.28 19.43
N ASN A 219 -20.53 45.57 18.78
CA ASN A 219 -19.56 46.21 17.91
C ASN A 219 -20.13 46.78 16.61
N GLY A 220 -21.34 46.36 16.23
CA GLY A 220 -22.05 46.94 15.11
C GLY A 220 -21.72 46.45 13.71
N GLU A 221 -22.37 47.04 12.71
CA GLU A 221 -22.22 46.60 11.32
C GLU A 221 -20.76 46.53 10.87
N GLY A 222 -20.44 45.51 10.10
CA GLY A 222 -19.09 45.37 9.56
C GLY A 222 -18.12 44.65 10.48
N SER A 223 -18.50 44.41 11.73
CA SER A 223 -17.59 43.74 12.67
C SER A 223 -17.41 42.24 12.35
N PHE A 224 -18.45 41.61 11.80
CA PHE A 224 -18.34 40.22 11.35
C PHE A 224 -18.93 40.12 9.95
N GLU A 225 -18.23 39.43 9.05
CA GLU A 225 -18.75 39.26 7.70
C GLU A 225 -18.38 37.90 7.13
N VAL A 226 -19.34 37.23 6.52
CA VAL A 226 -19.05 36.05 5.72
C VAL A 226 -18.57 36.50 4.34
N LEU A 227 -17.34 36.14 3.99
CA LEU A 227 -16.77 36.53 2.71
C LEU A 227 -17.15 35.53 1.61
N ARG A 228 -17.09 34.24 1.93
CA ARG A 228 -17.44 33.21 0.95
C ARG A 228 -17.88 31.94 1.64
N HIS A 229 -19.03 31.43 1.21
CA HIS A 229 -19.47 30.10 1.63
C HIS A 229 -18.68 29.09 0.81
N VAL A 230 -18.13 28.08 1.47
CA VAL A 230 -17.28 27.08 0.82
C VAL A 230 -18.09 25.82 0.53
N ALA A 231 -18.18 25.47 -0.75
CA ALA A 231 -18.87 24.26 -1.18
C ALA A 231 -17.89 23.08 -1.08
N THR A 232 -18.37 21.97 -0.53
CA THR A 232 -17.51 20.82 -0.20
C THR A 232 -18.17 19.55 -0.77
N PRO A 233 -17.38 18.51 -1.12
CA PRO A 233 -17.98 17.33 -1.74
C PRO A 233 -18.77 16.42 -0.80
N GLY A 234 -18.51 16.51 0.51
CA GLY A 234 -19.34 15.90 1.53
C GLY A 234 -19.52 16.89 2.68
N HIS A 235 -20.17 16.47 3.76
CA HIS A 235 -20.50 17.38 4.87
C HIS A 235 -21.18 18.65 4.33
N THR A 236 -22.17 18.46 3.48
CA THR A 236 -22.79 19.56 2.74
C THR A 236 -23.72 20.43 3.58
N SER A 237 -24.05 19.97 4.80
CA SER A 237 -24.86 20.75 5.73
C SER A 237 -23.97 21.39 6.79
N VAL A 238 -22.67 21.29 6.60
CA VAL A 238 -21.72 21.87 7.55
C VAL A 238 -21.26 23.23 7.06
N SER A 239 -21.25 24.23 7.94
CA SER A 239 -20.88 25.58 7.55
C SER A 239 -19.58 26.04 8.24
N GLY A 240 -18.50 26.19 7.48
CA GLY A 240 -17.27 26.75 8.01
C GLY A 240 -16.70 27.74 7.02
N PRO A 241 -17.36 28.90 6.87
CA PRO A 241 -17.04 29.82 5.77
C PRO A 241 -15.76 30.61 5.95
N HIS A 242 -15.33 31.25 4.87
CA HIS A 242 -14.25 32.23 4.94
C HIS A 242 -14.91 33.50 5.48
N VAL A 243 -14.44 33.97 6.64
CA VAL A 243 -15.09 35.08 7.35
C VAL A 243 -14.07 36.13 7.74
N ARG A 244 -14.54 37.31 8.14
CA ARG A 244 -13.66 38.38 8.60
C ARG A 244 -14.17 39.04 9.88
N TYR A 245 -13.30 39.11 10.88
CA TYR A 245 -13.53 39.88 12.09
C TYR A 245 -12.85 41.24 11.91
N THR A 246 -13.60 42.33 12.02
CA THR A 246 -13.00 43.67 11.88
C THR A 246 -13.22 44.52 13.12
N ASN A 247 -12.11 44.98 13.71
CA ASN A 247 -12.13 45.76 14.94
C ASN A 247 -13.17 45.30 15.96
N VAL A 248 -13.13 44.01 16.28
CA VAL A 248 -14.03 43.44 17.26
C VAL A 248 -13.46 43.67 18.65
N ARG A 249 -14.10 44.52 19.43
CA ARG A 249 -13.59 44.86 20.75
C ARG A 249 -14.32 44.10 21.85
N VAL A 250 -13.55 43.48 22.75
CA VAL A 250 -14.15 42.75 23.85
C VAL A 250 -13.46 43.09 25.17
N PRO A 251 -14.20 42.99 26.27
CA PRO A 251 -13.63 43.27 27.59
C PRO A 251 -12.65 42.19 27.99
N THR A 252 -11.88 42.45 29.04
CA THR A 252 -10.80 41.54 29.40
C THR A 252 -11.30 40.22 29.96
N LYS A 253 -12.53 40.19 30.48
CA LYS A 253 -13.09 38.92 30.91
C LYS A 253 -13.18 37.91 29.76
N ASN A 254 -13.22 38.41 28.52
CA ASN A 254 -13.34 37.53 27.34
C ASN A 254 -12.08 36.73 27.05
N VAL A 255 -10.95 37.14 27.62
CA VAL A 255 -9.71 36.41 27.40
C VAL A 255 -9.75 35.07 28.13
N LEU A 256 -9.62 33.97 27.37
CA LEU A 256 -9.63 32.64 27.94
C LEU A 256 -8.21 32.16 28.22
N CYS A 257 -7.34 32.29 27.24
CA CYS A 257 -5.93 32.01 27.42
C CYS A 257 -5.11 33.24 27.07
N PRO A 258 -4.41 33.79 28.07
CA PRO A 258 -3.54 34.95 27.87
C PRO A 258 -2.39 34.57 26.95
N ALA A 259 -1.74 35.58 26.38
CA ALA A 259 -0.66 35.33 25.43
C ALA A 259 0.36 34.35 25.99
N GLY A 260 0.68 33.33 25.20
CA GLY A 260 1.64 32.34 25.62
C GLY A 260 1.03 31.10 26.22
N GLN A 261 -0.27 31.12 26.47
CA GLN A 261 -0.95 29.94 26.98
C GLN A 261 -1.92 29.35 25.95
N GLY A 262 -2.24 30.11 24.91
CA GLY A 262 -3.27 29.71 23.95
C GLY A 262 -2.95 28.46 23.14
N ALA A 263 -1.72 28.35 22.64
CA ALA A 263 -1.37 27.23 21.77
C ALA A 263 -1.53 25.87 22.48
N LYS A 264 -1.09 25.78 23.73
CA LYS A 264 -1.17 24.53 24.50
C LYS A 264 -2.63 24.09 24.72
N VAL A 265 -3.51 25.06 24.94
CA VAL A 265 -4.92 24.73 25.13
C VAL A 265 -5.55 24.32 23.78
N ALA A 266 -5.22 25.02 22.71
CA ALA A 266 -5.78 24.66 21.39
C ALA A 266 -5.38 23.23 21.00
N PHE A 267 -4.10 22.93 21.16
CA PHE A 267 -3.60 21.62 20.81
C PHE A 267 -4.13 20.58 21.79
N GLY A 268 -4.43 20.99 23.01
CA GLY A 268 -5.06 20.10 23.97
C GLY A 268 -6.44 19.73 23.45
N ALA A 269 -7.18 20.72 22.97
CA ALA A 269 -8.48 20.46 22.38
C ALA A 269 -8.32 19.50 21.21
N PHE A 270 -7.31 19.71 20.37
CA PHE A 270 -7.11 18.86 19.20
C PHE A 270 -6.61 17.46 19.55
N ASP A 271 -6.05 17.27 20.74
CA ASP A 271 -5.69 15.91 21.18
C ASP A 271 -6.94 15.06 21.49
N GLY A 272 -7.93 15.66 22.16
CA GLY A 272 -9.19 15.01 22.40
C GLY A 272 -9.95 14.75 21.10
N SER A 273 -9.95 15.75 20.23
CA SER A 273 -10.70 15.64 18.98
C SER A 273 -10.09 14.55 18.08
N ALA A 274 -8.78 14.37 18.18
CA ALA A 274 -8.07 13.33 17.41
C ALA A 274 -8.64 11.94 17.70
N VAL A 275 -8.95 11.67 18.96
CA VAL A 275 -9.55 10.39 19.35
C VAL A 275 -10.91 10.24 18.65
N LEU A 276 -11.68 11.32 18.64
CA LEU A 276 -13.04 11.28 18.10
C LEU A 276 -13.02 11.19 16.58
N VAL A 277 -11.99 11.73 15.95
CA VAL A 277 -11.77 11.52 14.52
C VAL A 277 -11.51 10.04 14.21
N GLY A 278 -10.80 9.37 15.13
CA GLY A 278 -10.64 7.93 15.03
C GLY A 278 -12.01 7.29 14.95
N ALA A 279 -12.88 7.69 15.86
CA ALA A 279 -14.20 7.12 15.91
C ALA A 279 -15.05 7.46 14.67
N MET A 280 -14.85 8.65 14.10
CA MET A 280 -15.54 8.98 12.84
C MET A 280 -15.10 8.04 11.73
N GLY A 281 -13.80 7.78 11.70
CA GLY A 281 -13.24 6.81 10.77
C GLY A 281 -13.88 5.43 10.91
N VAL A 282 -13.97 4.95 12.14
CA VAL A 282 -14.59 3.65 12.40
C VAL A 282 -16.04 3.62 11.91
N GLY A 283 -16.76 4.71 12.16
CA GLY A 283 -18.15 4.78 11.76
C GLY A 283 -18.34 4.70 10.25
N LEU A 284 -17.52 5.43 9.50
CA LEU A 284 -17.62 5.35 8.04
C LEU A 284 -17.24 3.96 7.54
N MET A 285 -16.22 3.35 8.16
CA MET A 285 -15.77 2.03 7.74
C MET A 285 -16.87 1.00 7.98
N ARG A 286 -17.47 1.06 9.16
CA ARG A 286 -18.63 0.23 9.48
C ARG A 286 -19.74 0.45 8.44
N ALA A 287 -20.07 1.71 8.14
CA ALA A 287 -21.12 1.97 7.16
C ALA A 287 -20.77 1.40 5.78
N ALA A 288 -19.52 1.56 5.36
CA ALA A 288 -19.11 1.08 4.05
C ALA A 288 -19.16 -0.45 4.01
N PHE A 289 -18.65 -1.08 5.06
CA PHE A 289 -18.70 -2.54 5.16
C PHE A 289 -20.15 -3.03 5.12
N ASP A 290 -21.00 -2.43 5.95
CA ASP A 290 -22.42 -2.83 6.01
C ASP A 290 -23.13 -2.69 4.68
N ALA A 291 -22.90 -1.57 3.99
CA ALA A 291 -23.57 -1.34 2.71
C ALA A 291 -23.11 -2.32 1.62
N ALA A 292 -21.82 -2.64 1.61
CA ALA A 292 -21.28 -3.62 0.65
C ALA A 292 -21.77 -5.05 0.95
N LEU A 293 -21.80 -5.40 2.23
CA LEU A 293 -22.30 -6.72 2.65
C LEU A 293 -23.77 -6.85 2.29
N LYS A 294 -24.53 -5.79 2.50
CA LYS A 294 -25.94 -5.78 2.14
C LYS A 294 -26.13 -6.00 0.64
N PHE A 295 -25.36 -5.26 -0.16
CA PHE A 295 -25.38 -5.40 -1.61
C PHE A 295 -25.02 -6.84 -2.00
N ALA A 296 -23.98 -7.39 -1.39
CA ALA A 296 -23.55 -8.76 -1.71
C ALA A 296 -24.60 -9.81 -1.35
N LYS A 297 -25.23 -9.64 -0.20
CA LYS A 297 -26.17 -10.66 0.26
C LYS A 297 -27.50 -10.64 -0.53
N GLU A 298 -27.74 -9.55 -1.25
CA GLU A 298 -28.98 -9.47 -2.03
C GLU A 298 -28.76 -9.40 -3.55
N ASP A 299 -27.49 -9.37 -3.98
CA ASP A 299 -27.18 -9.21 -5.41
C ASP A 299 -25.96 -10.04 -5.84
N ASN A 300 -26.21 -11.16 -6.53
CA ASN A 300 -25.10 -12.00 -7.00
C ASN A 300 -24.51 -11.57 -8.35
N ARG A 301 -24.94 -10.41 -8.83
CA ARG A 301 -24.40 -9.82 -10.05
C ARG A 301 -24.60 -10.76 -11.25
N GLY A 302 -25.71 -11.50 -11.23
CA GLY A 302 -26.06 -12.41 -12.31
C GLY A 302 -25.25 -13.71 -12.33
N GLY A 303 -24.72 -14.09 -11.17
CA GLY A 303 -23.80 -15.21 -11.10
C GLY A 303 -24.46 -16.56 -10.90
N ALA A 304 -23.64 -17.61 -11.00
CA ALA A 304 -24.08 -18.97 -10.69
C ALA A 304 -24.01 -19.21 -9.18
N VAL A 305 -23.27 -18.35 -8.48
CA VAL A 305 -23.13 -18.44 -7.03
C VAL A 305 -23.38 -17.07 -6.40
N PRO A 306 -23.59 -17.03 -5.07
CA PRO A 306 -23.72 -15.75 -4.36
C PRO A 306 -22.48 -14.88 -4.57
N LEU A 307 -22.65 -13.56 -4.51
CA LEU A 307 -21.52 -12.66 -4.71
C LEU A 307 -20.42 -12.93 -3.69
N LEU A 308 -20.78 -13.30 -2.46
CA LEU A 308 -19.77 -13.59 -1.44
C LEU A 308 -18.94 -14.85 -1.75
N GLU A 309 -19.37 -15.64 -2.73
CA GLU A 309 -18.57 -16.81 -3.07
C GLU A 309 -17.40 -16.54 -4.00
N ARG A 310 -17.34 -15.33 -4.54
CA ARG A 310 -16.18 -14.90 -5.30
C ARG A 310 -15.04 -14.54 -4.36
N GLN A 311 -13.96 -15.31 -4.39
CA GLN A 311 -12.80 -15.00 -3.56
C GLN A 311 -12.41 -13.53 -3.64
N ALA A 312 -12.55 -12.95 -4.83
CA ALA A 312 -12.10 -11.57 -5.08
C ALA A 312 -12.92 -10.59 -4.24
N PHE A 313 -14.24 -10.70 -4.34
CA PHE A 313 -15.15 -9.85 -3.60
C PHE A 313 -14.97 -10.05 -2.09
N ALA A 314 -14.96 -11.32 -1.68
CA ALA A 314 -14.83 -11.65 -0.28
C ALA A 314 -13.56 -11.10 0.33
N ASP A 315 -12.45 -11.21 -0.39
CA ASP A 315 -11.19 -10.75 0.17
C ASP A 315 -11.15 -9.24 0.38
N LEU A 316 -11.79 -8.50 -0.53
CA LEU A 316 -11.93 -7.06 -0.37
C LEU A 316 -12.77 -6.75 0.89
N LEU A 317 -13.89 -7.42 1.07
CA LEU A 317 -14.72 -7.14 2.24
C LEU A 317 -14.07 -7.53 3.57
N SER A 318 -13.44 -8.71 3.62
CA SER A 318 -12.82 -9.12 4.87
C SER A 318 -11.64 -8.20 5.19
N GLY A 319 -10.95 -7.71 4.15
CA GLY A 319 -9.91 -6.73 4.35
C GLY A 319 -10.43 -5.47 5.03
N VAL A 320 -11.56 -4.96 4.54
CA VAL A 320 -12.20 -3.83 5.20
C VAL A 320 -12.60 -4.16 6.64
N LYS A 321 -13.19 -5.34 6.86
CA LYS A 321 -13.58 -5.74 8.22
C LYS A 321 -12.37 -5.76 9.17
N ILE A 322 -11.27 -6.32 8.71
CA ILE A 322 -10.08 -6.39 9.55
C ILE A 322 -9.59 -5.00 9.94
N GLN A 323 -9.48 -4.11 8.96
CA GLN A 323 -9.01 -2.76 9.22
C GLN A 323 -9.92 -2.02 10.19
N THR A 324 -11.23 -2.26 10.07
CA THR A 324 -12.22 -1.62 10.93
C THR A 324 -12.06 -2.08 12.39
N GLU A 325 -11.82 -3.37 12.58
CA GLU A 325 -11.63 -3.89 13.93
C GLU A 325 -10.34 -3.32 14.55
N ALA A 326 -9.26 -3.27 13.78
CA ALA A 326 -8.05 -2.60 14.26
C ALA A 326 -8.29 -1.14 14.61
N ALA A 327 -9.00 -0.43 13.73
CA ALA A 327 -9.30 0.98 13.94
C ALA A 327 -10.06 1.25 15.25
N ARG A 328 -11.11 0.47 15.49
CA ARG A 328 -11.91 0.65 16.72
C ARG A 328 -11.08 0.33 17.97
N ALA A 329 -10.33 -0.77 17.91
CA ALA A 329 -9.47 -1.20 19.01
C ALA A 329 -8.47 -0.09 19.37
N LEU A 330 -7.82 0.47 18.34
CA LEU A 330 -6.87 1.56 18.53
C LEU A 330 -7.56 2.82 19.07
N THR A 331 -8.71 3.17 18.49
CA THR A 331 -9.44 4.34 18.96
C THR A 331 -9.81 4.20 20.46
N TRP A 332 -10.28 3.02 20.86
CA TRP A 332 -10.68 2.82 22.26
C TRP A 332 -9.47 2.83 23.21
N LYS A 333 -8.36 2.26 22.75
CA LYS A 333 -7.13 2.32 23.55
C LYS A 333 -6.72 3.78 23.79
N ALA A 334 -6.72 4.59 22.73
CA ALA A 334 -6.38 5.99 22.85
C ALA A 334 -7.38 6.72 23.74
N ALA A 335 -8.67 6.42 23.59
CA ALA A 335 -9.69 7.04 24.44
C ALA A 335 -9.39 6.73 25.92
N HIS A 336 -9.07 5.47 26.20
CA HIS A 336 -8.83 5.05 27.58
C HIS A 336 -7.55 5.66 28.13
N ALA A 337 -6.47 5.60 27.36
CA ALA A 337 -5.19 6.12 27.82
C ALA A 337 -5.20 7.65 28.06
N MET A 338 -5.90 8.37 27.19
CA MET A 338 -5.96 9.82 27.34
C MET A 338 -6.48 10.20 28.73
N GLU A 339 -7.39 9.41 29.26
CA GLU A 339 -8.01 9.73 30.55
C GLU A 339 -7.44 8.92 31.74
N ASN A 340 -6.77 7.80 31.46
CA ASN A 340 -6.36 6.88 32.52
C ASN A 340 -4.90 6.45 32.51
N GLY A 341 -4.15 6.87 31.49
CA GLY A 341 -2.79 6.39 31.35
C GLY A 341 -2.78 4.91 31.03
N PRO A 342 -1.64 4.23 31.30
CA PRO A 342 -0.47 4.81 31.97
C PRO A 342 0.30 5.76 31.07
N GLY A 343 1.40 6.30 31.61
CA GLY A 343 2.25 7.19 30.85
C GLY A 343 2.01 8.67 31.09
N ASP A 344 3.02 9.45 30.70
CA ASP A 344 3.00 10.91 30.56
C ASP A 344 1.83 11.42 29.74
N TYR A 345 1.54 12.71 29.84
CA TYR A 345 0.61 13.31 28.88
C TYR A 345 1.17 13.16 27.46
N ASP A 346 2.48 13.34 27.31
CA ASP A 346 3.16 13.12 26.03
C ASP A 346 2.94 11.71 25.49
N ALA A 347 3.01 10.71 26.37
CA ALA A 347 2.77 9.33 25.95
C ALA A 347 1.31 9.10 25.57
N ARG A 348 0.39 9.66 26.34
CA ARG A 348 -1.04 9.47 26.09
C ARG A 348 -1.40 10.12 24.76
N ARG A 349 -0.87 11.31 24.59
CA ARG A 349 -1.06 12.15 23.43
C ARG A 349 -0.67 11.42 22.15
N GLU A 350 0.44 10.69 22.20
CA GLU A 350 0.88 9.94 21.03
C GLU A 350 -0.17 8.96 20.50
N LEU A 351 -0.91 8.33 21.43
CA LEU A 351 -1.95 7.39 21.02
C LEU A 351 -3.15 8.08 20.39
N ALA A 352 -3.52 9.25 20.90
CA ALA A 352 -4.61 10.02 20.30
C ALA A 352 -4.25 10.37 18.85
N LEU A 353 -3.07 10.94 18.65
CA LEU A 353 -2.56 11.23 17.31
C LEU A 353 -2.55 9.99 16.41
N ALA A 354 -2.10 8.86 16.97
CA ALA A 354 -2.08 7.62 16.21
C ALA A 354 -3.47 7.19 15.74
N ALA A 355 -4.46 7.28 16.61
CA ALA A 355 -5.81 6.86 16.25
C ALA A 355 -6.31 7.75 15.11
N LYS A 356 -6.08 9.05 15.25
CA LYS A 356 -6.51 10.01 14.22
C LYS A 356 -5.87 9.64 12.87
N VAL A 357 -4.56 9.46 12.86
CA VAL A 357 -3.87 9.18 11.61
C VAL A 357 -4.25 7.81 11.03
N PHE A 358 -4.29 6.78 11.87
CA PHE A 358 -4.57 5.43 11.37
C PHE A 358 -5.99 5.32 10.80
N CYS A 359 -6.97 5.77 11.57
CA CYS A 359 -8.37 5.57 11.26
C CYS A 359 -8.82 6.47 10.10
N SER A 360 -8.31 7.70 10.04
CA SER A 360 -8.71 8.60 8.96
C SER A 360 -8.27 8.00 7.63
N GLU A 361 -7.07 7.48 7.57
CA GLU A 361 -6.54 6.96 6.32
C GLU A 361 -7.13 5.60 5.99
N ALA A 362 -7.37 4.80 7.02
CA ALA A 362 -8.05 3.53 6.84
C ALA A 362 -9.49 3.68 6.33
N ALA A 363 -10.18 4.75 6.74
CA ALA A 363 -11.52 5.03 6.20
C ALA A 363 -11.51 5.31 4.68
N VAL A 364 -10.57 6.14 4.24
CA VAL A 364 -10.45 6.43 2.79
C VAL A 364 -10.16 5.14 2.01
N LYS A 365 -9.19 4.35 2.47
CA LYS A 365 -8.86 3.06 1.86
C LYS A 365 -10.05 2.06 1.85
N ALA A 366 -10.82 2.02 2.94
CA ALA A 366 -12.00 1.17 3.01
C ALA A 366 -13.03 1.59 1.98
N CYS A 367 -13.25 2.89 1.83
CA CYS A 367 -14.25 3.37 0.88
C CYS A 367 -13.83 3.05 -0.56
N THR A 368 -12.54 3.20 -0.88
CA THR A 368 -12.08 2.89 -2.24
C THR A 368 -12.14 1.39 -2.49
N ASP A 369 -11.78 0.59 -1.49
CA ASP A 369 -11.87 -0.87 -1.60
C ASP A 369 -13.29 -1.32 -1.84
N VAL A 370 -14.23 -0.74 -1.09
CA VAL A 370 -15.62 -1.14 -1.22
C VAL A 370 -16.21 -0.75 -2.59
N ILE A 371 -15.79 0.41 -3.12
CA ILE A 371 -16.19 0.80 -4.46
C ILE A 371 -15.71 -0.24 -5.50
N ASN A 372 -14.48 -0.70 -5.38
CA ASN A 372 -13.98 -1.72 -6.29
C ASN A 372 -14.72 -3.06 -6.18
N ALA A 373 -15.12 -3.41 -4.95
CA ALA A 373 -15.80 -4.68 -4.72
C ALA A 373 -17.22 -4.65 -5.27
N VAL A 374 -17.91 -3.54 -5.03
CA VAL A 374 -19.28 -3.36 -5.51
C VAL A 374 -19.33 -3.19 -7.04
N GLY A 375 -18.31 -2.57 -7.61
CA GLY A 375 -18.20 -2.45 -9.05
C GLY A 375 -18.87 -1.19 -9.57
N ILE A 376 -19.32 -1.23 -10.81
CA ILE A 376 -19.81 -0.04 -11.48
C ILE A 376 -21.00 0.57 -10.75
N SER A 377 -21.82 -0.26 -10.11
CA SER A 377 -22.95 0.20 -9.33
C SER A 377 -22.55 1.26 -8.29
N ALA A 378 -21.30 1.24 -7.85
CA ALA A 378 -20.88 2.17 -6.82
C ALA A 378 -20.78 3.60 -7.36
N TYR A 379 -20.89 3.76 -8.69
CA TYR A 379 -20.78 5.09 -9.28
C TYR A 379 -22.16 5.74 -9.39
N ASP A 380 -23.19 5.02 -8.95
CA ASP A 380 -24.57 5.50 -9.01
C ASP A 380 -24.86 6.26 -7.71
N LEU A 381 -25.23 7.54 -7.83
CA LEU A 381 -25.51 8.37 -6.65
C LEU A 381 -26.78 7.95 -5.90
N GLN A 382 -27.55 7.03 -6.46
CA GLN A 382 -28.63 6.41 -5.68
C GLN A 382 -28.09 5.53 -4.54
N ARG A 383 -26.86 5.05 -4.69
CA ARG A 383 -26.26 4.19 -3.69
C ARG A 383 -25.31 5.03 -2.81
N PRO A 384 -24.97 4.55 -1.61
CA PRO A 384 -24.26 5.39 -0.63
C PRO A 384 -22.74 5.48 -0.80
N PHE A 385 -22.13 4.71 -1.70
CA PHE A 385 -20.69 4.54 -1.72
C PHE A 385 -19.91 5.80 -2.09
N SER A 386 -20.43 6.59 -3.03
CA SER A 386 -19.75 7.82 -3.41
C SER A 386 -19.73 8.81 -2.25
N ASP A 387 -20.88 8.99 -1.60
CA ASP A 387 -20.96 9.91 -0.47
C ASP A 387 -20.05 9.46 0.66
N LEU A 388 -19.96 8.14 0.88
CA LEU A 388 -19.04 7.63 1.92
C LEU A 388 -17.60 8.04 1.64
N LEU A 389 -17.12 7.79 0.42
CA LEU A 389 -15.78 8.23 0.01
C LEU A 389 -15.58 9.74 0.20
N ASN A 390 -16.52 10.54 -0.31
CA ASN A 390 -16.38 11.97 -0.22
C ASN A 390 -16.52 12.53 1.20
N THR A 391 -17.04 11.72 2.10
CA THR A 391 -17.02 12.06 3.52
C THR A 391 -15.65 11.67 4.08
N ALA A 392 -15.23 10.46 3.75
CA ALA A 392 -14.00 9.91 4.33
C ALA A 392 -12.75 10.73 4.00
N VAL A 393 -12.69 11.29 2.79
CA VAL A 393 -11.45 11.99 2.41
C VAL A 393 -11.16 13.24 3.24
N VAL A 394 -12.17 13.79 3.92
CA VAL A 394 -11.91 14.90 4.82
C VAL A 394 -11.15 14.50 6.10
N LEU A 395 -11.25 13.23 6.49
CA LEU A 395 -10.73 12.84 7.81
C LEU A 395 -9.21 13.04 7.96
N PRO A 396 -8.43 12.62 6.96
CA PRO A 396 -6.98 12.83 7.08
C PRO A 396 -6.60 14.30 7.04
N ILE A 397 -7.38 15.12 6.35
CA ILE A 397 -6.99 16.50 6.07
C ILE A 397 -7.56 17.53 7.04
N PHE A 398 -8.65 17.19 7.73
CA PHE A 398 -9.25 18.15 8.64
C PHE A 398 -8.82 17.87 10.07
N ASP A 399 -9.29 18.68 11.00
CA ASP A 399 -8.93 18.57 12.41
C ASP A 399 -7.41 18.47 12.58
N GLY A 400 -6.66 19.30 11.85
CA GLY A 400 -5.23 19.20 11.80
C GLY A 400 -4.81 18.07 10.86
N GLY A 401 -4.40 18.45 9.66
CA GLY A 401 -4.09 17.49 8.60
C GLY A 401 -2.96 16.53 9.00
N ASN A 402 -3.00 15.31 8.49
CA ASN A 402 -1.99 14.32 8.86
C ASN A 402 -0.56 14.71 8.44
N VAL A 403 -0.42 15.32 7.27
CA VAL A 403 0.91 15.53 6.70
C VAL A 403 1.61 16.75 7.30
N GLY A 404 0.85 17.82 7.49
CA GLY A 404 1.39 19.09 7.93
C GLY A 404 1.37 19.28 9.44
N ILE A 405 0.49 18.54 10.12
CA ILE A 405 0.28 18.78 11.55
C ILE A 405 0.44 17.54 12.41
N ARG A 406 -0.49 16.60 12.28
CA ARG A 406 -0.46 15.40 13.12
C ARG A 406 0.90 14.65 13.08
N ARG A 407 1.44 14.39 11.89
CA ARG A 407 2.75 13.71 11.85
C ARG A 407 3.92 14.57 12.40
N ARG A 408 3.81 15.90 12.27
CA ARG A 408 4.83 16.80 12.85
C ARG A 408 4.78 16.74 14.37
N HIS A 409 3.58 16.59 14.94
CA HIS A 409 3.50 16.40 16.38
C HIS A 409 4.11 15.07 16.81
N LEU A 410 3.80 13.98 16.10
CA LEU A 410 4.42 12.69 16.39
C LEU A 410 5.96 12.80 16.32
N GLN A 411 6.45 13.50 15.31
CA GLN A 411 7.89 13.73 15.17
C GLN A 411 8.50 14.47 16.38
N GLN A 412 7.86 15.55 16.83
CA GLN A 412 8.34 16.28 18.01
C GLN A 412 8.31 15.44 19.30
N LEU A 413 7.30 14.59 19.45
CA LEU A 413 7.23 13.69 20.59
C LEU A 413 8.42 12.74 20.63
N MET A 414 8.68 12.05 19.52
CA MET A 414 9.79 11.10 19.43
C MET A 414 11.15 11.78 19.68
N LEU A 415 11.25 13.06 19.34
CA LEU A 415 12.47 13.83 19.51
C LEU A 415 12.83 14.15 20.96
N LYS A 416 11.83 14.18 21.84
CA LYS A 416 12.10 14.51 23.23
C LYS A 416 12.95 13.42 23.88
N PRO A 417 13.93 13.86 24.70
CA PRO A 417 14.76 12.94 25.49
C PRO A 417 13.90 12.06 26.40
N THR A 418 12.74 12.58 26.80
CA THR A 418 11.86 11.87 27.72
C THR A 418 10.96 10.83 27.03
N TYR A 419 10.95 10.83 25.70
CA TYR A 419 10.17 9.83 24.95
C TYR A 419 10.39 8.42 25.51
N ASP A 420 9.30 7.73 25.79
CA ASP A 420 9.36 6.40 26.37
C ASP A 420 8.36 5.55 25.62
N ALA A 421 8.85 4.89 24.57
CA ALA A 421 8.00 4.29 23.54
C ALA A 421 6.71 3.60 24.02
N TRP A 422 6.84 2.65 24.94
CA TRP A 422 5.71 1.78 25.27
C TRP A 422 5.11 2.07 26.66
N SER A 423 5.47 3.21 27.24
CA SER A 423 4.97 3.57 28.57
C SER A 423 3.43 3.68 28.62
N SER A 424 2.80 4.00 27.50
CA SER A 424 1.34 4.16 27.46
C SER A 424 0.64 2.81 27.41
N THR A 425 1.43 1.74 27.30
CA THR A 425 0.88 0.39 27.39
C THR A 425 1.41 -0.31 28.66
N TYR A 426 2.73 -0.34 28.81
CA TYR A 426 3.36 -1.13 29.88
C TYR A 426 3.94 -0.30 31.02
N GLY A 427 3.77 1.02 30.98
CA GLY A 427 4.39 1.90 31.96
C GLY A 427 3.73 1.90 33.33
N ALA B 2 13.55 -0.58 -33.11
CA ALA B 2 14.54 -0.29 -32.06
C ALA B 2 13.89 0.57 -30.99
N ILE B 3 14.32 0.39 -29.74
CA ILE B 3 13.69 1.05 -28.62
C ILE B 3 13.79 2.58 -28.67
N ASP B 4 12.64 3.24 -28.78
CA ASP B 4 12.61 4.68 -29.04
C ASP B 4 11.38 5.27 -28.39
N PHE B 5 11.57 6.32 -27.59
CA PHE B 5 10.47 6.96 -26.89
C PHE B 5 10.16 8.35 -27.46
N HIS B 6 10.81 8.72 -28.56
CA HIS B 6 10.58 10.00 -29.21
C HIS B 6 9.32 9.94 -30.05
N LEU B 7 8.47 10.96 -29.91
CA LEU B 7 7.32 11.08 -30.81
C LEU B 7 7.78 11.37 -32.25
N SER B 8 7.19 10.67 -33.21
CA SER B 8 7.37 11.06 -34.61
C SER B 8 6.72 12.42 -34.90
N ALA B 9 7.15 13.07 -35.98
CA ALA B 9 6.53 14.33 -36.39
C ALA B 9 5.01 14.22 -36.41
N SER B 10 4.52 13.07 -36.86
CA SER B 10 3.09 12.84 -36.91
C SER B 10 2.49 12.71 -35.50
N GLN B 11 3.21 12.02 -34.62
CA GLN B 11 2.74 11.82 -33.27
C GLN B 11 2.74 13.16 -32.50
N LYS B 12 3.70 14.03 -32.83
CA LYS B 12 3.76 15.35 -32.25
C LYS B 12 2.60 16.19 -32.74
N GLY B 13 2.25 16.03 -34.02
CA GLY B 13 1.09 16.69 -34.57
C GLY B 13 -0.16 16.26 -33.82
N THR B 14 -0.24 14.97 -33.51
CA THR B 14 -1.37 14.43 -32.75
C THR B 14 -1.46 15.07 -31.37
N TYR B 15 -0.33 15.15 -30.68
CA TYR B 15 -0.26 15.83 -29.40
C TYR B 15 -0.73 17.28 -29.49
N GLN B 16 -0.19 18.04 -30.44
CA GLN B 16 -0.59 19.44 -30.57
C GLN B 16 -2.07 19.59 -30.91
N ALA B 17 -2.58 18.69 -31.74
CA ALA B 17 -3.98 18.71 -32.12
C ALA B 17 -4.84 18.40 -30.91
N ALA B 18 -4.37 17.46 -30.10
CA ALA B 18 -5.07 17.10 -28.88
C ALA B 18 -5.14 18.30 -27.96
N ARG B 19 -4.02 19.02 -27.83
CA ARG B 19 -4.00 20.17 -26.92
C ARG B 19 -5.04 21.21 -27.36
N SER B 20 -5.10 21.44 -28.66
CA SER B 20 -6.01 22.43 -29.22
C SER B 20 -7.46 21.99 -29.04
N LEU B 21 -7.73 20.71 -29.27
CA LEU B 21 -9.08 20.17 -29.11
C LEU B 21 -9.56 20.35 -27.67
N ALA B 22 -8.72 20.00 -26.69
CA ALA B 22 -9.11 20.12 -25.30
C ALA B 22 -9.33 21.58 -24.91
N ARG B 23 -8.43 22.46 -25.35
CA ARG B 23 -8.49 23.87 -24.99
C ARG B 23 -9.65 24.60 -25.68
N ASN B 24 -9.89 24.30 -26.95
CA ASN B 24 -10.84 25.06 -27.75
C ASN B 24 -12.23 24.48 -27.76
N LEU B 25 -12.33 23.16 -27.64
CA LEU B 25 -13.63 22.50 -27.66
C LEU B 25 -14.10 22.04 -26.27
N LEU B 26 -13.24 21.33 -25.55
CA LEU B 26 -13.65 20.72 -24.30
C LEU B 26 -13.83 21.72 -23.14
N MET B 27 -12.96 22.71 -23.03
CA MET B 27 -13.06 23.69 -21.95
C MET B 27 -14.34 24.51 -22.04
N PRO B 28 -14.67 25.00 -23.25
CA PRO B 28 -15.97 25.65 -23.41
C PRO B 28 -17.14 24.70 -23.14
N ALA B 29 -17.02 23.42 -23.47
CA ALA B 29 -18.12 22.49 -23.19
C ALA B 29 -18.39 22.42 -21.69
N ARG B 30 -17.31 22.47 -20.91
CA ARG B 30 -17.41 22.41 -19.46
C ARG B 30 -18.12 23.64 -18.87
N GLN B 31 -17.69 24.83 -19.27
CA GLN B 31 -18.39 26.05 -18.83
C GLN B 31 -19.87 25.99 -19.21
N THR B 32 -20.15 25.39 -20.36
CA THR B 32 -21.52 25.27 -20.83
C THR B 32 -22.38 24.34 -19.96
N TYR B 33 -21.90 23.13 -19.68
CA TYR B 33 -22.76 22.22 -18.92
C TYR B 33 -22.86 22.57 -17.43
N LEU B 34 -21.87 23.30 -16.93
CA LEU B 34 -21.91 23.81 -15.56
C LEU B 34 -23.12 24.72 -15.35
N GLN B 35 -23.76 25.15 -16.44
CA GLN B 35 -24.96 25.99 -16.32
C GLN B 35 -26.20 25.19 -15.91
N HIS B 36 -26.06 23.86 -15.86
CA HIS B 36 -27.14 23.01 -15.39
C HIS B 36 -26.69 22.28 -14.14
N PRO B 37 -27.65 21.89 -13.27
CA PRO B 37 -27.32 21.17 -12.03
C PRO B 37 -26.67 19.82 -12.31
N PRO B 38 -25.82 19.36 -11.38
CA PRO B 38 -24.97 18.17 -11.58
C PRO B 38 -25.77 16.90 -11.82
N ASN B 39 -27.03 16.85 -11.37
CA ASN B 39 -27.81 15.65 -11.64
C ASN B 39 -28.77 15.79 -12.82
N SER B 40 -28.61 16.84 -13.61
CA SER B 40 -29.48 17.05 -14.75
C SER B 40 -28.95 16.42 -16.06
N PRO B 41 -29.77 15.59 -16.71
CA PRO B 41 -29.43 15.08 -18.05
C PRO B 41 -29.21 16.21 -19.05
N LEU B 42 -29.62 17.43 -18.71
CA LEU B 42 -29.33 18.56 -19.58
C LEU B 42 -27.82 18.81 -19.71
N ARG B 43 -27.02 18.37 -18.73
CA ARG B 43 -25.58 18.51 -18.90
C ARG B 43 -25.12 17.80 -20.17
N PHE B 44 -25.49 16.54 -20.30
CA PHE B 44 -25.20 15.76 -21.51
C PHE B 44 -25.72 16.45 -22.77
N GLN B 45 -26.98 16.85 -22.76
CA GLN B 45 -27.59 17.44 -23.95
C GLN B 45 -26.88 18.71 -24.40
N SER B 46 -26.41 19.48 -23.43
CA SER B 46 -25.77 20.77 -23.73
C SER B 46 -24.42 20.62 -24.42
N THR B 47 -23.85 19.41 -24.41
CA THR B 47 -22.56 19.19 -25.05
C THR B 47 -22.67 18.88 -26.54
N GLN B 48 -23.90 18.75 -27.05
CA GLN B 48 -24.08 18.37 -28.45
C GLN B 48 -23.36 19.31 -29.45
N PRO B 49 -23.38 20.63 -29.21
CA PRO B 49 -22.65 21.50 -30.17
C PRO B 49 -21.13 21.34 -30.13
N THR B 50 -20.53 21.02 -28.98
CA THR B 50 -19.11 20.69 -28.88
C THR B 50 -18.80 19.42 -29.65
N TYR B 51 -19.63 18.41 -29.42
CA TYR B 51 -19.53 17.16 -30.15
C TYR B 51 -19.58 17.42 -31.67
N ALA B 52 -20.55 18.21 -32.13
CA ALA B 52 -20.64 18.52 -33.55
C ALA B 52 -19.35 19.13 -34.06
N ALA B 53 -18.77 20.04 -33.28
CA ALA B 53 -17.51 20.68 -33.66
C ALA B 53 -16.40 19.64 -33.78
N ALA B 54 -16.41 18.66 -32.88
CA ALA B 54 -15.45 17.57 -32.94
C ALA B 54 -15.66 16.79 -34.24
N VAL B 55 -16.92 16.52 -34.56
CA VAL B 55 -17.24 15.78 -35.78
C VAL B 55 -16.67 16.52 -37.00
N SER B 56 -16.90 17.83 -37.07
CA SER B 56 -16.42 18.64 -38.19
C SER B 56 -14.91 18.57 -38.32
N ALA B 57 -14.22 18.41 -37.20
CA ALA B 57 -12.77 18.34 -37.23
C ALA B 57 -12.27 16.93 -37.56
N GLY B 58 -13.20 16.02 -37.85
CA GLY B 58 -12.84 14.70 -38.36
C GLY B 58 -12.61 13.62 -37.33
N ILE B 59 -12.98 13.89 -36.08
CA ILE B 59 -12.74 12.94 -35.00
C ILE B 59 -13.40 11.59 -35.26
N LEU B 60 -14.64 11.60 -35.72
CA LEU B 60 -15.36 10.33 -35.89
C LEU B 60 -14.81 9.52 -37.06
N LYS B 61 -14.41 10.20 -38.12
CA LYS B 61 -13.76 9.54 -39.24
C LYS B 61 -12.51 8.82 -38.76
N GLY B 62 -11.77 9.44 -37.85
CA GLY B 62 -10.58 8.82 -37.30
C GLY B 62 -10.86 7.61 -36.42
N GLN B 63 -12.13 7.37 -36.11
CA GLN B 63 -12.49 6.27 -35.23
C GLN B 63 -12.86 5.05 -36.05
N ILE B 64 -12.81 5.19 -37.37
CA ILE B 64 -13.19 4.11 -38.27
C ILE B 64 -11.95 3.69 -39.07
N SER B 65 -11.75 2.39 -39.24
CA SER B 65 -10.53 1.94 -39.90
C SER B 65 -10.56 2.24 -41.40
N PRO B 66 -9.39 2.45 -42.00
CA PRO B 66 -9.32 2.68 -43.45
C PRO B 66 -9.96 1.53 -44.23
N ALA B 67 -9.88 0.32 -43.70
CA ALA B 67 -10.52 -0.82 -44.35
C ALA B 67 -11.98 -0.51 -44.63
N HIS B 68 -12.58 0.29 -43.76
CA HIS B 68 -14.01 0.59 -43.87
C HIS B 68 -14.27 1.99 -44.38
N GLY B 69 -13.23 2.65 -44.86
CA GLY B 69 -13.38 3.96 -45.46
C GLY B 69 -13.11 5.09 -44.50
N GLY B 70 -12.70 4.75 -43.27
CA GLY B 70 -12.37 5.77 -42.30
C GLY B 70 -10.94 6.24 -42.49
N THR B 71 -10.51 7.14 -41.62
CA THR B 71 -9.14 7.61 -41.69
C THR B 71 -8.29 6.88 -40.65
N GLY B 72 -8.96 6.30 -39.64
CA GLY B 72 -8.37 5.52 -38.56
C GLY B 72 -6.89 5.63 -38.23
N GLY B 73 -6.57 5.94 -36.98
CA GLY B 73 -5.19 6.05 -36.55
C GLY B 73 -4.69 4.87 -35.72
N THR B 74 -3.65 5.11 -34.94
CA THR B 74 -3.06 4.04 -34.14
C THR B 74 -3.51 4.18 -32.68
N LEU B 75 -3.40 3.07 -31.92
CA LEU B 75 -3.70 3.11 -30.49
C LEU B 75 -2.76 4.06 -29.78
N ILE B 76 -1.51 4.13 -30.24
CA ILE B 76 -0.55 5.06 -29.65
C ILE B 76 -1.03 6.49 -29.78
N GLU B 77 -1.52 6.84 -30.97
CA GLU B 77 -2.00 8.20 -31.19
C GLU B 77 -3.24 8.46 -30.36
N SER B 78 -4.13 7.47 -30.29
CA SER B 78 -5.30 7.56 -29.43
C SER B 78 -4.91 7.76 -27.97
N ALA B 79 -3.90 7.02 -27.51
CA ALA B 79 -3.45 7.18 -26.13
C ALA B 79 -2.99 8.61 -25.87
N ILE B 80 -2.26 9.19 -26.81
CA ILE B 80 -1.80 10.58 -26.64
C ILE B 80 -2.98 11.56 -26.55
N LEU B 81 -3.95 11.37 -27.43
CA LEU B 81 -5.15 12.21 -27.45
C LEU B 81 -5.93 12.06 -26.13
N VAL B 82 -6.17 10.82 -25.71
CA VAL B 82 -6.94 10.55 -24.51
C VAL B 82 -6.30 11.12 -23.24
N GLU B 83 -4.98 10.97 -23.11
CA GLU B 83 -4.27 11.54 -21.96
C GLU B 83 -4.49 13.04 -21.87
N GLU B 84 -4.33 13.72 -23.00
CA GLU B 84 -4.43 15.16 -23.00
C GLU B 84 -5.85 15.60 -22.65
N CYS B 85 -6.85 15.00 -23.30
CA CYS B 85 -8.23 15.33 -22.96
C CYS B 85 -8.58 15.07 -21.49
N TYR B 86 -8.11 13.95 -20.94
CA TYR B 86 -8.40 13.64 -19.54
C TYR B 86 -7.69 14.58 -18.57
N SER B 87 -6.55 15.13 -18.99
CA SER B 87 -5.87 16.11 -18.16
C SER B 87 -6.63 17.43 -18.08
N VAL B 88 -7.64 17.62 -18.94
CA VAL B 88 -8.33 18.90 -19.07
C VAL B 88 -9.82 18.85 -18.76
N GLU B 89 -10.55 17.99 -19.47
CA GLU B 89 -12.00 17.87 -19.30
C GLU B 89 -12.49 16.45 -19.62
N PRO B 90 -12.43 15.55 -18.62
CA PRO B 90 -12.81 14.14 -18.76
C PRO B 90 -14.23 13.89 -19.30
N SER B 91 -15.23 14.55 -18.74
CA SER B 91 -16.62 14.20 -19.01
C SER B 91 -17.02 14.44 -20.48
N ALA B 92 -16.73 15.63 -21.01
CA ALA B 92 -17.11 15.89 -22.40
C ALA B 92 -16.29 15.00 -23.35
N ALA B 93 -15.03 14.74 -23.01
CA ALA B 93 -14.20 13.85 -23.84
C ALA B 93 -14.79 12.45 -23.95
N LEU B 94 -15.25 11.92 -22.82
CA LEU B 94 -15.73 10.53 -22.77
C LEU B 94 -16.89 10.30 -23.73
N THR B 95 -17.80 11.26 -23.83
CA THR B 95 -18.94 11.12 -24.73
C THR B 95 -18.45 10.86 -26.15
N ILE B 96 -17.40 11.57 -26.54
CA ILE B 96 -16.77 11.41 -27.85
C ILE B 96 -16.03 10.06 -27.97
N PHE B 97 -15.25 9.69 -26.96
CA PHE B 97 -14.54 8.41 -26.98
C PHE B 97 -15.50 7.24 -26.96
N ALA B 98 -16.65 7.42 -26.33
CA ALA B 98 -17.64 6.35 -26.25
C ALA B 98 -18.22 6.01 -27.62
N THR B 99 -18.36 7.02 -28.48
CA THR B 99 -18.76 6.73 -29.85
C THR B 99 -17.69 5.85 -30.53
N GLY B 100 -16.43 6.12 -30.25
CA GLY B 100 -15.34 5.29 -30.78
C GLY B 100 -15.43 3.85 -30.32
N LEU B 101 -15.76 3.66 -29.05
CA LEU B 101 -15.98 2.33 -28.51
C LEU B 101 -17.15 1.66 -29.24
N GLY B 102 -18.22 2.42 -29.44
CA GLY B 102 -19.38 1.89 -30.14
C GLY B 102 -19.06 1.43 -31.55
N LEU B 103 -18.11 2.11 -32.19
CA LEU B 103 -17.72 1.80 -33.56
C LEU B 103 -16.67 0.68 -33.64
N THR B 104 -16.09 0.33 -32.50
CA THR B 104 -15.02 -0.68 -32.46
C THR B 104 -15.47 -2.08 -32.93
N PRO B 105 -16.62 -2.58 -32.42
CA PRO B 105 -17.09 -3.88 -32.91
C PRO B 105 -17.23 -3.90 -34.44
N ILE B 106 -17.61 -2.76 -35.00
CA ILE B 106 -17.73 -2.66 -36.45
C ILE B 106 -16.37 -2.75 -37.13
N ASN B 107 -15.39 -2.02 -36.62
CA ASN B 107 -14.01 -2.16 -37.10
C ASN B 107 -13.53 -3.61 -37.06
N LEU B 108 -13.88 -4.33 -35.99
CA LEU B 108 -13.35 -5.68 -35.77
C LEU B 108 -14.10 -6.78 -36.55
N ALA B 109 -15.38 -6.58 -36.83
CA ALA B 109 -16.18 -7.71 -37.33
C ALA B 109 -17.05 -7.40 -38.53
N ALA B 110 -17.10 -6.14 -38.93
CA ALA B 110 -18.00 -5.74 -40.01
C ALA B 110 -17.51 -6.27 -41.34
N GLY B 111 -18.46 -6.63 -42.19
CA GLY B 111 -18.16 -7.01 -43.56
C GLY B 111 -18.71 -5.93 -44.50
N PRO B 112 -18.69 -6.22 -45.81
CA PRO B 112 -19.07 -5.22 -46.80
C PRO B 112 -20.54 -4.82 -46.68
N GLN B 113 -21.38 -5.74 -46.23
CA GLN B 113 -22.81 -5.46 -46.14
C GLN B 113 -23.16 -4.48 -45.00
N HIS B 114 -22.16 -4.10 -44.22
CA HIS B 114 -22.37 -3.23 -43.07
C HIS B 114 -22.04 -1.77 -43.37
N ALA B 115 -21.56 -1.52 -44.59
CA ALA B 115 -21.12 -0.18 -44.96
C ALA B 115 -22.20 0.89 -44.74
N GLU B 116 -23.45 0.54 -45.04
CA GLU B 116 -24.54 1.51 -44.92
C GLU B 116 -24.66 2.05 -43.49
N PHE B 117 -24.35 1.20 -42.51
CA PHE B 117 -24.44 1.63 -41.11
C PHE B 117 -23.36 2.64 -40.75
N LEU B 118 -22.23 2.62 -41.47
CA LEU B 118 -21.12 3.53 -41.15
C LEU B 118 -21.25 4.89 -41.79
N ALA B 119 -22.13 4.99 -42.79
CA ALA B 119 -22.24 6.22 -43.56
C ALA B 119 -22.40 7.51 -42.74
N PRO B 120 -23.36 7.53 -41.80
CA PRO B 120 -23.52 8.78 -41.06
C PRO B 120 -22.24 9.20 -40.34
N PHE B 121 -21.39 8.24 -40.00
CA PHE B 121 -20.18 8.53 -39.26
C PHE B 121 -19.00 8.92 -40.13
N LEU B 122 -19.13 8.69 -41.44
CA LEU B 122 -18.08 9.03 -42.38
C LEU B 122 -18.37 10.36 -43.07
N SER B 123 -19.58 10.88 -42.86
CA SER B 123 -20.02 12.11 -43.51
C SER B 123 -19.18 13.34 -43.13
N GLY B 124 -18.58 13.34 -41.96
CA GLY B 124 -17.87 14.53 -41.49
C GLY B 124 -18.78 15.67 -41.09
N GLU B 125 -20.07 15.40 -40.96
CA GLU B 125 -20.98 16.41 -40.46
C GLU B 125 -22.01 15.83 -39.48
N GLY B 126 -22.85 16.69 -38.93
CA GLY B 126 -23.85 16.29 -37.98
C GLY B 126 -23.21 15.96 -36.63
N SER B 127 -23.91 15.13 -35.86
CA SER B 127 -23.43 14.74 -34.55
C SER B 127 -23.97 13.36 -34.22
N PRO B 128 -23.70 12.38 -35.09
CA PRO B 128 -24.20 11.02 -34.85
C PRO B 128 -23.50 10.40 -33.64
N LEU B 129 -24.23 9.60 -32.87
CA LEU B 129 -23.71 8.94 -31.68
C LEU B 129 -23.71 7.43 -31.85
N ALA B 130 -22.65 6.74 -31.44
CA ALA B 130 -22.68 5.29 -31.44
C ALA B 130 -22.47 4.81 -30.00
N SER B 131 -22.87 3.57 -29.71
CA SER B 131 -22.75 3.04 -28.35
C SER B 131 -22.46 1.55 -28.39
N LEU B 132 -21.59 1.08 -27.51
CA LEU B 132 -21.44 -0.37 -27.32
C LEU B 132 -22.33 -0.74 -26.16
N VAL B 133 -23.44 -1.41 -26.48
CA VAL B 133 -24.49 -1.66 -25.51
C VAL B 133 -24.34 -3.07 -24.92
N PHE B 134 -23.60 -3.14 -23.82
CA PHE B 134 -23.14 -4.40 -23.25
C PHE B 134 -23.74 -4.60 -21.86
N SER B 135 -23.45 -3.69 -20.94
CA SER B 135 -23.83 -3.85 -19.53
C SER B 135 -25.32 -3.85 -19.28
N GLU B 136 -25.72 -4.49 -18.17
CA GLU B 136 -27.13 -4.61 -17.78
C GLU B 136 -27.30 -4.26 -16.29
N PRO B 137 -28.53 -3.92 -15.88
CA PRO B 137 -28.84 -3.52 -14.50
C PRO B 137 -28.36 -4.54 -13.48
N GLY B 138 -28.62 -5.82 -13.77
CA GLY B 138 -28.27 -6.89 -12.86
C GLY B 138 -26.81 -7.30 -12.85
N GLY B 139 -25.99 -6.63 -13.67
CA GLY B 139 -24.58 -6.98 -13.78
C GLY B 139 -24.30 -7.95 -14.91
N VAL B 140 -23.08 -7.93 -15.44
CA VAL B 140 -22.71 -8.82 -16.54
C VAL B 140 -21.35 -9.51 -16.35
N ALA B 141 -20.78 -9.39 -15.15
CA ALA B 141 -19.50 -10.03 -14.85
C ALA B 141 -19.58 -11.54 -15.05
N ASN B 142 -20.80 -12.08 -14.88
CA ASN B 142 -21.02 -13.51 -15.02
C ASN B 142 -21.93 -13.92 -16.19
N ALA B 143 -21.97 -13.09 -17.22
CA ALA B 143 -22.83 -13.35 -18.38
C ALA B 143 -22.46 -14.64 -19.11
N LEU B 144 -21.20 -15.04 -19.02
CA LEU B 144 -20.75 -16.24 -19.73
C LEU B 144 -20.55 -17.43 -18.81
N GLU B 145 -21.02 -17.33 -17.57
CA GLU B 145 -20.76 -18.40 -16.59
C GLU B 145 -21.76 -19.56 -16.68
N LYS B 146 -21.24 -20.79 -16.68
CA LYS B 146 -22.12 -21.95 -16.76
C LYS B 146 -22.98 -22.04 -15.52
N GLY B 147 -24.27 -22.30 -15.70
CA GLY B 147 -25.19 -22.41 -14.59
C GLY B 147 -25.84 -21.09 -14.22
N ALA B 148 -25.36 -20.01 -14.83
CA ALA B 148 -25.90 -18.68 -14.59
C ALA B 148 -27.03 -18.36 -15.56
N PRO B 149 -27.76 -17.27 -15.31
CA PRO B 149 -28.87 -16.91 -16.19
C PRO B 149 -28.45 -16.48 -17.61
N GLY B 150 -27.23 -15.94 -17.74
CA GLY B 150 -26.78 -15.35 -18.99
C GLY B 150 -27.28 -13.93 -19.18
N PHE B 151 -26.91 -13.29 -20.29
CA PHE B 151 -27.42 -11.94 -20.60
C PHE B 151 -28.94 -11.92 -20.46
N GLN B 152 -29.48 -10.84 -19.92
CA GLN B 152 -30.93 -10.68 -19.82
C GLN B 152 -31.51 -10.20 -21.15
N THR B 153 -30.69 -9.56 -21.97
CA THR B 153 -31.15 -9.04 -23.25
C THR B 153 -31.04 -10.19 -24.26
N THR B 154 -32.14 -10.51 -24.92
CA THR B 154 -32.19 -11.65 -25.82
C THR B 154 -32.57 -11.23 -27.23
N ALA B 155 -32.20 -12.06 -28.20
CA ALA B 155 -32.62 -11.91 -29.59
C ALA B 155 -33.17 -13.26 -30.06
N ARG B 156 -34.21 -13.19 -30.87
CA ARG B 156 -34.89 -14.37 -31.38
C ARG B 156 -35.15 -14.18 -32.87
N LEU B 157 -34.73 -15.14 -33.69
CA LEU B 157 -35.05 -15.08 -35.11
C LEU B 157 -36.51 -15.51 -35.29
N GLU B 158 -37.32 -14.60 -35.82
CA GLU B 158 -38.74 -14.87 -36.07
C GLU B 158 -39.03 -14.52 -37.52
N GLY B 159 -39.20 -15.54 -38.35
CA GLY B 159 -39.31 -15.33 -39.77
C GLY B 159 -38.00 -14.80 -40.35
N ASP B 160 -38.05 -13.63 -40.95
CA ASP B 160 -36.87 -13.01 -41.54
C ASP B 160 -36.36 -11.84 -40.70
N GLU B 161 -36.73 -11.81 -39.41
CA GLU B 161 -36.38 -10.68 -38.54
C GLU B 161 -35.82 -11.15 -37.22
N TRP B 162 -34.75 -10.50 -36.77
CA TRP B 162 -34.26 -10.74 -35.43
C TRP B 162 -35.01 -9.83 -34.46
N VAL B 163 -35.51 -10.40 -33.38
CA VAL B 163 -36.33 -9.65 -32.43
C VAL B 163 -35.63 -9.49 -31.07
N ILE B 164 -35.30 -8.25 -30.73
CA ILE B 164 -34.54 -7.96 -29.52
C ILE B 164 -35.42 -7.49 -28.36
N ASN B 165 -35.19 -8.07 -27.17
CA ASN B 165 -35.85 -7.67 -25.94
C ASN B 165 -34.85 -7.65 -24.79
N GLY B 166 -34.80 -6.56 -24.03
CA GLY B 166 -33.98 -6.56 -22.84
C GLY B 166 -33.74 -5.19 -22.24
N GLU B 167 -33.20 -5.19 -21.02
CA GLU B 167 -32.80 -3.94 -20.38
C GLU B 167 -31.28 -3.81 -20.35
N LYS B 168 -30.79 -2.60 -20.60
CA LYS B 168 -29.37 -2.31 -20.59
C LYS B 168 -29.12 -1.10 -19.69
N MET B 169 -27.88 -0.96 -19.23
CA MET B 169 -27.56 0.17 -18.36
C MET B 169 -26.07 0.45 -18.47
N TRP B 170 -25.69 1.71 -18.27
CA TRP B 170 -24.30 2.13 -18.32
C TRP B 170 -23.74 2.23 -19.74
N ALA B 171 -24.56 1.94 -20.76
CA ALA B 171 -24.05 1.96 -22.14
C ALA B 171 -23.99 3.37 -22.66
N THR B 172 -22.79 3.97 -22.59
CA THR B 172 -22.62 5.38 -22.90
C THR B 172 -23.12 5.74 -24.31
N ASN B 173 -23.96 6.77 -24.37
CA ASN B 173 -24.54 7.30 -25.60
C ASN B 173 -25.78 6.57 -26.12
N CYS B 174 -26.17 5.46 -25.48
CA CYS B 174 -27.10 4.56 -26.14
C CYS B 174 -28.48 5.18 -26.40
N ALA B 175 -28.83 6.21 -25.62
CA ALA B 175 -30.16 6.83 -25.71
C ALA B 175 -30.20 8.02 -26.66
N GLY B 176 -29.04 8.42 -27.17
CA GLY B 176 -28.97 9.49 -28.16
C GLY B 176 -29.19 10.86 -27.53
N TRP B 177 -29.12 11.91 -28.34
CA TRP B 177 -29.25 13.27 -27.82
C TRP B 177 -30.63 13.58 -27.25
N ASP B 178 -31.66 12.99 -27.85
CA ASP B 178 -33.03 13.27 -27.41
C ASP B 178 -33.60 12.18 -26.54
N PHE B 179 -32.75 11.26 -26.08
CA PHE B 179 -33.16 10.14 -25.24
C PHE B 179 -34.13 9.15 -25.92
N LYS B 180 -34.25 9.21 -27.24
CA LYS B 180 -35.09 8.26 -27.95
C LYS B 180 -34.31 7.23 -28.77
N GLY B 181 -32.99 7.20 -28.58
CA GLY B 181 -32.14 6.17 -29.18
C GLY B 181 -31.04 6.76 -30.03
N CYS B 182 -29.82 6.25 -29.88
CA CYS B 182 -28.71 6.80 -30.65
C CYS B 182 -28.76 6.30 -32.09
N ASP B 183 -27.92 6.90 -32.93
CA ASP B 183 -27.83 6.54 -34.35
C ASP B 183 -27.45 5.09 -34.60
N LEU B 184 -26.48 4.57 -33.85
CA LEU B 184 -25.98 3.22 -34.05
C LEU B 184 -25.59 2.56 -32.73
N ALA B 185 -26.35 1.55 -32.31
CA ALA B 185 -26.01 0.80 -31.10
C ALA B 185 -25.56 -0.62 -31.48
N CYS B 186 -24.41 -1.05 -30.96
CA CYS B 186 -24.00 -2.46 -31.07
C CYS B 186 -24.49 -3.19 -29.84
N VAL B 187 -25.62 -3.88 -29.98
CA VAL B 187 -26.26 -4.51 -28.84
C VAL B 187 -25.75 -5.93 -28.65
N VAL B 188 -25.11 -6.18 -27.51
CA VAL B 188 -24.62 -7.50 -27.15
C VAL B 188 -25.76 -8.27 -26.48
N CYS B 189 -26.09 -9.43 -27.02
CA CYS B 189 -27.22 -10.18 -26.50
C CYS B 189 -27.05 -11.69 -26.67
N ARG B 190 -28.04 -12.42 -26.22
CA ARG B 190 -28.00 -13.86 -26.15
C ARG B 190 -29.05 -14.41 -27.09
N ASP B 191 -28.63 -15.24 -28.04
CA ASP B 191 -29.58 -15.85 -28.95
C ASP B 191 -30.45 -16.81 -28.16
N ALA B 192 -31.75 -16.62 -28.23
CA ALA B 192 -32.68 -17.54 -27.57
C ALA B 192 -33.66 -18.17 -28.56
N THR B 193 -33.31 -18.17 -29.85
CA THR B 193 -34.16 -18.84 -30.85
C THR B 193 -34.29 -20.31 -30.48
N THR B 194 -33.18 -20.91 -30.08
CA THR B 194 -33.17 -22.26 -29.51
C THR B 194 -32.53 -22.21 -28.12
N PRO B 195 -33.01 -23.05 -27.20
CA PRO B 195 -32.52 -23.07 -25.81
C PRO B 195 -31.06 -23.53 -25.71
N LEU B 196 -30.35 -22.98 -24.72
CA LEU B 196 -29.01 -23.44 -24.40
C LEU B 196 -29.12 -24.91 -24.03
N GLU B 197 -28.27 -25.74 -24.64
CA GLU B 197 -28.29 -27.16 -24.34
C GLU B 197 -27.56 -27.49 -23.03
N GLU B 198 -28.00 -28.57 -22.38
CA GLU B 198 -27.42 -28.99 -21.11
C GLU B 198 -25.89 -29.07 -21.15
N GLY B 199 -25.24 -28.31 -20.29
CA GLY B 199 -23.79 -28.31 -20.22
C GLY B 199 -23.10 -27.50 -21.31
N GLN B 200 -23.87 -26.89 -22.20
CA GLN B 200 -23.30 -26.09 -23.28
C GLN B 200 -22.69 -24.79 -22.75
N ASP B 201 -21.58 -24.37 -23.34
CA ASP B 201 -20.95 -23.10 -23.02
C ASP B 201 -21.84 -21.93 -23.45
N PRO B 202 -22.23 -21.08 -22.49
CA PRO B 202 -23.13 -19.94 -22.78
C PRO B 202 -22.56 -19.02 -23.85
N GLU B 203 -21.24 -18.99 -23.98
CA GLU B 203 -20.64 -18.13 -24.98
C GLU B 203 -21.09 -18.51 -26.40
N ASN B 204 -21.52 -19.76 -26.58
CA ASN B 204 -21.99 -20.24 -27.87
C ASN B 204 -23.20 -19.48 -28.40
N LYS B 205 -23.91 -18.78 -27.52
CA LYS B 205 -25.16 -18.13 -27.90
C LYS B 205 -25.04 -16.60 -28.02
N VAL B 206 -23.88 -16.05 -27.66
CA VAL B 206 -23.74 -14.60 -27.63
C VAL B 206 -23.58 -13.98 -29.03
N MET B 207 -24.42 -12.98 -29.31
CA MET B 207 -24.41 -12.24 -30.57
C MET B 207 -24.16 -10.75 -30.37
N ILE B 208 -23.89 -10.06 -31.47
CA ILE B 208 -23.93 -8.61 -31.50
C ILE B 208 -24.81 -8.21 -32.68
N ILE B 209 -25.84 -7.43 -32.41
CA ILE B 209 -26.78 -7.02 -33.43
C ILE B 209 -26.86 -5.51 -33.43
N LEU B 210 -26.79 -4.90 -34.61
CA LEU B 210 -26.89 -3.45 -34.71
C LEU B 210 -28.34 -3.02 -34.56
N VAL B 211 -28.53 -1.86 -33.95
CA VAL B 211 -29.84 -1.23 -33.86
C VAL B 211 -29.65 0.24 -34.12
N THR B 212 -30.24 0.75 -35.20
CA THR B 212 -30.11 2.16 -35.52
C THR B 212 -31.33 2.92 -35.02
N ARG B 213 -31.23 4.24 -35.01
CA ARG B 213 -32.37 5.07 -34.64
C ARG B 213 -33.51 4.83 -35.64
N ALA B 214 -33.16 4.64 -36.91
CA ALA B 214 -34.17 4.31 -37.92
C ALA B 214 -34.94 3.03 -37.56
N ASP B 215 -34.23 1.99 -37.11
CA ASP B 215 -34.90 0.77 -36.65
C ASP B 215 -35.89 1.04 -35.52
N LEU B 216 -35.46 1.84 -34.55
CA LEU B 216 -36.32 2.10 -33.41
C LEU B 216 -37.56 2.87 -33.88
N ASP B 217 -37.36 3.86 -34.74
CA ASP B 217 -38.48 4.64 -35.27
C ASP B 217 -39.47 3.74 -36.00
N ARG B 218 -38.95 2.87 -36.85
CA ARG B 218 -39.77 1.95 -37.62
C ARG B 218 -40.56 1.02 -36.69
N ASN B 219 -39.96 0.60 -35.58
CA ASN B 219 -40.66 -0.28 -34.65
C ASN B 219 -41.70 0.45 -33.80
N GLY B 220 -41.64 1.77 -33.82
CA GLY B 220 -42.70 2.58 -33.23
C GLY B 220 -42.66 2.74 -31.72
N GLU B 221 -43.73 3.33 -31.20
CA GLU B 221 -43.82 3.74 -29.82
C GLU B 221 -43.60 2.62 -28.82
N GLY B 222 -42.79 2.88 -27.81
CA GLY B 222 -42.53 1.91 -26.76
C GLY B 222 -41.42 0.95 -27.09
N SER B 223 -40.79 1.09 -28.24
CA SER B 223 -39.75 0.14 -28.64
C SER B 223 -38.45 0.41 -27.86
N PHE B 224 -38.21 1.67 -27.53
CA PHE B 224 -37.07 2.10 -26.74
C PHE B 224 -37.57 3.03 -25.63
N GLU B 225 -37.04 2.88 -24.43
CA GLU B 225 -37.48 3.73 -23.33
C GLU B 225 -36.35 3.91 -22.32
N VAL B 226 -36.17 5.13 -21.85
CA VAL B 226 -35.26 5.39 -20.72
C VAL B 226 -36.02 5.12 -19.42
N LEU B 227 -35.57 4.13 -18.65
CA LEU B 227 -36.18 3.82 -17.37
C LEU B 227 -35.66 4.73 -16.24
N ARG B 228 -34.38 5.05 -16.27
CA ARG B 228 -33.80 5.91 -15.24
C ARG B 228 -32.53 6.55 -15.76
N HIS B 229 -32.44 7.87 -15.64
CA HIS B 229 -31.18 8.58 -15.82
C HIS B 229 -30.35 8.43 -14.54
N VAL B 230 -29.07 8.14 -14.70
CA VAL B 230 -28.19 7.86 -13.57
C VAL B 230 -27.26 9.04 -13.33
N ALA B 231 -27.31 9.60 -12.12
CA ALA B 231 -26.41 10.69 -11.76
C ALA B 231 -25.18 10.07 -11.16
N THR B 232 -24.02 10.60 -11.56
CA THR B 232 -22.72 10.03 -11.17
C THR B 232 -21.89 11.15 -10.54
N PRO B 233 -20.89 10.80 -9.72
CA PRO B 233 -20.17 11.87 -9.01
C PRO B 233 -19.15 12.60 -9.88
N GLY B 234 -18.72 11.94 -10.96
CA GLY B 234 -17.89 12.57 -11.97
C GLY B 234 -18.51 12.21 -13.31
N HIS B 235 -17.92 12.65 -14.41
CA HIS B 235 -18.49 12.35 -15.73
C HIS B 235 -19.96 12.78 -15.78
N THR B 236 -20.24 13.99 -15.29
CA THR B 236 -21.61 14.44 -15.08
C THR B 236 -22.33 14.81 -16.39
N SER B 237 -21.60 14.94 -17.49
CA SER B 237 -22.22 15.20 -18.80
C SER B 237 -22.30 13.92 -19.64
N VAL B 238 -21.96 12.78 -19.05
CA VAL B 238 -22.00 11.51 -19.76
C VAL B 238 -23.38 10.87 -19.54
N SER B 239 -23.96 10.31 -20.59
CA SER B 239 -25.28 9.67 -20.46
C SER B 239 -25.23 8.18 -20.77
N GLY B 240 -25.43 7.35 -19.75
CA GLY B 240 -25.52 5.90 -19.93
C GLY B 240 -26.63 5.33 -19.08
N PRO B 241 -27.88 5.68 -19.42
CA PRO B 241 -29.07 5.42 -18.58
C PRO B 241 -29.46 3.95 -18.55
N HIS B 242 -30.28 3.60 -17.56
CA HIS B 242 -30.97 2.33 -17.55
C HIS B 242 -32.08 2.43 -18.61
N VAL B 243 -32.04 1.56 -19.61
CA VAL B 243 -32.96 1.65 -20.76
C VAL B 243 -33.62 0.30 -21.01
N ARG B 244 -34.67 0.28 -21.85
CA ARG B 244 -35.31 -0.97 -22.23
C ARG B 244 -35.63 -1.03 -23.73
N TYR B 245 -35.27 -2.14 -24.36
CA TYR B 245 -35.65 -2.40 -25.75
C TYR B 245 -36.81 -3.38 -25.71
N THR B 246 -37.89 -3.04 -26.40
CA THR B 246 -39.06 -3.90 -26.38
C THR B 246 -39.45 -4.32 -27.81
N ASN B 247 -39.40 -5.63 -28.06
CA ASN B 247 -39.76 -6.16 -29.37
C ASN B 247 -39.23 -5.32 -30.53
N VAL B 248 -37.93 -5.10 -30.53
CA VAL B 248 -37.27 -4.33 -31.56
C VAL B 248 -36.91 -5.30 -32.69
N ARG B 249 -37.62 -5.19 -33.80
CA ARG B 249 -37.43 -6.10 -34.92
C ARG B 249 -36.51 -5.48 -35.95
N VAL B 250 -35.47 -6.20 -36.34
CA VAL B 250 -34.52 -5.72 -37.33
C VAL B 250 -34.28 -6.78 -38.42
N PRO B 251 -33.88 -6.34 -39.62
CA PRO B 251 -33.57 -7.25 -40.74
C PRO B 251 -32.32 -8.09 -40.44
N THR B 252 -32.14 -9.18 -41.18
CA THR B 252 -31.00 -10.06 -40.94
C THR B 252 -29.66 -9.38 -41.20
N LYS B 253 -29.64 -8.39 -42.09
CA LYS B 253 -28.42 -7.63 -42.35
C LYS B 253 -27.91 -6.90 -41.11
N ASN B 254 -28.79 -6.69 -40.12
CA ASN B 254 -28.38 -6.01 -38.88
C ASN B 254 -27.44 -6.85 -37.98
N VAL B 255 -27.44 -8.17 -38.16
CA VAL B 255 -26.55 -9.00 -37.36
C VAL B 255 -25.09 -8.67 -37.68
N LEU B 256 -24.32 -8.32 -36.64
CA LEU B 256 -22.90 -8.05 -36.80
C LEU B 256 -22.09 -9.31 -36.49
N CYS B 257 -22.31 -9.88 -35.30
CA CYS B 257 -21.68 -11.15 -34.93
C CYS B 257 -22.76 -12.18 -34.68
N PRO B 258 -22.75 -13.27 -35.47
CA PRO B 258 -23.69 -14.39 -35.30
C PRO B 258 -23.49 -15.02 -33.92
N ALA B 259 -24.47 -15.81 -33.49
CA ALA B 259 -24.38 -16.47 -32.21
C ALA B 259 -23.08 -17.27 -32.09
N GLY B 260 -22.36 -17.06 -30.99
CA GLY B 260 -21.13 -17.77 -30.75
C GLY B 260 -19.88 -17.00 -31.13
N GLN B 261 -20.06 -15.85 -31.80
CA GLN B 261 -18.94 -14.98 -32.15
C GLN B 261 -18.96 -13.64 -31.42
N GLY B 262 -20.07 -13.34 -30.74
CA GLY B 262 -20.23 -12.04 -30.11
C GLY B 262 -19.31 -11.73 -28.94
N ALA B 263 -19.08 -12.70 -28.06
CA ALA B 263 -18.30 -12.41 -26.85
C ALA B 263 -16.86 -12.02 -27.24
N LYS B 264 -16.27 -12.80 -28.14
CA LYS B 264 -14.91 -12.55 -28.60
C LYS B 264 -14.74 -11.13 -29.15
N VAL B 265 -15.71 -10.68 -29.95
CA VAL B 265 -15.62 -9.35 -30.55
C VAL B 265 -15.78 -8.26 -29.48
N ALA B 266 -16.68 -8.48 -28.53
CA ALA B 266 -16.88 -7.51 -27.46
C ALA B 266 -15.62 -7.40 -26.60
N PHE B 267 -15.05 -8.54 -26.25
CA PHE B 267 -13.85 -8.51 -25.44
C PHE B 267 -12.69 -7.96 -26.25
N GLY B 268 -12.71 -8.18 -27.56
CA GLY B 268 -11.71 -7.58 -28.43
C GLY B 268 -11.78 -6.07 -28.36
N ALA B 269 -13.00 -5.54 -28.36
CA ALA B 269 -13.21 -4.10 -28.28
C ALA B 269 -12.73 -3.57 -26.91
N PHE B 270 -13.05 -4.31 -25.86
CA PHE B 270 -12.60 -3.94 -24.53
C PHE B 270 -11.10 -4.06 -24.33
N ASP B 271 -10.40 -4.89 -25.12
CA ASP B 271 -8.93 -4.91 -25.04
C ASP B 271 -8.33 -3.59 -25.49
N GLY B 272 -8.78 -3.09 -26.64
CA GLY B 272 -8.32 -1.80 -27.13
C GLY B 272 -8.65 -0.68 -26.16
N SER B 273 -9.88 -0.66 -25.65
CA SER B 273 -10.24 0.39 -24.70
C SER B 273 -9.47 0.29 -23.37
N ALA B 274 -9.01 -0.91 -23.00
CA ALA B 274 -8.19 -1.05 -21.79
C ALA B 274 -6.95 -0.16 -21.90
N VAL B 275 -6.33 -0.16 -23.08
CA VAL B 275 -5.19 0.71 -23.33
C VAL B 275 -5.55 2.19 -23.10
N LEU B 276 -6.71 2.62 -23.58
CA LEU B 276 -7.10 4.03 -23.46
C LEU B 276 -7.55 4.39 -22.05
N VAL B 277 -8.08 3.40 -21.33
CA VAL B 277 -8.33 3.61 -19.90
C VAL B 277 -7.01 3.90 -19.19
N GLY B 278 -5.95 3.19 -19.60
CA GLY B 278 -4.63 3.48 -19.11
C GLY B 278 -4.29 4.94 -19.36
N ALA B 279 -4.54 5.39 -20.58
CA ALA B 279 -4.26 6.78 -20.96
C ALA B 279 -5.11 7.77 -20.14
N MET B 280 -6.37 7.41 -19.88
CA MET B 280 -7.22 8.21 -19.00
C MET B 280 -6.58 8.40 -17.64
N GLY B 281 -6.03 7.32 -17.09
CA GLY B 281 -5.39 7.39 -15.80
C GLY B 281 -4.20 8.30 -15.83
N VAL B 282 -3.39 8.17 -16.88
CA VAL B 282 -2.21 9.02 -17.01
C VAL B 282 -2.61 10.48 -17.02
N GLY B 283 -3.66 10.79 -17.78
CA GLY B 283 -4.14 12.16 -17.89
C GLY B 283 -4.63 12.73 -16.56
N LEU B 284 -5.35 11.94 -15.78
CA LEU B 284 -5.81 12.41 -14.48
C LEU B 284 -4.62 12.60 -13.55
N MET B 285 -3.67 11.68 -13.61
CA MET B 285 -2.48 11.81 -12.78
C MET B 285 -1.68 13.05 -13.15
N ARG B 286 -1.56 13.31 -14.45
CA ARG B 286 -0.88 14.52 -14.89
C ARG B 286 -1.58 15.78 -14.35
N ALA B 287 -2.91 15.84 -14.51
CA ALA B 287 -3.68 16.97 -13.99
C ALA B 287 -3.53 17.16 -12.48
N ALA B 288 -3.52 16.05 -11.74
CA ALA B 288 -3.38 16.10 -10.28
C ALA B 288 -2.00 16.62 -9.90
N PHE B 289 -0.96 16.03 -10.51
CA PHE B 289 0.39 16.50 -10.23
C PHE B 289 0.50 17.98 -10.56
N ASP B 290 0.06 18.38 -11.75
CA ASP B 290 0.18 19.78 -12.16
C ASP B 290 -0.50 20.73 -11.19
N ALA B 291 -1.72 20.38 -10.75
CA ALA B 291 -2.47 21.26 -9.86
C ALA B 291 -1.83 21.35 -8.47
N ALA B 292 -1.34 20.22 -7.99
CA ALA B 292 -0.61 20.18 -6.70
C ALA B 292 0.71 20.98 -6.77
N LEU B 293 1.45 20.81 -7.86
CA LEU B 293 2.70 21.53 -8.03
C LEU B 293 2.47 23.04 -8.12
N LYS B 294 1.45 23.44 -8.88
CA LYS B 294 1.10 24.85 -8.99
C LYS B 294 0.68 25.41 -7.64
N PHE B 295 -0.11 24.66 -6.88
CA PHE B 295 -0.48 25.07 -5.52
C PHE B 295 0.80 25.34 -4.71
N ALA B 296 1.72 24.37 -4.71
CA ALA B 296 2.95 24.49 -3.91
C ALA B 296 3.76 25.71 -4.32
N LYS B 297 3.89 25.93 -5.62
CA LYS B 297 4.76 26.99 -6.09
C LYS B 297 4.20 28.39 -5.81
N GLU B 298 2.91 28.48 -5.51
CA GLU B 298 2.31 29.79 -5.28
C GLU B 298 1.79 30.00 -3.85
N ASP B 299 1.83 28.96 -3.03
CA ASP B 299 1.22 29.00 -1.70
C ASP B 299 2.10 28.22 -0.71
N ASN B 300 2.76 28.94 0.20
CA ASN B 300 3.64 28.29 1.16
C ASN B 300 2.95 27.96 2.48
N ARG B 301 1.62 28.08 2.47
CA ARG B 301 0.81 27.72 3.61
C ARG B 301 1.31 28.41 4.88
N GLY B 302 1.73 29.66 4.75
CA GLY B 302 2.12 30.49 5.87
C GLY B 302 3.44 30.11 6.52
N GLY B 303 4.28 29.37 5.79
CA GLY B 303 5.51 28.84 6.34
C GLY B 303 6.69 29.79 6.18
N ALA B 304 7.79 29.47 6.85
CA ALA B 304 9.03 30.24 6.72
C ALA B 304 9.79 29.86 5.45
N VAL B 305 9.36 28.76 4.82
CA VAL B 305 10.03 28.27 3.61
C VAL B 305 8.96 27.81 2.60
N PRO B 306 9.36 27.65 1.33
CA PRO B 306 8.42 27.14 0.31
C PRO B 306 7.88 25.76 0.64
N LEU B 307 6.65 25.50 0.24
CA LEU B 307 5.99 24.22 0.53
C LEU B 307 6.81 23.03 0.07
N LEU B 308 7.49 23.15 -1.07
CA LEU B 308 8.28 22.04 -1.58
C LEU B 308 9.53 21.74 -0.72
N GLU B 309 9.88 22.63 0.20
CA GLU B 309 11.00 22.36 1.08
C GLU B 309 10.64 21.40 2.21
N ARG B 310 9.36 21.08 2.35
CA ARG B 310 8.93 20.12 3.37
C ARG B 310 9.04 18.73 2.76
N GLN B 311 9.87 17.86 3.34
CA GLN B 311 10.08 16.52 2.77
C GLN B 311 8.78 15.74 2.62
N ALA B 312 7.88 15.85 3.60
CA ALA B 312 6.66 15.05 3.56
C ALA B 312 5.77 15.47 2.39
N PHE B 313 5.73 16.77 2.11
CA PHE B 313 4.96 17.25 0.99
C PHE B 313 5.65 16.85 -0.31
N ALA B 314 6.94 17.17 -0.41
CA ALA B 314 7.70 16.83 -1.61
C ALA B 314 7.59 15.36 -1.94
N ASP B 315 7.70 14.50 -0.93
CA ASP B 315 7.70 13.07 -1.22
C ASP B 315 6.35 12.57 -1.75
N LEU B 316 5.26 13.19 -1.32
CA LEU B 316 3.94 12.84 -1.85
C LEU B 316 3.86 13.21 -3.35
N LEU B 317 4.36 14.41 -3.69
CA LEU B 317 4.34 14.86 -5.08
C LEU B 317 5.29 14.05 -5.97
N SER B 318 6.51 13.80 -5.50
CA SER B 318 7.42 13.02 -6.32
C SER B 318 6.90 11.59 -6.48
N GLY B 319 6.25 11.05 -5.45
CA GLY B 319 5.62 9.74 -5.57
C GLY B 319 4.63 9.68 -6.71
N VAL B 320 3.76 10.69 -6.79
CA VAL B 320 2.80 10.80 -7.88
C VAL B 320 3.50 10.93 -9.23
N LYS B 321 4.52 11.78 -9.31
CA LYS B 321 5.24 11.96 -10.57
C LYS B 321 5.81 10.62 -11.05
N ILE B 322 6.46 9.89 -10.15
CA ILE B 322 7.01 8.58 -10.48
C ILE B 322 5.96 7.61 -11.01
N GLN B 323 4.83 7.49 -10.33
CA GLN B 323 3.79 6.59 -10.80
C GLN B 323 3.25 7.01 -12.17
N THR B 324 3.14 8.31 -12.39
CA THR B 324 2.61 8.80 -13.66
C THR B 324 3.55 8.43 -14.81
N GLU B 325 4.85 8.63 -14.61
CA GLU B 325 5.84 8.27 -15.63
C GLU B 325 5.83 6.77 -15.91
N ALA B 326 5.70 5.94 -14.87
CA ALA B 326 5.56 4.50 -15.08
C ALA B 326 4.27 4.16 -15.80
N ALA B 327 3.21 4.87 -15.45
CA ALA B 327 1.91 4.60 -16.06
C ALA B 327 1.90 4.91 -17.56
N ARG B 328 2.50 6.03 -17.95
CA ARG B 328 2.54 6.38 -19.37
C ARG B 328 3.43 5.42 -20.16
N ALA B 329 4.58 5.07 -19.60
CA ALA B 329 5.47 4.12 -20.27
C ALA B 329 4.78 2.78 -20.55
N LEU B 330 4.10 2.25 -19.53
CA LEU B 330 3.38 0.99 -19.67
C LEU B 330 2.24 1.13 -20.66
N THR B 331 1.51 2.25 -20.56
CA THR B 331 0.40 2.48 -21.49
C THR B 331 0.87 2.52 -22.95
N TRP B 332 1.98 3.22 -23.20
CA TRP B 332 2.53 3.27 -24.57
C TRP B 332 3.04 1.89 -25.02
N LYS B 333 3.70 1.17 -24.10
CA LYS B 333 4.15 -0.18 -24.40
C LYS B 333 2.96 -1.03 -24.86
N ALA B 334 1.86 -0.94 -24.11
CA ALA B 334 0.67 -1.71 -24.48
C ALA B 334 0.08 -1.25 -25.82
N ALA B 335 0.02 0.06 -26.02
CA ALA B 335 -0.56 0.59 -27.26
C ALA B 335 0.27 0.13 -28.46
N HIS B 336 1.58 0.18 -28.29
CA HIS B 336 2.48 -0.27 -29.34
C HIS B 336 2.28 -1.76 -29.59
N ALA B 337 2.32 -2.57 -28.53
CA ALA B 337 2.26 -4.02 -28.69
C ALA B 337 0.96 -4.55 -29.30
N MET B 338 -0.18 -3.93 -28.95
CA MET B 338 -1.46 -4.35 -29.51
C MET B 338 -1.43 -4.35 -31.03
N GLU B 339 -0.67 -3.43 -31.61
CA GLU B 339 -0.67 -3.29 -33.07
C GLU B 339 0.60 -3.77 -33.78
N ASN B 340 1.66 -4.07 -32.99
CA ASN B 340 2.97 -4.41 -33.55
C ASN B 340 3.69 -5.63 -32.94
N GLY B 341 3.15 -6.20 -31.88
CA GLY B 341 3.86 -7.25 -31.16
C GLY B 341 5.10 -6.68 -30.47
N PRO B 342 6.03 -7.56 -30.06
CA PRO B 342 5.98 -9.01 -30.32
C PRO B 342 4.94 -9.74 -29.46
N GLY B 343 4.86 -11.06 -29.64
CA GLY B 343 3.92 -11.89 -28.91
C GLY B 343 2.65 -12.10 -29.72
N ASP B 344 1.99 -13.24 -29.50
CA ASP B 344 0.71 -13.47 -30.15
C ASP B 344 -0.38 -12.61 -29.48
N TYR B 345 -1.64 -12.77 -29.91
CA TYR B 345 -2.69 -11.92 -29.38
C TYR B 345 -2.86 -12.03 -27.86
N ASP B 346 -2.74 -13.23 -27.32
CA ASP B 346 -2.85 -13.42 -25.88
C ASP B 346 -1.81 -12.59 -25.14
N ALA B 347 -0.60 -12.55 -25.68
CA ALA B 347 0.47 -11.80 -25.04
C ALA B 347 0.26 -10.28 -25.14
N ARG B 348 -0.25 -9.82 -26.29
CA ARG B 348 -0.50 -8.40 -26.47
C ARG B 348 -1.62 -7.93 -25.52
N ARG B 349 -2.65 -8.74 -25.43
CA ARG B 349 -3.80 -8.45 -24.59
C ARG B 349 -3.46 -8.40 -23.09
N GLU B 350 -2.53 -9.25 -22.65
CA GLU B 350 -2.10 -9.20 -21.25
C GLU B 350 -1.55 -7.80 -20.90
N LEU B 351 -0.81 -7.20 -21.83
CA LEU B 351 -0.27 -5.86 -21.59
C LEU B 351 -1.35 -4.77 -21.58
N ALA B 352 -2.33 -4.89 -22.45
CA ALA B 352 -3.42 -3.93 -22.48
C ALA B 352 -4.16 -3.98 -21.14
N LEU B 353 -4.40 -5.20 -20.66
CA LEU B 353 -5.05 -5.36 -19.35
C LEU B 353 -4.18 -4.82 -18.22
N ALA B 354 -2.87 -5.08 -18.33
CA ALA B 354 -1.93 -4.54 -17.34
C ALA B 354 -1.97 -3.01 -17.30
N ALA B 355 -2.08 -2.37 -18.46
CA ALA B 355 -2.09 -0.91 -18.49
C ALA B 355 -3.36 -0.42 -17.80
N LYS B 356 -4.49 -1.01 -18.17
CA LYS B 356 -5.79 -0.70 -17.57
C LYS B 356 -5.74 -0.76 -16.06
N VAL B 357 -5.35 -1.92 -15.54
CA VAL B 357 -5.30 -2.15 -14.09
C VAL B 357 -4.29 -1.27 -13.38
N PHE B 358 -3.06 -1.21 -13.89
CA PHE B 358 -2.04 -0.39 -13.26
C PHE B 358 -2.41 1.10 -13.19
N CYS B 359 -2.82 1.67 -14.33
CA CYS B 359 -3.01 3.11 -14.39
C CYS B 359 -4.29 3.55 -13.68
N SER B 360 -5.35 2.75 -13.78
CA SER B 360 -6.62 3.11 -13.16
C SER B 360 -6.45 3.20 -11.65
N GLU B 361 -5.79 2.20 -11.07
CA GLU B 361 -5.56 2.20 -9.63
C GLU B 361 -4.54 3.25 -9.21
N ALA B 362 -3.51 3.45 -10.04
CA ALA B 362 -2.53 4.48 -9.73
C ALA B 362 -3.16 5.87 -9.75
N ALA B 363 -4.14 6.06 -10.65
CA ALA B 363 -4.81 7.35 -10.76
C ALA B 363 -5.61 7.62 -9.49
N VAL B 364 -6.29 6.61 -8.98
CA VAL B 364 -7.03 6.79 -7.75
C VAL B 364 -6.10 7.11 -6.59
N LYS B 365 -5.02 6.34 -6.47
CA LYS B 365 -4.02 6.59 -5.42
C LYS B 365 -3.38 7.97 -5.55
N ALA B 366 -3.10 8.39 -6.78
CA ALA B 366 -2.48 9.70 -6.98
C ALA B 366 -3.41 10.81 -6.53
N CYS B 367 -4.68 10.68 -6.88
CA CYS B 367 -5.67 11.67 -6.48
C CYS B 367 -5.78 11.75 -4.96
N THR B 368 -5.77 10.60 -4.28
CA THR B 368 -5.88 10.66 -2.82
C THR B 368 -4.61 11.24 -2.17
N ASP B 369 -3.43 10.92 -2.71
CA ASP B 369 -2.16 11.47 -2.23
C ASP B 369 -2.11 13.00 -2.38
N VAL B 370 -2.52 13.49 -3.54
CA VAL B 370 -2.48 14.92 -3.80
C VAL B 370 -3.44 15.69 -2.85
N ILE B 371 -4.60 15.10 -2.56
CA ILE B 371 -5.51 15.67 -1.57
C ILE B 371 -4.81 15.81 -0.20
N ASN B 372 -4.12 14.76 0.24
CA ASN B 372 -3.40 14.82 1.52
C ASN B 372 -2.25 15.82 1.52
N ALA B 373 -1.56 15.90 0.40
CA ALA B 373 -0.46 16.85 0.25
C ALA B 373 -0.94 18.30 0.27
N VAL B 374 -1.98 18.60 -0.50
CA VAL B 374 -2.51 19.97 -0.56
C VAL B 374 -3.19 20.34 0.76
N GLY B 375 -3.79 19.33 1.39
CA GLY B 375 -4.39 19.51 2.70
C GLY B 375 -5.86 19.94 2.65
N ILE B 376 -6.31 20.67 3.66
CA ILE B 376 -7.73 20.98 3.78
C ILE B 376 -8.27 21.78 2.58
N SER B 377 -7.41 22.59 1.97
CA SER B 377 -7.78 23.33 0.77
C SER B 377 -8.36 22.43 -0.34
N ALA B 378 -7.97 21.17 -0.37
CA ALA B 378 -8.45 20.24 -1.40
C ALA B 378 -9.91 19.84 -1.23
N TYR B 379 -10.50 20.16 -0.08
CA TYR B 379 -11.92 19.89 0.14
C TYR B 379 -12.79 21.04 -0.40
N ASP B 380 -12.14 22.07 -0.95
CA ASP B 380 -12.85 23.23 -1.50
C ASP B 380 -13.16 22.97 -2.99
N LEU B 381 -14.44 22.96 -3.34
CA LEU B 381 -14.86 22.67 -4.70
C LEU B 381 -14.50 23.75 -5.74
N GLN B 382 -13.98 24.89 -5.30
CA GLN B 382 -13.39 25.85 -6.26
C GLN B 382 -12.08 25.29 -6.82
N ARG B 383 -11.47 24.36 -6.09
CA ARG B 383 -10.23 23.73 -6.54
C ARG B 383 -10.54 22.38 -7.23
N PRO B 384 -9.64 21.90 -8.11
CA PRO B 384 -9.92 20.77 -9.00
C PRO B 384 -9.78 19.38 -8.38
N PHE B 385 -9.26 19.30 -7.16
CA PHE B 385 -8.87 18.01 -6.57
C PHE B 385 -9.99 17.00 -6.31
N SER B 386 -11.12 17.49 -5.80
CA SER B 386 -12.26 16.61 -5.57
C SER B 386 -12.80 15.99 -6.87
N ASP B 387 -13.05 16.82 -7.89
CA ASP B 387 -13.47 16.34 -9.21
C ASP B 387 -12.51 15.32 -9.83
N LEU B 388 -11.21 15.56 -9.67
CA LEU B 388 -10.18 14.62 -10.11
C LEU B 388 -10.40 13.24 -9.49
N LEU B 389 -10.51 13.20 -8.16
CA LEU B 389 -10.75 11.92 -7.47
C LEU B 389 -12.03 11.27 -7.96
N ASN B 390 -13.10 12.05 -8.04
CA ASN B 390 -14.39 11.49 -8.38
C ASN B 390 -14.46 11.07 -9.86
N THR B 391 -13.49 11.53 -10.65
CA THR B 391 -13.34 11.07 -12.02
C THR B 391 -12.53 9.78 -12.02
N ALA B 392 -11.44 9.79 -11.26
CA ALA B 392 -10.55 8.63 -11.18
C ALA B 392 -11.21 7.33 -10.71
N VAL B 393 -12.10 7.42 -9.72
CA VAL B 393 -12.62 6.18 -9.11
C VAL B 393 -13.42 5.31 -10.05
N VAL B 394 -13.90 5.88 -11.14
CA VAL B 394 -14.61 5.09 -12.15
C VAL B 394 -13.64 4.23 -12.97
N LEU B 395 -12.36 4.61 -13.04
CA LEU B 395 -11.44 3.92 -13.95
C LEU B 395 -11.28 2.43 -13.64
N PRO B 396 -11.07 2.08 -12.35
CA PRO B 396 -10.92 0.65 -12.04
C PRO B 396 -12.19 -0.15 -12.28
N ILE B 397 -13.35 0.49 -12.21
CA ILE B 397 -14.62 -0.25 -12.18
C ILE B 397 -15.35 -0.25 -13.52
N PHE B 398 -15.00 0.67 -14.41
CA PHE B 398 -15.74 0.70 -15.67
C PHE B 398 -14.92 0.05 -16.75
N ASP B 399 -15.48 0.03 -17.95
CA ASP B 399 -14.79 -0.64 -19.04
C ASP B 399 -14.31 -2.03 -18.59
N GLY B 400 -15.18 -2.75 -17.88
CA GLY B 400 -14.84 -4.04 -17.30
C GLY B 400 -14.06 -3.82 -16.02
N GLY B 401 -14.76 -3.91 -14.89
CA GLY B 401 -14.14 -3.74 -13.58
C GLY B 401 -12.91 -4.61 -13.36
N ASN B 402 -11.94 -4.12 -12.59
CA ASN B 402 -10.68 -4.84 -12.38
C ASN B 402 -10.90 -6.13 -11.60
N VAL B 403 -11.79 -6.08 -10.62
CA VAL B 403 -11.97 -7.19 -9.68
C VAL B 403 -12.78 -8.33 -10.27
N GLY B 404 -13.84 -8.01 -11.00
CA GLY B 404 -14.72 -9.03 -11.57
C GLY B 404 -14.55 -9.41 -13.05
N ILE B 405 -13.68 -8.71 -13.77
CA ILE B 405 -13.49 -8.99 -15.20
C ILE B 405 -12.01 -9.00 -15.64
N ARG B 406 -11.38 -7.81 -15.61
CA ARG B 406 -9.99 -7.65 -16.01
C ARG B 406 -9.06 -8.70 -15.38
N ARG B 407 -9.10 -8.83 -14.05
CA ARG B 407 -8.24 -9.83 -13.40
C ARG B 407 -8.61 -11.31 -13.67
N ARG B 408 -9.88 -11.62 -13.93
CA ARG B 408 -10.29 -12.99 -14.28
C ARG B 408 -9.70 -13.43 -15.64
N HIS B 409 -9.57 -12.47 -16.54
CA HIS B 409 -8.97 -12.74 -17.86
C HIS B 409 -7.47 -12.96 -17.73
N LEU B 410 -6.80 -12.19 -16.89
CA LEU B 410 -5.36 -12.37 -16.70
C LEU B 410 -5.08 -13.78 -16.17
N GLN B 411 -5.99 -14.24 -15.33
CA GLN B 411 -5.95 -15.58 -14.80
C GLN B 411 -6.01 -16.62 -15.94
N GLN B 412 -7.01 -16.48 -16.81
CA GLN B 412 -7.16 -17.44 -17.91
C GLN B 412 -5.94 -17.41 -18.85
N LEU B 413 -5.41 -16.22 -19.13
CA LEU B 413 -4.23 -16.11 -19.97
C LEU B 413 -3.04 -16.91 -19.44
N MET B 414 -2.75 -16.75 -18.15
CA MET B 414 -1.62 -17.45 -17.52
C MET B 414 -1.82 -18.97 -17.47
N LEU B 415 -3.08 -19.40 -17.39
CA LEU B 415 -3.41 -20.81 -17.35
C LEU B 415 -3.08 -21.52 -18.66
N LYS B 416 -3.19 -20.81 -19.78
CA LYS B 416 -2.93 -21.42 -21.08
C LYS B 416 -1.53 -22.04 -21.17
N PRO B 417 -1.44 -23.23 -21.77
CA PRO B 417 -0.17 -23.93 -22.00
C PRO B 417 0.77 -23.08 -22.83
N THR B 418 0.21 -22.31 -23.76
CA THR B 418 0.98 -21.48 -24.65
C THR B 418 1.44 -20.16 -24.00
N TYR B 419 1.11 -19.95 -22.73
CA TYR B 419 1.50 -18.71 -22.05
C TYR B 419 3.01 -18.60 -22.05
N ASP B 420 3.50 -17.45 -22.51
CA ASP B 420 4.94 -17.22 -22.64
C ASP B 420 5.27 -15.88 -22.02
N ALA B 421 5.56 -15.89 -20.72
CA ALA B 421 5.56 -14.69 -19.89
C ALA B 421 6.09 -13.43 -20.57
N TRP B 422 7.31 -13.49 -21.07
CA TRP B 422 8.00 -12.30 -21.56
C TRP B 422 8.05 -12.16 -23.09
N SER B 423 7.20 -12.91 -23.77
CA SER B 423 7.22 -12.87 -25.25
C SER B 423 6.83 -11.50 -25.80
N SER B 424 6.02 -10.75 -25.05
CA SER B 424 5.60 -9.42 -25.48
C SER B 424 6.73 -8.40 -25.32
N THR B 425 7.86 -8.85 -24.79
CA THR B 425 9.02 -8.00 -24.71
C THR B 425 10.22 -8.58 -25.47
N TYR B 426 10.54 -9.84 -25.19
CA TYR B 426 11.76 -10.42 -25.78
C TYR B 426 11.54 -11.35 -26.99
N GLY B 427 10.39 -11.22 -27.64
CA GLY B 427 10.18 -11.84 -28.95
C GLY B 427 10.03 -13.35 -28.87
N ALA C 2 10.30 7.86 -33.21
CA ALA C 2 8.93 7.33 -33.33
C ALA C 2 8.74 6.20 -32.34
N ILE C 3 7.62 6.21 -31.61
CA ILE C 3 7.45 5.29 -30.50
C ILE C 3 7.55 3.83 -30.93
N ASP C 4 8.52 3.12 -30.34
CA ASP C 4 8.86 1.78 -30.80
C ASP C 4 9.43 0.96 -29.65
N PHE C 5 8.95 -0.27 -29.49
CA PHE C 5 9.41 -1.11 -28.41
C PHE C 5 10.09 -2.38 -28.91
N HIS C 6 10.25 -2.51 -30.22
CA HIS C 6 10.96 -3.64 -30.80
C HIS C 6 12.46 -3.50 -30.55
N LEU C 7 13.10 -4.60 -30.19
CA LEU C 7 14.55 -4.61 -30.04
C LEU C 7 15.17 -4.59 -31.42
N SER C 8 16.20 -3.77 -31.59
CA SER C 8 17.03 -3.79 -32.79
C SER C 8 17.88 -5.08 -32.81
N ALA C 9 18.54 -5.34 -33.93
CA ALA C 9 19.41 -6.51 -34.03
C ALA C 9 20.51 -6.43 -32.95
N SER C 10 21.05 -5.23 -32.77
CA SER C 10 22.10 -5.04 -31.77
C SER C 10 21.56 -5.27 -30.35
N GLN C 11 20.35 -4.81 -30.08
CA GLN C 11 19.74 -5.03 -28.78
C GLN C 11 19.39 -6.51 -28.55
N LYS C 12 18.90 -7.20 -29.59
CA LYS C 12 18.68 -8.65 -29.50
C LYS C 12 20.00 -9.38 -29.20
N GLY C 13 21.08 -8.93 -29.84
CA GLY C 13 22.39 -9.49 -29.60
C GLY C 13 22.85 -9.30 -28.17
N THR C 14 22.69 -8.09 -27.64
CA THR C 14 23.00 -7.83 -26.25
C THR C 14 22.29 -8.82 -25.33
N TYR C 15 21.00 -8.99 -25.56
CA TYR C 15 20.17 -9.88 -24.77
C TYR C 15 20.66 -11.33 -24.83
N GLN C 16 21.07 -11.77 -26.02
CA GLN C 16 21.57 -13.13 -26.19
C GLN C 16 22.90 -13.32 -25.48
N ALA C 17 23.79 -12.34 -25.63
CA ALA C 17 25.07 -12.38 -24.95
C ALA C 17 24.87 -12.33 -23.44
N ALA C 18 23.85 -11.60 -22.99
CA ALA C 18 23.61 -11.50 -21.55
C ALA C 18 23.13 -12.83 -21.01
N ARG C 19 22.27 -13.51 -21.76
CA ARG C 19 21.77 -14.81 -21.34
C ARG C 19 22.95 -15.78 -21.23
N SER C 20 23.86 -15.66 -22.19
CA SER C 20 25.01 -16.56 -22.26
C SER C 20 25.95 -16.31 -21.08
N LEU C 21 26.34 -15.06 -20.91
CA LEU C 21 27.16 -14.65 -19.78
C LEU C 21 26.61 -15.19 -18.45
N ALA C 22 25.31 -15.01 -18.25
CA ALA C 22 24.70 -15.36 -16.97
C ALA C 22 24.73 -16.86 -16.73
N ARG C 23 24.39 -17.63 -17.76
CA ARG C 23 24.31 -19.07 -17.63
C ARG C 23 25.70 -19.73 -17.60
N ASN C 24 26.65 -19.13 -18.30
CA ASN C 24 27.96 -19.76 -18.51
C ASN C 24 29.04 -19.33 -17.53
N LEU C 25 28.95 -18.10 -17.06
CA LEU C 25 29.96 -17.58 -16.14
C LEU C 25 29.40 -17.35 -14.75
N LEU C 26 28.26 -16.67 -14.67
CA LEU C 26 27.70 -16.29 -13.37
C LEU C 26 27.17 -17.49 -12.58
N MET C 27 26.43 -18.38 -13.23
CA MET C 27 25.89 -19.53 -12.49
C MET C 27 26.99 -20.40 -11.86
N PRO C 28 28.09 -20.62 -12.60
CA PRO C 28 29.22 -21.35 -11.99
C PRO C 28 29.87 -20.58 -10.85
N ALA C 29 29.97 -19.25 -10.96
CA ALA C 29 30.52 -18.47 -9.86
C ALA C 29 29.76 -18.73 -8.57
N ARG C 30 28.45 -18.91 -8.69
CA ARG C 30 27.61 -19.17 -7.52
C ARG C 30 27.81 -20.57 -6.95
N GLN C 31 27.91 -21.57 -7.81
CA GLN C 31 28.20 -22.92 -7.33
C GLN C 31 29.51 -22.95 -6.55
N THR C 32 30.50 -22.22 -7.05
CA THR C 32 31.79 -22.11 -6.38
C THR C 32 31.73 -21.40 -5.02
N TYR C 33 31.18 -20.19 -4.98
CA TYR C 33 31.17 -19.46 -3.72
C TYR C 33 30.26 -20.07 -2.65
N LEU C 34 29.27 -20.84 -3.08
CA LEU C 34 28.35 -21.48 -2.15
C LEU C 34 29.11 -22.47 -1.24
N GLN C 35 30.27 -22.91 -1.71
CA GLN C 35 31.09 -23.88 -0.97
C GLN C 35 31.81 -23.25 0.22
N HIS C 36 31.88 -21.93 0.24
CA HIS C 36 32.43 -21.21 1.38
C HIS C 36 31.29 -20.74 2.30
N PRO C 37 31.60 -20.40 3.56
CA PRO C 37 30.56 -19.95 4.50
C PRO C 37 29.90 -18.64 4.06
N PRO C 38 28.61 -18.46 4.37
CA PRO C 38 27.81 -17.31 3.91
C PRO C 38 28.39 -15.96 4.33
N ASN C 39 28.98 -15.93 5.53
CA ASN C 39 29.52 -14.70 6.09
C ASN C 39 31.03 -14.56 5.89
N SER C 40 31.61 -15.33 4.99
CA SER C 40 33.05 -15.27 4.80
C SER C 40 33.43 -14.51 3.54
N PRO C 41 34.45 -13.64 3.65
CA PRO C 41 35.05 -12.92 2.52
C PRO C 41 35.68 -13.87 1.50
N LEU C 42 35.78 -15.16 1.84
CA LEU C 42 36.27 -16.17 0.90
C LEU C 42 35.29 -16.36 -0.26
N ARG C 43 34.02 -16.01 -0.05
CA ARG C 43 33.04 -16.07 -1.13
C ARG C 43 33.45 -15.12 -2.25
N PHE C 44 33.67 -13.87 -1.90
CA PHE C 44 34.13 -12.88 -2.86
C PHE C 44 35.42 -13.32 -3.54
N GLN C 45 36.41 -13.69 -2.74
CA GLN C 45 37.72 -14.07 -3.28
C GLN C 45 37.59 -15.19 -4.30
N SER C 46 36.68 -16.12 -4.02
CA SER C 46 36.55 -17.30 -4.86
C SER C 46 35.97 -16.98 -6.23
N THR C 47 35.50 -15.75 -6.43
CA THR C 47 34.84 -15.42 -7.70
C THR C 47 35.84 -14.91 -8.75
N GLN C 48 37.11 -14.77 -8.34
CA GLN C 48 38.14 -14.21 -9.23
C GLN C 48 38.25 -14.95 -10.57
N PRO C 49 38.24 -16.28 -10.55
CA PRO C 49 38.34 -17.04 -11.82
C PRO C 49 37.20 -16.71 -12.80
N THR C 50 35.96 -16.76 -12.34
CA THR C 50 34.80 -16.33 -13.12
C THR C 50 34.98 -14.91 -13.66
N TYR C 51 35.38 -14.01 -12.78
CA TYR C 51 35.59 -12.61 -13.13
C TYR C 51 36.59 -12.50 -14.27
N ALA C 52 37.73 -13.17 -14.14
CA ALA C 52 38.77 -13.11 -15.16
C ALA C 52 38.25 -13.66 -16.49
N ALA C 53 37.42 -14.69 -16.42
CA ALA C 53 36.83 -15.26 -17.63
C ALA C 53 35.96 -14.21 -18.32
N ALA C 54 35.23 -13.44 -17.52
CA ALA C 54 34.36 -12.40 -18.05
C ALA C 54 35.20 -11.31 -18.69
N VAL C 55 36.33 -11.01 -18.06
CA VAL C 55 37.29 -10.07 -18.62
C VAL C 55 37.74 -10.56 -20.00
N SER C 56 37.96 -11.87 -20.11
CA SER C 56 38.40 -12.47 -21.37
C SER C 56 37.34 -12.33 -22.46
N ALA C 57 36.07 -12.32 -22.07
CA ALA C 57 34.97 -12.10 -23.01
C ALA C 57 34.73 -10.61 -23.27
N GLY C 58 35.55 -9.76 -22.68
CA GLY C 58 35.52 -8.34 -22.99
C GLY C 58 34.52 -7.52 -22.18
N ILE C 59 34.04 -8.06 -21.06
CA ILE C 59 33.06 -7.32 -20.28
C ILE C 59 33.58 -5.97 -19.77
N LEU C 60 34.84 -5.91 -19.37
CA LEU C 60 35.41 -4.65 -18.88
C LEU C 60 35.66 -3.65 -20.02
N LYS C 61 36.08 -4.14 -21.18
CA LYS C 61 36.18 -3.27 -22.34
C LYS C 61 34.82 -2.63 -22.61
N GLY C 62 33.75 -3.40 -22.40
CA GLY C 62 32.39 -2.91 -22.59
C GLY C 62 31.90 -1.87 -21.59
N GLN C 63 32.74 -1.56 -20.60
CA GLN C 63 32.37 -0.60 -19.57
C GLN C 63 33.08 0.70 -19.82
N ILE C 64 33.80 0.77 -20.92
CA ILE C 64 34.61 1.94 -21.24
C ILE C 64 34.12 2.52 -22.56
N SER C 65 33.90 3.84 -22.59
CA SER C 65 33.35 4.46 -23.79
C SER C 65 34.36 4.42 -24.93
N PRO C 66 33.87 4.26 -26.18
CA PRO C 66 34.73 4.20 -27.37
C PRO C 66 35.66 5.40 -27.46
N ALA C 67 35.27 6.50 -26.84
CA ALA C 67 36.07 7.73 -26.82
C ALA C 67 37.37 7.53 -26.05
N HIS C 68 37.44 6.49 -25.23
CA HIS C 68 38.62 6.21 -24.44
C HIS C 68 39.21 4.86 -24.80
N GLY C 69 38.74 4.29 -25.91
CA GLY C 69 39.28 3.02 -26.38
C GLY C 69 38.39 1.80 -26.17
N GLY C 70 37.33 1.96 -25.38
CA GLY C 70 36.47 0.83 -25.05
C GLY C 70 35.49 0.43 -26.12
N THR C 71 34.56 -0.46 -25.76
CA THR C 71 33.51 -0.91 -26.66
C THR C 71 32.14 -0.59 -26.05
N GLY C 72 32.11 0.37 -25.14
CA GLY C 72 30.87 0.72 -24.44
C GLY C 72 29.71 1.00 -25.38
N GLY C 73 28.52 0.55 -24.98
CA GLY C 73 27.32 0.75 -25.76
C GLY C 73 26.36 1.73 -25.10
N THR C 74 25.08 1.56 -25.35
CA THR C 74 24.07 2.48 -24.82
C THR C 74 23.58 2.07 -23.43
N LEU C 75 22.99 3.02 -22.71
CA LEU C 75 22.39 2.74 -21.41
C LEU C 75 21.27 1.72 -21.56
N ILE C 76 20.56 1.76 -22.70
CA ILE C 76 19.50 0.80 -22.96
C ILE C 76 20.05 -0.61 -23.03
N GLU C 77 21.19 -0.77 -23.69
CA GLU C 77 21.80 -2.10 -23.76
C GLU C 77 22.29 -2.56 -22.40
N SER C 78 22.82 -1.65 -21.59
CA SER C 78 23.22 -1.98 -20.22
C SER C 78 22.02 -2.44 -19.36
N ALA C 79 20.87 -1.80 -19.57
CA ALA C 79 19.64 -2.18 -18.87
C ALA C 79 19.23 -3.60 -19.22
N ILE C 80 19.34 -3.95 -20.49
CA ILE C 80 18.97 -5.30 -20.93
C ILE C 80 19.92 -6.34 -20.32
N LEU C 81 21.20 -6.00 -20.26
CA LEU C 81 22.23 -6.89 -19.71
C LEU C 81 22.03 -7.04 -18.20
N VAL C 82 21.86 -5.91 -17.53
CA VAL C 82 21.67 -5.92 -16.08
C VAL C 82 20.41 -6.67 -15.65
N GLU C 83 19.29 -6.49 -16.37
CA GLU C 83 18.07 -7.23 -16.07
C GLU C 83 18.30 -8.74 -16.11
N GLU C 84 18.93 -9.20 -17.18
CA GLU C 84 19.15 -10.63 -17.37
C GLU C 84 20.09 -11.22 -16.30
N CYS C 85 21.16 -10.50 -15.99
CA CYS C 85 22.12 -10.99 -15.00
C CYS C 85 21.49 -11.06 -13.61
N TYR C 86 20.68 -10.07 -13.27
CA TYR C 86 19.99 -10.08 -11.97
C TYR C 86 18.88 -11.12 -11.91
N SER C 87 18.35 -11.52 -13.06
CA SER C 87 17.35 -12.58 -13.05
C SER C 87 17.99 -13.95 -12.81
N VAL C 88 19.32 -14.02 -12.88
CA VAL C 88 20.03 -15.31 -12.74
C VAL C 88 20.95 -15.37 -11.52
N GLU C 89 21.85 -14.41 -11.38
CA GLU C 89 22.83 -14.45 -10.30
C GLU C 89 23.29 -13.05 -9.90
N PRO C 90 22.52 -12.39 -9.01
CA PRO C 90 22.80 -11.00 -8.61
C PRO C 90 24.19 -10.77 -8.01
N SER C 91 24.64 -11.66 -7.14
CA SER C 91 25.89 -11.38 -6.40
C SER C 91 27.14 -11.34 -7.29
N ALA C 92 27.40 -12.41 -8.03
CA ALA C 92 28.53 -12.43 -8.96
C ALA C 92 28.42 -11.28 -9.98
N ALA C 93 27.19 -11.00 -10.44
CA ALA C 93 26.99 -9.91 -11.38
C ALA C 93 27.43 -8.57 -10.81
N LEU C 94 27.07 -8.28 -9.55
CA LEU C 94 27.32 -6.96 -8.99
C LEU C 94 28.80 -6.61 -8.90
N THR C 95 29.62 -7.59 -8.54
CA THR C 95 31.06 -7.33 -8.46
C THR C 95 31.57 -6.80 -9.80
N ILE C 96 31.09 -7.40 -10.88
CA ILE C 96 31.41 -6.94 -12.23
C ILE C 96 30.83 -5.55 -12.52
N PHE C 97 29.54 -5.36 -12.26
CA PHE C 97 28.95 -4.03 -12.49
C PHE C 97 29.60 -2.95 -11.64
N ALA C 98 30.12 -3.29 -10.46
CA ALA C 98 30.76 -2.29 -9.60
C ALA C 98 32.04 -1.71 -10.20
N THR C 99 32.78 -2.54 -10.92
CA THR C 99 33.95 -2.06 -11.64
C THR C 99 33.49 -1.06 -12.69
N GLY C 100 32.39 -1.39 -13.37
CA GLY C 100 31.75 -0.47 -14.30
C GLY C 100 31.44 0.86 -13.65
N LEU C 101 30.90 0.83 -12.44
CA LEU C 101 30.63 2.07 -11.70
C LEU C 101 31.94 2.77 -11.36
N GLY C 102 32.93 2.00 -10.94
CA GLY C 102 34.24 2.55 -10.66
C GLY C 102 34.79 3.32 -11.86
N LEU C 103 34.56 2.80 -13.06
CA LEU C 103 35.12 3.39 -14.28
C LEU C 103 34.30 4.60 -14.78
N THR C 104 33.04 4.67 -14.39
CA THR C 104 32.15 5.72 -14.88
C THR C 104 32.65 7.15 -14.71
N PRO C 105 33.16 7.52 -13.52
CA PRO C 105 33.68 8.88 -13.37
C PRO C 105 34.82 9.21 -14.37
N ILE C 106 35.59 8.21 -14.77
CA ILE C 106 36.64 8.43 -15.76
C ILE C 106 36.01 8.62 -17.15
N ASN C 107 35.13 7.70 -17.52
CA ASN C 107 34.32 7.84 -18.73
C ASN C 107 33.71 9.23 -18.87
N LEU C 108 33.39 9.85 -17.74
CA LEU C 108 32.71 11.15 -17.73
C LEU C 108 33.65 12.34 -17.70
N ALA C 109 34.81 12.20 -17.08
CA ALA C 109 35.64 13.38 -16.79
C ALA C 109 37.14 13.22 -17.07
N ALA C 110 37.53 12.12 -17.69
CA ALA C 110 38.94 11.84 -17.93
C ALA C 110 39.60 12.89 -18.84
N GLY C 111 40.88 13.13 -18.59
CA GLY C 111 41.71 13.94 -19.46
C GLY C 111 42.72 13.05 -20.16
N PRO C 112 43.52 13.64 -21.05
CA PRO C 112 44.54 12.88 -21.78
C PRO C 112 45.46 12.13 -20.83
N GLN C 113 45.75 12.73 -19.69
CA GLN C 113 46.69 12.15 -18.72
C GLN C 113 46.10 10.98 -17.93
N HIS C 114 44.81 10.71 -18.11
CA HIS C 114 44.15 9.65 -17.35
C HIS C 114 44.07 8.36 -18.15
N ALA C 115 44.55 8.40 -19.38
CA ALA C 115 44.51 7.25 -20.25
C ALA C 115 45.30 6.07 -19.67
N GLU C 116 46.45 6.37 -19.07
CA GLU C 116 47.30 5.33 -18.50
C GLU C 116 46.56 4.53 -17.42
N PHE C 117 45.72 5.21 -16.65
CA PHE C 117 44.95 4.57 -15.59
C PHE C 117 43.95 3.55 -16.13
N LEU C 118 43.51 3.72 -17.38
CA LEU C 118 42.51 2.84 -17.97
C LEU C 118 43.12 1.60 -18.63
N ALA C 119 44.42 1.64 -18.84
CA ALA C 119 45.12 0.59 -19.59
C ALA C 119 44.82 -0.84 -19.13
N PRO C 120 44.90 -1.10 -17.82
CA PRO C 120 44.66 -2.47 -17.35
C PRO C 120 43.26 -2.97 -17.70
N PHE C 121 42.32 -2.04 -17.84
CA PHE C 121 40.92 -2.40 -18.06
C PHE C 121 40.60 -2.55 -19.53
N LEU C 122 41.51 -2.10 -20.39
CA LEU C 122 41.33 -2.24 -21.82
C LEU C 122 42.15 -3.42 -22.34
N SER C 123 42.90 -4.04 -21.43
CA SER C 123 43.86 -5.08 -21.79
C SER C 123 43.22 -6.37 -22.28
N GLY C 124 42.00 -6.65 -21.82
CA GLY C 124 41.33 -7.87 -22.20
C GLY C 124 41.82 -9.10 -21.46
N GLU C 125 42.63 -8.91 -20.43
CA GLU C 125 43.07 -10.02 -19.60
C GLU C 125 43.36 -9.66 -18.15
N GLY C 126 43.66 -10.67 -17.35
CA GLY C 126 43.83 -10.48 -15.93
C GLY C 126 42.48 -10.40 -15.26
N SER C 127 42.40 -9.66 -14.16
CA SER C 127 41.14 -9.51 -13.46
C SER C 127 41.14 -8.25 -12.63
N PRO C 128 41.40 -7.12 -13.29
CA PRO C 128 41.54 -5.84 -12.60
C PRO C 128 40.18 -5.41 -12.03
N LEU C 129 40.19 -4.87 -10.81
CA LEU C 129 38.97 -4.40 -10.15
C LEU C 129 39.02 -2.87 -10.04
N ALA C 130 37.87 -2.23 -10.25
CA ALA C 130 37.73 -0.78 -10.05
C ALA C 130 36.65 -0.48 -9.01
N SER C 131 36.71 0.69 -8.38
CA SER C 131 35.73 1.00 -7.36
C SER C 131 35.40 2.50 -7.34
N LEU C 132 34.12 2.82 -7.27
CA LEU C 132 33.75 4.18 -6.94
C LEU C 132 33.64 4.27 -5.42
N VAL C 133 34.60 4.96 -4.81
CA VAL C 133 34.74 4.98 -3.36
C VAL C 133 34.15 6.25 -2.75
N PHE C 134 32.88 6.15 -2.34
CA PHE C 134 32.10 7.31 -1.96
C PHE C 134 31.64 7.21 -0.50
N SER C 135 30.94 6.13 -0.19
CA SER C 135 30.30 5.96 1.11
C SER C 135 31.27 5.86 2.29
N GLU C 136 30.81 6.28 3.46
CA GLU C 136 31.63 6.31 4.65
C GLU C 136 30.85 5.74 5.82
N PRO C 137 31.56 5.22 6.84
CA PRO C 137 30.89 4.57 7.97
C PRO C 137 29.82 5.44 8.61
N GLY C 138 30.05 6.75 8.69
CA GLY C 138 29.12 7.65 9.36
C GLY C 138 27.96 8.18 8.51
N GLY C 139 27.81 7.66 7.29
CA GLY C 139 26.77 8.12 6.38
C GLY C 139 27.26 9.19 5.42
N VAL C 140 26.57 9.35 4.29
CA VAL C 140 26.94 10.39 3.31
C VAL C 140 25.74 11.12 2.67
N ALA C 141 24.52 10.84 3.13
CA ALA C 141 23.35 11.53 2.58
C ALA C 141 23.49 13.02 2.79
N ASN C 142 24.23 13.40 3.83
CA ASN C 142 24.37 14.80 4.21
C ASN C 142 25.78 15.34 3.99
N ALA C 143 26.53 14.69 3.10
CA ALA C 143 27.92 15.10 2.83
C ALA C 143 28.00 16.56 2.38
N LEU C 144 27.01 16.99 1.61
CA LEU C 144 27.04 18.34 1.03
C LEU C 144 26.24 19.37 1.83
N GLU C 145 25.70 18.94 2.97
CA GLU C 145 24.80 19.78 3.74
C GLU C 145 25.52 20.91 4.47
N LYS C 146 25.08 22.15 4.26
CA LYS C 146 25.67 23.26 5.00
C LYS C 146 25.48 23.05 6.50
N GLY C 147 26.51 23.38 7.27
CA GLY C 147 26.47 23.21 8.71
C GLY C 147 26.81 21.82 9.18
N ALA C 148 26.90 20.88 8.25
CA ALA C 148 27.29 19.51 8.59
C ALA C 148 28.81 19.37 8.50
N PRO C 149 29.36 18.30 9.09
CA PRO C 149 30.82 18.08 9.04
C PRO C 149 31.35 17.89 7.62
N GLY C 150 30.56 17.29 6.74
CA GLY C 150 31.04 17.00 5.40
C GLY C 150 31.73 15.65 5.33
N PHE C 151 32.30 15.32 4.17
CA PHE C 151 33.00 14.05 4.01
C PHE C 151 34.05 13.91 5.10
N GLN C 152 34.15 12.72 5.67
CA GLN C 152 35.15 12.45 6.69
C GLN C 152 36.51 12.21 6.02
N THR C 153 36.48 11.81 4.76
CA THR C 153 37.70 11.59 3.98
C THR C 153 38.18 12.89 3.34
N THR C 154 39.45 13.20 3.58
CA THR C 154 40.01 14.46 3.12
C THR C 154 41.28 14.26 2.29
N ALA C 155 41.61 15.27 1.50
CA ALA C 155 42.85 15.31 0.75
C ALA C 155 43.39 16.70 0.91
N ARG C 156 44.70 16.81 1.08
CA ARG C 156 45.32 18.13 1.17
C ARG C 156 46.60 18.21 0.33
N LEU C 157 46.73 19.31 -0.40
CA LEU C 157 47.86 19.54 -1.28
C LEU C 157 49.10 19.91 -0.47
N GLU C 158 50.10 19.04 -0.49
CA GLU C 158 51.35 19.29 0.19
C GLU C 158 52.51 19.20 -0.80
N GLY C 159 52.95 20.36 -1.26
CA GLY C 159 53.99 20.45 -2.28
C GLY C 159 53.48 20.05 -3.66
N ASP C 160 53.85 18.85 -4.09
CA ASP C 160 53.48 18.37 -5.42
C ASP C 160 52.71 17.05 -5.34
N GLU C 161 52.32 16.67 -4.13
CA GLU C 161 51.52 15.46 -3.92
C GLU C 161 50.28 15.72 -3.08
N TRP C 162 49.18 15.07 -3.44
CA TRP C 162 47.95 15.17 -2.67
C TRP C 162 47.98 14.07 -1.62
N VAL C 163 47.67 14.43 -0.38
CA VAL C 163 47.69 13.45 0.71
C VAL C 163 46.28 13.07 1.16
N ILE C 164 45.93 11.79 1.02
CA ILE C 164 44.57 11.35 1.31
C ILE C 164 44.43 10.65 2.66
N ASN C 165 43.49 11.13 3.47
CA ASN C 165 43.18 10.54 4.77
C ASN C 165 41.68 10.34 5.01
N GLY C 166 41.28 9.13 5.37
CA GLY C 166 39.91 8.90 5.77
C GLY C 166 39.46 7.46 5.76
N GLU C 167 38.26 7.22 6.29
CA GLU C 167 37.67 5.90 6.28
C GLU C 167 36.48 5.84 5.32
N LYS C 168 36.35 4.73 4.60
CA LYS C 168 35.23 4.53 3.69
C LYS C 168 34.59 3.20 4.05
N MET C 169 33.37 2.98 3.56
CA MET C 169 32.65 1.75 3.82
C MET C 169 31.63 1.51 2.71
N TRP C 170 31.31 0.24 2.44
CA TRP C 170 30.30 -0.12 1.44
C TRP C 170 30.78 0.03 0.00
N ALA C 171 31.98 0.57 -0.19
CA ALA C 171 32.49 0.81 -1.55
C ALA C 171 32.92 -0.49 -2.20
N THR C 172 32.03 -1.06 -3.02
CA THR C 172 32.25 -2.35 -3.64
C THR C 172 33.55 -2.45 -4.43
N ASN C 173 34.31 -3.52 -4.18
CA ASN C 173 35.58 -3.79 -4.85
C ASN C 173 36.78 -3.01 -4.31
N CYS C 174 36.57 -2.05 -3.42
CA CYS C 174 37.66 -1.14 -3.10
C CYS C 174 38.92 -1.82 -2.49
N ALA C 175 38.75 -2.99 -1.90
CA ALA C 175 39.87 -3.63 -1.21
C ALA C 175 40.62 -4.63 -2.09
N GLY C 176 40.10 -4.89 -3.28
CA GLY C 176 40.73 -5.83 -4.19
C GLY C 176 40.62 -7.27 -3.74
N TRP C 177 41.15 -8.18 -4.56
CA TRP C 177 41.05 -9.61 -4.30
C TRP C 177 41.76 -10.07 -3.01
N ASP C 178 42.88 -9.44 -2.70
CA ASP C 178 43.69 -9.85 -1.55
C ASP C 178 43.49 -8.91 -0.36
N PHE C 179 42.48 -8.04 -0.47
CA PHE C 179 42.13 -7.10 0.59
C PHE C 179 43.19 -6.04 0.86
N LYS C 180 44.13 -5.84 -0.05
CA LYS C 180 45.16 -4.82 0.17
C LYS C 180 45.05 -3.62 -0.77
N GLY C 181 43.94 -3.51 -1.49
CA GLY C 181 43.75 -2.38 -2.38
C GLY C 181 43.49 -2.82 -3.81
N CYS C 182 42.40 -2.29 -4.39
CA CYS C 182 42.03 -2.66 -5.74
C CYS C 182 42.87 -1.88 -6.75
N ASP C 183 42.87 -2.34 -7.99
CA ASP C 183 43.66 -1.69 -9.05
C ASP C 183 43.38 -0.20 -9.17
N LEU C 184 42.11 0.16 -9.26
CA LEU C 184 41.74 1.56 -9.52
C LEU C 184 40.56 1.99 -8.65
N ALA C 185 40.80 2.93 -7.75
CA ALA C 185 39.71 3.46 -6.93
C ALA C 185 39.52 4.94 -7.23
N CYS C 186 38.29 5.32 -7.57
CA CYS C 186 37.96 6.74 -7.68
C CYS C 186 37.51 7.19 -6.31
N VAL C 187 38.37 7.89 -5.59
CA VAL C 187 38.08 8.29 -4.22
C VAL C 187 37.44 9.67 -4.18
N VAL C 188 36.20 9.72 -3.72
CA VAL C 188 35.50 10.99 -3.57
C VAL C 188 35.81 11.53 -2.17
N CYS C 189 36.18 12.80 -2.08
CA CYS C 189 36.62 13.36 -0.82
C CYS C 189 36.62 14.88 -0.81
N ARG C 190 36.96 15.44 0.34
CA ARG C 190 36.84 16.87 0.56
C ARG C 190 38.20 17.57 0.68
N ASP C 191 38.49 18.46 -0.26
CA ASP C 191 39.70 19.29 -0.20
C ASP C 191 39.80 20.03 1.14
N ALA C 192 40.88 19.81 1.86
CA ALA C 192 41.08 20.46 3.16
C ALA C 192 42.37 21.28 3.21
N THR C 193 42.96 21.51 2.04
CA THR C 193 44.17 22.32 1.93
C THR C 193 43.95 23.70 2.54
N THR C 194 42.80 24.31 2.24
CA THR C 194 42.35 25.52 2.91
C THR C 194 40.95 25.27 3.50
N PRO C 195 40.63 25.90 4.64
CA PRO C 195 39.35 25.63 5.29
C PRO C 195 38.15 26.10 4.48
N LEU C 196 37.04 25.38 4.60
CA LEU C 196 35.78 25.87 4.04
C LEU C 196 35.50 27.21 4.70
N GLU C 197 35.16 28.21 3.89
CA GLU C 197 34.95 29.56 4.41
C GLU C 197 33.53 29.72 4.97
N GLU C 198 33.37 30.70 5.85
CA GLU C 198 32.09 30.93 6.51
C GLU C 198 30.93 30.99 5.53
N GLY C 199 30.04 30.00 5.61
CA GLY C 199 28.82 29.98 4.82
C GLY C 199 29.01 29.53 3.37
N GLN C 200 30.21 29.04 3.07
CA GLN C 200 30.53 28.59 1.71
C GLN C 200 29.88 27.24 1.43
N ASP C 201 29.52 27.00 0.17
CA ASP C 201 28.90 25.76 -0.24
C ASP C 201 29.91 24.61 -0.20
N PRO C 202 29.71 23.63 0.71
CA PRO C 202 30.63 22.51 0.86
C PRO C 202 30.90 21.78 -0.46
N GLU C 203 29.94 21.84 -1.39
CA GLU C 203 30.14 21.24 -2.71
C GLU C 203 31.38 21.81 -3.39
N ASN C 204 31.81 22.99 -2.94
CA ASN C 204 32.95 23.68 -3.51
C ASN C 204 34.27 22.95 -3.26
N LYS C 205 34.30 22.06 -2.27
CA LYS C 205 35.54 21.41 -1.84
C LYS C 205 35.63 19.96 -2.32
N VAL C 206 34.57 19.44 -2.92
CA VAL C 206 34.55 18.02 -3.24
C VAL C 206 35.42 17.69 -4.45
N MET C 207 36.25 16.67 -4.30
CA MET C 207 37.17 16.24 -5.36
C MET C 207 36.98 14.76 -5.65
N ILE C 208 37.44 14.32 -6.80
CA ILE C 208 37.64 12.89 -7.00
C ILE C 208 39.11 12.67 -7.35
N ILE C 209 39.78 11.89 -6.52
CA ILE C 209 41.19 11.56 -6.73
C ILE C 209 41.34 10.06 -6.99
N LEU C 210 42.13 9.71 -8.00
CA LEU C 210 42.41 8.31 -8.28
C LEU C 210 43.46 7.76 -7.32
N VAL C 211 43.30 6.50 -6.94
CA VAL C 211 44.29 5.79 -6.15
C VAL C 211 44.42 4.39 -6.73
N THR C 212 45.62 4.05 -7.20
CA THR C 212 45.87 2.73 -7.78
C THR C 212 46.49 1.80 -6.74
N ARG C 213 46.43 0.51 -6.99
CA ARG C 213 47.14 -0.44 -6.13
C ARG C 213 48.60 -0.01 -6.08
N ALA C 214 49.14 0.39 -7.22
CA ALA C 214 50.51 0.89 -7.31
C ALA C 214 50.78 2.00 -6.29
N ASP C 215 49.95 3.03 -6.31
CA ASP C 215 50.07 4.12 -5.35
C ASP C 215 50.13 3.58 -3.92
N LEU C 216 49.27 2.61 -3.62
CA LEU C 216 49.18 2.07 -2.27
C LEU C 216 50.46 1.30 -1.90
N ASP C 217 50.96 0.51 -2.84
CA ASP C 217 52.18 -0.24 -2.64
C ASP C 217 53.35 0.71 -2.38
N ARG C 218 53.46 1.74 -3.21
CA ARG C 218 54.50 2.73 -3.06
C ARG C 218 54.44 3.40 -1.68
N ASN C 219 53.25 3.46 -1.11
CA ASN C 219 53.05 4.20 0.14
C ASN C 219 53.42 3.38 1.36
N GLY C 220 53.54 2.08 1.17
CA GLY C 220 54.14 1.21 2.16
C GLY C 220 53.22 0.50 3.12
N GLU C 221 53.75 0.24 4.31
CA GLU C 221 53.06 -0.52 5.33
C GLU C 221 51.90 0.26 5.91
N GLY C 222 50.73 -0.34 5.85
CA GLY C 222 49.56 0.22 6.50
C GLY C 222 49.01 1.51 5.93
N SER C 223 49.29 1.81 4.67
CA SER C 223 48.64 2.98 4.08
C SER C 223 47.19 2.65 3.74
N PHE C 224 46.90 1.36 3.57
CA PHE C 224 45.54 0.88 3.36
C PHE C 224 45.26 -0.27 4.32
N GLU C 225 44.08 -0.25 4.92
CA GLU C 225 43.72 -1.28 5.88
C GLU C 225 42.22 -1.58 5.87
N VAL C 226 41.88 -2.86 5.81
CA VAL C 226 40.51 -3.28 6.05
C VAL C 226 40.27 -3.33 7.56
N LEU C 227 39.37 -2.47 8.05
CA LEU C 227 39.01 -2.45 9.46
C LEU C 227 37.92 -3.47 9.81
N ARG C 228 37.00 -3.73 8.88
CA ARG C 228 35.97 -4.74 9.12
C ARG C 228 35.31 -5.23 7.82
N HIS C 229 35.21 -6.55 7.68
CA HIS C 229 34.43 -7.12 6.61
C HIS C 229 32.98 -7.14 7.07
N VAL C 230 32.08 -6.67 6.21
CA VAL C 230 30.66 -6.64 6.51
C VAL C 230 29.97 -7.85 5.91
N ALA C 231 29.25 -8.59 6.73
CA ALA C 231 28.45 -9.71 6.22
C ALA C 231 27.04 -9.21 5.91
N THR C 232 26.50 -9.64 4.77
CA THR C 232 25.22 -9.13 4.26
C THR C 232 24.27 -10.30 3.97
N PRO C 233 22.94 -10.06 3.95
CA PRO C 233 22.02 -11.20 3.81
C PRO C 233 21.89 -11.67 2.36
N GLY C 234 22.23 -10.80 1.43
CA GLY C 234 22.26 -11.12 0.03
C GLY C 234 23.55 -10.52 -0.51
N HIS C 235 23.86 -10.71 -1.79
CA HIS C 235 25.12 -10.24 -2.34
C HIS C 235 26.29 -10.71 -1.47
N THR C 236 26.31 -12.01 -1.16
CA THR C 236 27.29 -12.54 -0.20
C THR C 236 28.70 -12.68 -0.76
N SER C 237 28.83 -12.62 -2.08
CA SER C 237 30.13 -12.70 -2.74
C SER C 237 30.60 -11.30 -3.10
N VAL C 238 29.91 -10.29 -2.59
CA VAL C 238 30.28 -8.92 -2.88
C VAL C 238 31.05 -8.34 -1.71
N SER C 239 32.12 -7.61 -1.99
CA SER C 239 33.00 -7.13 -0.94
C SER C 239 33.13 -5.61 -0.92
N GLY C 240 32.56 -4.98 0.09
CA GLY C 240 32.64 -3.53 0.26
C GLY C 240 32.94 -3.13 1.70
N PRO C 241 34.10 -3.56 2.21
CA PRO C 241 34.44 -3.45 3.64
C PRO C 241 34.60 -2.04 4.18
N HIS C 242 34.57 -1.94 5.50
CA HIS C 242 35.00 -0.75 6.21
C HIS C 242 36.52 -0.66 6.11
N VAL C 243 37.04 0.40 5.50
CA VAL C 243 38.48 0.51 5.27
C VAL C 243 39.01 1.87 5.67
N ARG C 244 40.33 1.98 5.76
CA ARG C 244 40.96 3.25 6.09
C ARG C 244 42.14 3.58 5.16
N TYR C 245 42.16 4.78 4.62
CA TYR C 245 43.32 5.26 3.90
C TYR C 245 44.10 6.14 4.84
N THR C 246 45.38 5.81 5.04
CA THR C 246 46.22 6.58 5.95
C THR C 246 47.40 7.20 5.20
N ASN C 247 47.46 8.53 5.20
CA ASN C 247 48.49 9.29 4.51
C ASN C 247 48.90 8.72 3.15
N VAL C 248 47.91 8.50 2.30
CA VAL C 248 48.15 8.05 0.94
C VAL C 248 48.51 9.24 0.05
N ARG C 249 49.78 9.32 -0.33
CA ARG C 249 50.27 10.43 -1.13
C ARG C 249 50.29 10.06 -2.61
N VAL C 250 49.69 10.90 -3.46
CA VAL C 250 49.66 10.64 -4.89
C VAL C 250 50.07 11.89 -5.68
N PRO C 251 50.60 11.70 -6.89
CA PRO C 251 51.00 12.78 -7.79
C PRO C 251 49.79 13.56 -8.26
N THR C 252 50.00 14.78 -8.73
CA THR C 252 48.89 15.62 -9.20
C THR C 252 48.12 15.02 -10.37
N LYS C 253 48.72 14.05 -11.06
CA LYS C 253 48.05 13.43 -12.20
C LYS C 253 46.90 12.52 -11.77
N ASN C 254 46.84 12.24 -10.48
CA ASN C 254 45.81 11.34 -9.95
C ASN C 254 44.48 12.04 -9.74
N VAL C 255 44.50 13.36 -9.70
CA VAL C 255 43.28 14.15 -9.57
C VAL C 255 42.41 14.00 -10.84
N LEU C 256 41.23 13.43 -10.67
CA LEU C 256 40.24 13.32 -11.75
C LEU C 256 39.35 14.57 -11.78
N CYS C 257 38.81 14.94 -10.63
CA CYS C 257 38.03 16.17 -10.51
C CYS C 257 38.58 17.07 -9.41
N PRO C 258 38.98 18.30 -9.77
CA PRO C 258 39.52 19.26 -8.80
C PRO C 258 38.41 19.77 -7.86
N ALA C 259 38.81 20.25 -6.69
CA ALA C 259 37.88 20.77 -5.70
C ALA C 259 36.76 21.58 -6.35
N GLY C 260 35.52 21.14 -6.13
CA GLY C 260 34.36 21.85 -6.64
C GLY C 260 33.77 21.25 -7.90
N GLN C 261 34.40 20.20 -8.41
CA GLN C 261 33.93 19.52 -9.61
C GLN C 261 33.58 18.06 -9.32
N GLY C 262 33.96 17.58 -8.15
CA GLY C 262 33.79 16.17 -7.81
C GLY C 262 32.35 15.75 -7.60
N ALA C 263 31.57 16.62 -6.97
CA ALA C 263 30.18 16.30 -6.65
C ALA C 263 29.36 16.05 -7.90
N LYS C 264 29.46 16.95 -8.87
CA LYS C 264 28.68 16.85 -10.11
C LYS C 264 29.01 15.57 -10.85
N VAL C 265 30.29 15.22 -10.89
CA VAL C 265 30.71 14.01 -11.59
C VAL C 265 30.26 12.76 -10.85
N ALA C 266 30.39 12.76 -9.53
CA ALA C 266 29.94 11.63 -8.74
C ALA C 266 28.43 11.44 -8.93
N PHE C 267 27.69 12.53 -8.89
CA PHE C 267 26.24 12.43 -9.01
C PHE C 267 25.82 12.08 -10.44
N GLY C 268 26.64 12.45 -11.42
CA GLY C 268 26.39 12.06 -12.79
C GLY C 268 26.53 10.56 -12.92
N ALA C 269 27.55 10.00 -12.28
CA ALA C 269 27.74 8.56 -12.30
C ALA C 269 26.53 7.90 -11.64
N PHE C 270 26.07 8.50 -10.55
CA PHE C 270 24.92 7.95 -9.83
C PHE C 270 23.59 8.04 -10.59
N ASP C 271 23.48 9.00 -11.52
CA ASP C 271 22.28 9.07 -12.35
C ASP C 271 22.23 7.89 -13.31
N GLY C 272 23.35 7.59 -13.95
CA GLY C 272 23.41 6.43 -14.82
C GLY C 272 23.13 5.16 -14.05
N SER C 273 23.76 5.00 -12.88
CA SER C 273 23.56 3.77 -12.12
C SER C 273 22.11 3.63 -11.60
N ALA C 274 21.45 4.76 -11.37
CA ALA C 274 20.04 4.75 -11.00
C ALA C 274 19.17 4.00 -12.03
N VAL C 275 19.44 4.25 -13.31
CA VAL C 275 18.76 3.52 -14.37
C VAL C 275 19.01 2.02 -14.26
N LEU C 276 20.25 1.62 -13.97
CA LEU C 276 20.58 0.20 -13.95
C LEU C 276 20.05 -0.49 -12.68
N VAL C 277 19.92 0.24 -11.59
CA VAL C 277 19.26 -0.29 -10.41
C VAL C 277 17.80 -0.61 -10.77
N GLY C 278 17.21 0.23 -11.60
CA GLY C 278 15.88 -0.07 -12.14
C GLY C 278 15.88 -1.42 -12.82
N ALA C 279 16.90 -1.65 -13.64
CA ALA C 279 17.01 -2.90 -14.37
C ALA C 279 17.24 -4.07 -13.42
N MET C 280 18.04 -3.82 -12.37
CA MET C 280 18.24 -4.85 -11.35
C MET C 280 16.91 -5.25 -10.75
N GLY C 281 16.08 -4.24 -10.47
CA GLY C 281 14.77 -4.50 -9.89
C GLY C 281 13.90 -5.30 -10.84
N VAL C 282 13.88 -4.91 -12.12
CA VAL C 282 13.13 -5.68 -13.12
C VAL C 282 13.58 -7.16 -13.16
N GLY C 283 14.89 -7.38 -13.14
CA GLY C 283 15.42 -8.73 -13.20
C GLY C 283 15.01 -9.61 -12.02
N LEU C 284 15.05 -9.05 -10.80
CA LEU C 284 14.59 -9.82 -9.64
C LEU C 284 13.11 -10.10 -9.75
N MET C 285 12.35 -9.14 -10.26
CA MET C 285 10.91 -9.29 -10.37
C MET C 285 10.59 -10.40 -11.37
N ARG C 286 11.24 -10.35 -12.52
CA ARG C 286 11.13 -11.43 -13.50
C ARG C 286 11.50 -12.78 -12.86
N ALA C 287 12.61 -12.84 -12.14
CA ALA C 287 13.01 -14.09 -11.50
C ALA C 287 11.94 -14.58 -10.52
N ALA C 288 11.40 -13.67 -9.72
CA ALA C 288 10.37 -14.05 -8.74
C ALA C 288 9.09 -14.54 -9.41
N PHE C 289 8.64 -13.82 -10.44
CA PHE C 289 7.45 -14.23 -11.19
C PHE C 289 7.65 -15.61 -11.83
N ASP C 290 8.75 -15.76 -12.56
CA ASP C 290 9.08 -17.04 -13.20
C ASP C 290 9.07 -18.22 -12.20
N ALA C 291 9.77 -18.07 -11.09
CA ALA C 291 9.84 -19.13 -10.08
C ALA C 291 8.46 -19.45 -9.52
N ALA C 292 7.67 -18.41 -9.27
CA ALA C 292 6.32 -18.60 -8.74
C ALA C 292 5.40 -19.28 -9.75
N LEU C 293 5.52 -18.86 -11.01
CA LEU C 293 4.71 -19.44 -12.08
C LEU C 293 5.05 -20.91 -12.26
N LYS C 294 6.35 -21.20 -12.32
CA LYS C 294 6.85 -22.57 -12.41
C LYS C 294 6.22 -23.43 -11.31
N PHE C 295 6.40 -23.02 -10.06
CA PHE C 295 5.81 -23.71 -8.92
C PHE C 295 4.31 -23.96 -9.09
N ALA C 296 3.59 -22.94 -9.55
CA ALA C 296 2.13 -23.05 -9.68
C ALA C 296 1.72 -23.99 -10.80
N LYS C 297 2.53 -24.06 -11.85
CA LYS C 297 2.25 -24.92 -12.98
C LYS C 297 2.48 -26.40 -12.64
N GLU C 298 3.25 -26.65 -11.57
CA GLU C 298 3.65 -28.02 -11.22
C GLU C 298 3.31 -28.46 -9.80
N ASP C 299 2.49 -27.68 -9.10
CA ASP C 299 2.03 -28.07 -7.77
C ASP C 299 0.69 -27.43 -7.43
N ASN C 300 -0.39 -28.23 -7.43
CA ASN C 300 -1.71 -27.68 -7.10
C ASN C 300 -2.01 -27.66 -5.59
N ARG C 301 -0.96 -27.89 -4.79
CA ARG C 301 -1.06 -27.88 -3.33
C ARG C 301 -2.05 -28.90 -2.83
N GLY C 302 -2.07 -30.06 -3.47
CA GLY C 302 -3.03 -31.10 -3.16
C GLY C 302 -4.46 -30.60 -3.29
N GLY C 303 -4.73 -29.81 -4.33
CA GLY C 303 -6.05 -29.24 -4.54
C GLY C 303 -6.90 -29.99 -5.55
N ALA C 304 -8.18 -29.63 -5.61
CA ALA C 304 -9.11 -30.24 -6.55
C ALA C 304 -9.17 -29.50 -7.89
N VAL C 305 -8.40 -28.41 -7.98
CA VAL C 305 -8.24 -27.65 -9.23
C VAL C 305 -6.79 -27.17 -9.34
N PRO C 306 -6.37 -26.73 -10.55
CA PRO C 306 -5.03 -26.14 -10.72
C PRO C 306 -4.86 -24.90 -9.83
N LEU C 307 -3.66 -24.71 -9.26
CA LEU C 307 -3.41 -23.58 -8.34
C LEU C 307 -3.90 -22.23 -8.92
N LEU C 308 -3.49 -21.93 -10.15
CA LEU C 308 -3.89 -20.69 -10.82
C LEU C 308 -5.41 -20.50 -10.88
N GLU C 309 -6.18 -21.51 -10.48
CA GLU C 309 -7.63 -21.36 -10.51
C GLU C 309 -8.20 -20.74 -9.24
N ARG C 310 -7.32 -20.38 -8.31
CA ARG C 310 -7.74 -19.64 -7.13
C ARG C 310 -7.63 -18.15 -7.43
N GLN C 311 -8.76 -17.43 -7.39
CA GLN C 311 -8.73 -16.00 -7.64
C GLN C 311 -7.60 -15.35 -6.83
N ALA C 312 -7.50 -15.73 -5.56
CA ALA C 312 -6.50 -15.16 -4.64
C ALA C 312 -5.03 -15.39 -5.04
N PHE C 313 -4.70 -16.61 -5.48
CA PHE C 313 -3.34 -16.90 -5.90
C PHE C 313 -2.94 -16.27 -7.25
N ALA C 314 -3.84 -16.37 -8.22
CA ALA C 314 -3.63 -15.77 -9.53
C ALA C 314 -3.48 -14.25 -9.40
N ASP C 315 -4.27 -13.65 -8.53
CA ASP C 315 -4.23 -12.19 -8.38
C ASP C 315 -2.89 -11.68 -7.85
N LEU C 316 -2.24 -12.45 -6.98
CA LEU C 316 -0.91 -12.10 -6.48
C LEU C 316 0.11 -12.17 -7.61
N LEU C 317 0.04 -13.21 -8.42
CA LEU C 317 1.00 -13.37 -9.52
C LEU C 317 0.80 -12.33 -10.62
N SER C 318 -0.45 -12.11 -11.03
CA SER C 318 -0.72 -11.15 -12.10
C SER C 318 -0.37 -9.73 -11.61
N GLY C 319 -0.56 -9.50 -10.31
CA GLY C 319 -0.10 -8.26 -9.70
C GLY C 319 1.40 -8.01 -9.87
N VAL C 320 2.20 -9.03 -9.58
CA VAL C 320 3.63 -8.99 -9.84
C VAL C 320 3.95 -8.73 -11.34
N LYS C 321 3.28 -9.45 -12.24
CA LYS C 321 3.51 -9.29 -13.68
C LYS C 321 3.27 -7.84 -14.10
N ILE C 322 2.16 -7.26 -13.65
CA ILE C 322 1.83 -5.90 -14.01
C ILE C 322 2.88 -4.92 -13.53
N GLN C 323 3.32 -5.08 -12.27
CA GLN C 323 4.33 -4.19 -11.73
C GLN C 323 5.67 -4.29 -12.49
N THR C 324 6.03 -5.52 -12.85
CA THR C 324 7.27 -5.78 -13.61
C THR C 324 7.22 -5.13 -15.00
N GLU C 325 6.08 -5.22 -15.67
CA GLU C 325 5.97 -4.61 -17.00
C GLU C 325 6.09 -3.08 -16.90
N ALA C 326 5.46 -2.51 -15.87
CA ALA C 326 5.59 -1.07 -15.63
C ALA C 326 7.04 -0.70 -15.30
N ALA C 327 7.68 -1.53 -14.48
CA ALA C 327 9.05 -1.28 -14.06
C ALA C 327 10.01 -1.27 -15.25
N ARG C 328 9.84 -2.23 -16.17
CA ARG C 328 10.73 -2.30 -17.34
C ARG C 328 10.48 -1.13 -18.29
N ALA C 329 9.21 -0.89 -18.60
CA ALA C 329 8.82 0.25 -19.43
C ALA C 329 9.44 1.55 -18.91
N LEU C 330 9.36 1.79 -17.61
CA LEU C 330 9.89 3.00 -17.00
C LEU C 330 11.41 3.03 -17.07
N THR C 331 12.03 1.88 -16.78
CA THR C 331 13.47 1.75 -16.87
C THR C 331 14.01 2.07 -18.28
N TRP C 332 13.36 1.51 -19.30
CA TRP C 332 13.79 1.74 -20.68
C TRP C 332 13.55 3.20 -21.08
N LYS C 333 12.42 3.76 -20.68
CA LYS C 333 12.17 5.18 -20.93
C LYS C 333 13.29 6.03 -20.34
N ALA C 334 13.64 5.76 -19.09
CA ALA C 334 14.71 6.51 -18.44
C ALA C 334 16.06 6.28 -19.16
N ALA C 335 16.33 5.04 -19.52
CA ALA C 335 17.56 4.71 -20.24
C ALA C 335 17.63 5.48 -21.55
N HIS C 336 16.52 5.49 -22.29
CA HIS C 336 16.44 6.20 -23.56
C HIS C 336 16.60 7.70 -23.34
N ALA C 337 15.84 8.24 -22.40
CA ALA C 337 15.84 9.69 -22.19
C ALA C 337 17.20 10.23 -21.72
N MET C 338 17.89 9.47 -20.88
CA MET C 338 19.19 9.91 -20.37
C MET C 338 20.16 10.23 -21.51
N GLU C 339 20.05 9.49 -22.61
CA GLU C 339 21.02 9.66 -23.71
C GLU C 339 20.46 10.32 -24.97
N ASN C 340 19.16 10.60 -24.97
CA ASN C 340 18.48 11.10 -26.17
C ASN C 340 17.49 12.23 -25.92
N GLY C 341 17.20 12.50 -24.65
CA GLY C 341 16.15 13.44 -24.31
C GLY C 341 14.80 12.89 -24.74
N PRO C 342 13.80 13.78 -24.90
CA PRO C 342 13.95 15.23 -24.85
C PRO C 342 14.11 15.79 -23.42
N GLY C 343 14.23 17.12 -23.32
CA GLY C 343 14.37 17.80 -22.05
C GLY C 343 15.81 18.08 -21.59
N ASP C 344 15.95 19.09 -20.71
CA ASP C 344 17.15 19.40 -19.92
C ASP C 344 17.81 18.16 -19.34
N TYR C 345 19.05 18.30 -18.89
CA TYR C 345 19.64 17.22 -18.10
C TYR C 345 18.85 17.06 -16.78
N ASP C 346 18.39 18.16 -16.22
CA ASP C 346 17.51 18.10 -15.05
C ASP C 346 16.28 17.27 -15.32
N ALA C 347 15.69 17.44 -16.51
CA ALA C 347 14.52 16.66 -16.89
C ALA C 347 14.85 15.18 -17.07
N ARG C 348 15.94 14.89 -17.78
CA ARG C 348 16.32 13.50 -18.06
C ARG C 348 16.60 12.77 -16.76
N ARG C 349 17.26 13.47 -15.87
CA ARG C 349 17.72 12.97 -14.59
C ARG C 349 16.58 12.54 -13.66
N GLU C 350 15.48 13.28 -13.71
CA GLU C 350 14.33 12.97 -12.86
C GLU C 350 13.79 11.58 -13.23
N LEU C 351 13.86 11.22 -14.51
CA LEU C 351 13.39 9.91 -14.93
C LEU C 351 14.29 8.76 -14.44
N ALA C 352 15.61 8.99 -14.44
CA ALA C 352 16.54 7.98 -13.92
C ALA C 352 16.30 7.73 -12.43
N LEU C 353 16.10 8.81 -11.68
CA LEU C 353 15.79 8.71 -10.27
C LEU C 353 14.45 8.01 -10.05
N ALA C 354 13.48 8.30 -10.92
CA ALA C 354 12.19 7.65 -10.86
C ALA C 354 12.32 6.15 -11.02
N ALA C 355 13.11 5.73 -12.02
CA ALA C 355 13.27 4.30 -12.27
C ALA C 355 13.90 3.64 -11.04
N LYS C 356 14.91 4.28 -10.48
CA LYS C 356 15.59 3.74 -9.31
C LYS C 356 14.58 3.49 -8.17
N VAL C 357 13.86 4.55 -7.80
CA VAL C 357 12.91 4.47 -6.69
C VAL C 357 11.75 3.52 -6.95
N PHE C 358 11.14 3.63 -8.12
CA PHE C 358 9.97 2.80 -8.44
C PHE C 358 10.35 1.31 -8.46
N CYS C 359 11.44 0.97 -9.13
CA CYS C 359 11.74 -0.44 -9.39
C CYS C 359 12.35 -1.11 -8.17
N SER C 360 13.16 -0.37 -7.43
CA SER C 360 13.76 -0.90 -6.21
C SER C 360 12.66 -1.34 -5.24
N GLU C 361 11.72 -0.43 -4.97
CA GLU C 361 10.63 -0.74 -4.04
C GLU C 361 9.65 -1.77 -4.60
N ALA C 362 9.38 -1.70 -5.89
CA ALA C 362 8.51 -2.69 -6.53
C ALA C 362 9.10 -4.10 -6.47
N ALA C 363 10.43 -4.19 -6.53
CA ALA C 363 11.13 -5.47 -6.42
C ALA C 363 10.91 -6.12 -5.05
N VAL C 364 11.02 -5.35 -3.99
CA VAL C 364 10.77 -5.87 -2.65
C VAL C 364 9.32 -6.33 -2.47
N LYS C 365 8.37 -5.50 -2.88
CA LYS C 365 6.97 -5.90 -2.88
C LYS C 365 6.71 -7.20 -3.64
N ALA C 366 7.27 -7.32 -4.84
CA ALA C 366 7.04 -8.52 -5.64
C ALA C 366 7.55 -9.76 -4.92
N CYS C 367 8.70 -9.65 -4.26
CA CYS C 367 9.27 -10.82 -3.58
C CYS C 367 8.42 -11.20 -2.37
N THR C 368 7.95 -10.18 -1.67
CA THR C 368 7.04 -10.37 -0.55
C THR C 368 5.75 -11.04 -1.01
N ASP C 369 5.18 -10.53 -2.11
CA ASP C 369 3.97 -11.08 -2.71
C ASP C 369 4.09 -12.56 -3.11
N VAL C 370 5.16 -12.91 -3.82
CA VAL C 370 5.28 -14.29 -4.28
C VAL C 370 5.48 -15.26 -3.09
N ILE C 371 6.22 -14.82 -2.09
CA ILE C 371 6.36 -15.60 -0.86
C ILE C 371 4.97 -15.92 -0.28
N ASN C 372 4.13 -14.89 -0.13
CA ASN C 372 2.75 -15.12 0.32
C ASN C 372 1.98 -16.07 -0.59
N ALA C 373 2.15 -15.92 -1.91
CA ALA C 373 1.41 -16.74 -2.86
C ALA C 373 1.87 -18.20 -2.86
N VAL C 374 3.18 -18.42 -2.85
CA VAL C 374 3.73 -19.77 -2.86
C VAL C 374 3.44 -20.47 -1.53
N GLY C 375 3.43 -19.67 -0.46
CA GLY C 375 3.01 -20.15 0.84
C GLY C 375 4.18 -20.70 1.65
N ILE C 376 3.85 -21.51 2.65
CA ILE C 376 4.85 -22.04 3.56
C ILE C 376 6.08 -22.60 2.83
N SER C 377 5.87 -23.20 1.66
CA SER C 377 7.00 -23.74 0.89
C SER C 377 8.12 -22.70 0.71
N ALA C 378 7.74 -21.44 0.51
CA ALA C 378 8.72 -20.37 0.24
C ALA C 378 9.68 -20.00 1.40
N TYR C 379 9.42 -20.49 2.61
CA TYR C 379 10.36 -20.31 3.71
C TYR C 379 11.49 -21.33 3.58
N ASP C 380 11.28 -22.34 2.74
CA ASP C 380 12.23 -23.44 2.48
C ASP C 380 13.41 -22.95 1.66
N LEU C 381 14.60 -22.95 2.26
CA LEU C 381 15.77 -22.41 1.57
C LEU C 381 16.24 -23.23 0.36
N GLN C 382 15.55 -24.34 0.06
CA GLN C 382 15.80 -25.08 -1.18
C GLN C 382 15.23 -24.35 -2.41
N ARG C 383 14.36 -23.38 -2.16
CA ARG C 383 13.74 -22.59 -3.23
C ARG C 383 14.36 -21.18 -3.26
N PRO C 384 14.25 -20.48 -4.40
CA PRO C 384 14.98 -19.23 -4.65
C PRO C 384 14.39 -17.98 -3.96
N PHE C 385 13.22 -18.14 -3.35
CA PHE C 385 12.42 -16.99 -2.91
C PHE C 385 13.01 -16.17 -1.78
N SER C 386 13.63 -16.84 -0.82
CA SER C 386 14.23 -16.13 0.29
C SER C 386 15.43 -15.30 -0.17
N ASP C 387 16.25 -15.86 -1.04
CA ASP C 387 17.43 -15.13 -1.52
C ASP C 387 17.01 -13.98 -2.45
N LEU C 388 15.92 -14.19 -3.16
CA LEU C 388 15.34 -13.12 -3.99
C LEU C 388 15.01 -11.90 -3.10
N LEU C 389 14.26 -12.13 -2.02
CA LEU C 389 13.88 -11.04 -1.12
C LEU C 389 15.11 -10.37 -0.50
N ASN C 390 16.04 -11.18 -0.02
CA ASN C 390 17.25 -10.66 0.59
C ASN C 390 18.21 -9.94 -0.35
N THR C 391 18.05 -10.18 -1.64
CA THR C 391 18.74 -9.38 -2.65
C THR C 391 17.97 -8.07 -2.91
N ALA C 392 16.66 -8.18 -3.07
CA ALA C 392 15.82 -7.02 -3.42
C ALA C 392 15.89 -5.91 -2.36
N VAL C 393 15.92 -6.33 -1.10
CA VAL C 393 15.91 -5.41 0.03
C VAL C 393 17.02 -4.37 -0.02
N VAL C 394 18.13 -4.70 -0.69
CA VAL C 394 19.22 -3.73 -0.83
C VAL C 394 18.91 -2.63 -1.85
N LEU C 395 18.07 -2.93 -2.84
CA LEU C 395 17.91 -2.00 -3.96
C LEU C 395 17.44 -0.58 -3.54
N PRO C 396 16.44 -0.49 -2.65
CA PRO C 396 16.01 0.85 -2.19
C PRO C 396 17.04 1.59 -1.35
N ILE C 397 17.89 0.86 -0.61
CA ILE C 397 18.85 1.50 0.30
C ILE C 397 20.25 1.76 -0.27
N PHE C 398 20.66 1.00 -1.28
CA PHE C 398 22.01 1.22 -1.80
C PHE C 398 22.03 2.11 -3.02
N ASP C 399 23.23 2.38 -3.52
CA ASP C 399 23.39 3.25 -4.67
C ASP C 399 22.64 4.56 -4.44
N GLY C 400 22.81 5.12 -3.24
CA GLY C 400 22.09 6.31 -2.83
C GLY C 400 20.67 5.94 -2.45
N GLY C 401 20.42 5.85 -1.15
CA GLY C 401 19.15 5.36 -0.64
C GLY C 401 17.97 6.26 -1.03
N ASN C 402 16.81 5.64 -1.21
CA ASN C 402 15.62 6.37 -1.65
C ASN C 402 15.26 7.48 -0.68
N VAL C 403 15.30 7.19 0.61
CA VAL C 403 14.73 8.09 1.61
C VAL C 403 15.55 9.34 1.86
N GLY C 404 16.86 9.18 2.05
CA GLY C 404 17.71 10.31 2.38
C GLY C 404 18.46 10.89 1.20
N ILE C 405 18.49 10.17 0.08
CA ILE C 405 19.23 10.66 -1.09
C ILE C 405 18.36 10.83 -2.35
N ARG C 406 17.89 9.72 -2.93
CA ARG C 406 17.19 9.83 -4.22
C ARG C 406 15.97 10.76 -4.16
N ARG C 407 15.14 10.62 -3.13
CA ARG C 407 13.98 11.52 -3.00
C ARG C 407 14.36 12.98 -2.70
N ARG C 408 15.50 13.19 -2.04
CA ARG C 408 15.97 14.55 -1.76
C ARG C 408 16.38 15.23 -3.07
N HIS C 409 16.92 14.45 -3.99
CA HIS C 409 17.28 14.98 -5.30
C HIS C 409 16.04 15.32 -6.13
N LEU C 410 15.03 14.45 -6.07
CA LEU C 410 13.77 14.71 -6.76
C LEU C 410 13.12 15.98 -6.22
N GLN C 411 13.16 16.14 -4.90
CA GLN C 411 12.66 17.35 -4.24
C GLN C 411 13.31 18.62 -4.79
N GLN C 412 14.65 18.61 -4.88
CA GLN C 412 15.42 19.75 -5.36
C GLN C 412 15.17 20.08 -6.84
N LEU C 413 14.98 19.05 -7.67
CA LEU C 413 14.61 19.27 -9.06
C LEU C 413 13.28 20.02 -9.18
N MET C 414 12.29 19.60 -8.40
CA MET C 414 10.96 20.22 -8.42
C MET C 414 11.03 21.64 -7.93
N LEU C 415 11.95 21.91 -7.01
CA LEU C 415 12.11 23.23 -6.42
C LEU C 415 12.68 24.27 -7.39
N LYS C 416 13.40 23.80 -8.41
CA LYS C 416 13.95 24.71 -9.43
C LYS C 416 12.85 25.49 -10.16
N PRO C 417 13.05 26.81 -10.34
CA PRO C 417 12.07 27.60 -11.09
C PRO C 417 11.99 27.10 -12.54
N THR C 418 13.05 26.45 -13.00
CA THR C 418 13.10 25.92 -14.36
C THR C 418 12.51 24.52 -14.52
N TYR C 419 11.99 23.95 -13.43
CA TYR C 419 11.40 22.62 -13.49
C TYR C 419 10.28 22.64 -14.52
N ASP C 420 10.28 21.67 -15.41
CA ASP C 420 9.28 21.62 -16.48
C ASP C 420 8.79 20.18 -16.55
N ALA C 421 7.70 19.91 -15.82
CA ALA C 421 7.31 18.55 -15.50
C ALA C 421 7.40 17.50 -16.61
N TRP C 422 6.79 17.79 -17.76
CA TRP C 422 6.64 16.76 -18.77
C TRP C 422 7.56 16.92 -19.99
N SER C 423 8.52 17.84 -19.88
CA SER C 423 9.46 18.07 -20.97
C SER C 423 10.24 16.81 -21.37
N SER C 424 10.45 15.89 -20.43
CA SER C 424 11.18 14.66 -20.76
C SER C 424 10.37 13.70 -21.63
N THR C 425 9.09 14.00 -21.83
CA THR C 425 8.23 13.22 -22.71
C THR C 425 7.74 14.02 -23.93
N TYR C 426 7.24 15.21 -23.68
CA TYR C 426 6.55 15.99 -24.70
C TYR C 426 7.36 17.21 -25.14
N GLY C 427 8.52 17.41 -24.52
CA GLY C 427 9.43 18.45 -24.96
C GLY C 427 9.29 19.75 -24.19
N ALA D 2 -16.52 -3.42 31.53
CA ALA D 2 -16.12 -2.01 31.61
C ALA D 2 -14.81 -1.82 30.86
N ILE D 3 -14.86 -1.12 29.72
CA ILE D 3 -13.68 -1.05 28.85
C ILE D 3 -12.44 -0.59 29.61
N ASP D 4 -11.40 -1.42 29.57
CA ASP D 4 -10.20 -1.20 30.38
C ASP D 4 -8.97 -1.76 29.67
N PHE D 5 -7.95 -0.92 29.48
CA PHE D 5 -6.69 -1.37 28.88
C PHE D 5 -5.54 -1.48 29.90
N HIS D 6 -5.85 -1.31 31.18
CA HIS D 6 -4.84 -1.48 32.23
C HIS D 6 -4.61 -2.94 32.57
N LEU D 7 -3.35 -3.30 32.71
CA LEU D 7 -3.00 -4.64 33.17
C LEU D 7 -3.40 -4.78 34.63
N SER D 8 -4.07 -5.89 34.97
CA SER D 8 -4.30 -6.25 36.37
C SER D 8 -2.97 -6.55 37.06
N ALA D 9 -2.96 -6.60 38.39
CA ALA D 9 -1.71 -6.90 39.10
C ALA D 9 -1.10 -8.18 38.55
N SER D 10 -1.93 -9.20 38.40
CA SER D 10 -1.53 -10.48 37.84
C SER D 10 -0.95 -10.34 36.42
N GLN D 11 -1.54 -9.49 35.60
CA GLN D 11 -1.10 -9.35 34.22
C GLN D 11 0.23 -8.62 34.18
N LYS D 12 0.43 -7.66 35.10
CA LYS D 12 1.73 -7.05 35.27
C LYS D 12 2.77 -8.08 35.71
N GLY D 13 2.34 -9.04 36.51
CA GLY D 13 3.23 -10.12 36.94
C GLY D 13 3.65 -10.97 35.76
N THR D 14 2.68 -11.31 34.93
CA THR D 14 2.91 -12.02 33.66
C THR D 14 3.92 -11.30 32.78
N TYR D 15 3.76 -9.99 32.65
CA TYR D 15 4.65 -9.19 31.83
C TYR D 15 6.06 -9.14 32.41
N GLN D 16 6.19 -8.88 33.71
CA GLN D 16 7.51 -8.91 34.34
C GLN D 16 8.18 -10.28 34.20
N ALA D 17 7.39 -11.35 34.31
CA ALA D 17 7.92 -12.71 34.15
C ALA D 17 8.41 -12.94 32.73
N ALA D 18 7.63 -12.47 31.76
CA ALA D 18 8.05 -12.53 30.36
C ALA D 18 9.36 -11.77 30.17
N ARG D 19 9.44 -10.56 30.71
CA ARG D 19 10.66 -9.77 30.55
C ARG D 19 11.87 -10.51 31.10
N SER D 20 11.69 -11.13 32.26
CA SER D 20 12.76 -11.88 32.91
C SER D 20 13.18 -13.12 32.10
N LEU D 21 12.20 -13.92 31.70
CA LEU D 21 12.47 -15.06 30.83
C LEU D 21 13.25 -14.65 29.58
N ALA D 22 12.77 -13.61 28.89
CA ALA D 22 13.40 -13.21 27.65
C ALA D 22 14.82 -12.74 27.88
N ARG D 23 15.02 -11.98 28.95
CA ARG D 23 16.30 -11.34 29.22
C ARG D 23 17.33 -12.32 29.76
N ASN D 24 16.87 -13.19 30.65
CA ASN D 24 17.76 -14.09 31.39
C ASN D 24 17.94 -15.47 30.73
N LEU D 25 16.91 -15.92 30.02
CA LEU D 25 16.97 -17.22 29.35
C LEU D 25 17.13 -17.12 27.83
N LEU D 26 16.31 -16.28 27.19
CA LEU D 26 16.29 -16.24 25.72
C LEU D 26 17.51 -15.57 25.10
N MET D 27 17.91 -14.41 25.62
CA MET D 27 19.08 -13.73 25.10
C MET D 27 20.33 -14.62 25.11
N PRO D 28 20.61 -15.25 26.27
CA PRO D 28 21.74 -16.19 26.34
C PRO D 28 21.59 -17.39 25.40
N ALA D 29 20.37 -17.89 25.20
CA ALA D 29 20.18 -18.99 24.27
C ALA D 29 20.70 -18.61 22.89
N ARG D 30 20.57 -17.34 22.53
CA ARG D 30 20.97 -16.85 21.21
C ARG D 30 22.49 -16.85 21.04
N GLN D 31 23.19 -16.25 22.00
CA GLN D 31 24.65 -16.23 21.97
C GLN D 31 25.18 -17.66 21.90
N THR D 32 24.45 -18.56 22.55
CA THR D 32 24.83 -19.97 22.61
C THR D 32 24.65 -20.70 21.28
N TYR D 33 23.47 -20.61 20.67
CA TYR D 33 23.23 -21.39 19.45
C TYR D 33 23.91 -20.81 18.20
N LEU D 34 24.38 -19.57 18.31
CA LEU D 34 25.11 -18.94 17.23
C LEU D 34 26.46 -19.62 16.99
N GLN D 35 26.91 -20.42 17.96
CA GLN D 35 28.18 -21.13 17.86
C GLN D 35 28.14 -22.23 16.80
N HIS D 36 26.94 -22.57 16.35
CA HIS D 36 26.76 -23.68 15.44
C HIS D 36 26.18 -23.16 14.12
N PRO D 37 26.35 -23.94 13.05
CA PRO D 37 25.88 -23.59 11.69
C PRO D 37 24.39 -23.30 11.61
N PRO D 38 24.01 -22.31 10.78
CA PRO D 38 22.63 -21.81 10.61
C PRO D 38 21.67 -22.86 10.05
N ASN D 39 22.12 -23.68 9.10
CA ASN D 39 21.27 -24.73 8.54
C ASN D 39 21.46 -26.05 9.28
N SER D 40 22.27 -26.05 10.34
CA SER D 40 22.52 -27.25 11.11
C SER D 40 21.48 -27.41 12.21
N PRO D 41 20.99 -28.65 12.42
CA PRO D 41 20.04 -28.96 13.49
C PRO D 41 20.66 -29.01 14.90
N LEU D 42 21.99 -28.89 15.01
CA LEU D 42 22.66 -28.93 16.31
C LEU D 42 22.77 -27.52 16.93
N ARG D 43 22.43 -26.53 16.12
CA ARG D 43 22.14 -25.19 16.61
C ARG D 43 20.92 -25.31 17.51
N PHE D 44 19.96 -26.12 17.07
CA PHE D 44 18.75 -26.39 17.84
C PHE D 44 19.02 -27.11 19.17
N GLN D 45 19.96 -28.05 19.17
CA GLN D 45 20.22 -28.83 20.37
C GLN D 45 20.80 -27.99 21.49
N SER D 46 21.61 -27.00 21.15
CA SER D 46 22.24 -26.17 22.16
C SER D 46 21.22 -25.37 22.96
N THR D 47 19.95 -25.37 22.53
CA THR D 47 18.96 -24.54 23.21
C THR D 47 18.29 -25.30 24.36
N GLN D 48 18.64 -26.58 24.54
CA GLN D 48 18.04 -27.36 25.61
C GLN D 48 18.11 -26.72 27.01
N PRO D 49 19.30 -26.29 27.45
CA PRO D 49 19.37 -25.66 28.78
C PRO D 49 18.35 -24.53 28.96
N THR D 50 18.18 -23.74 27.91
CA THR D 50 17.19 -22.66 27.90
C THR D 50 15.76 -23.20 28.09
N TYR D 51 15.40 -24.20 27.30
CA TYR D 51 14.08 -24.82 27.36
C TYR D 51 13.85 -25.41 28.74
N ALA D 52 14.84 -26.15 29.24
CA ALA D 52 14.73 -26.79 30.54
C ALA D 52 14.56 -25.77 31.68
N ALA D 53 15.21 -24.62 31.57
CA ALA D 53 15.02 -23.53 32.53
C ALA D 53 13.59 -23.00 32.45
N ALA D 54 13.07 -22.91 31.24
CA ALA D 54 11.67 -22.51 31.04
C ALA D 54 10.76 -23.52 31.70
N VAL D 55 11.03 -24.81 31.47
CA VAL D 55 10.23 -25.86 32.09
C VAL D 55 10.30 -25.74 33.60
N SER D 56 11.48 -25.44 34.11
CA SER D 56 11.67 -25.34 35.56
C SER D 56 10.78 -24.24 36.13
N ALA D 57 10.53 -23.21 35.33
CA ALA D 57 9.78 -22.04 35.78
C ALA D 57 8.28 -22.20 35.58
N GLY D 58 7.84 -23.39 35.18
CA GLY D 58 6.42 -23.67 35.09
C GLY D 58 5.76 -23.31 33.77
N ILE D 59 6.56 -22.94 32.76
CA ILE D 59 6.00 -22.56 31.47
C ILE D 59 5.13 -23.65 30.84
N LEU D 60 5.60 -24.89 30.87
CA LEU D 60 4.85 -25.99 30.27
C LEU D 60 3.55 -26.34 31.02
N LYS D 61 3.58 -26.29 32.36
CA LYS D 61 2.37 -26.52 33.13
C LYS D 61 1.32 -25.46 32.77
N GLY D 62 1.80 -24.24 32.53
CA GLY D 62 0.93 -23.15 32.10
C GLY D 62 0.27 -23.35 30.74
N GLN D 63 0.76 -24.29 29.95
CA GLN D 63 0.20 -24.55 28.63
C GLN D 63 -0.93 -25.58 28.69
N ILE D 64 -1.22 -26.04 29.90
CA ILE D 64 -2.26 -27.06 30.07
C ILE D 64 -3.37 -26.48 30.95
N SER D 65 -4.63 -26.71 30.58
CA SER D 65 -5.73 -26.09 31.31
C SER D 65 -5.90 -26.73 32.68
N PRO D 66 -6.43 -25.95 33.65
CA PRO D 66 -6.67 -26.47 34.99
C PRO D 66 -7.57 -27.71 34.97
N ALA D 67 -8.42 -27.81 33.95
CA ALA D 67 -9.25 -28.99 33.74
C ALA D 67 -8.40 -30.24 33.67
N HIS D 68 -7.25 -30.15 32.99
CA HIS D 68 -6.39 -31.31 32.85
C HIS D 68 -5.15 -31.28 33.75
N GLY D 69 -5.24 -30.53 34.84
CA GLY D 69 -4.20 -30.55 35.85
C GLY D 69 -3.10 -29.52 35.68
N GLY D 70 -3.22 -28.67 34.66
CA GLY D 70 -2.25 -27.62 34.45
C GLY D 70 -2.57 -26.36 35.20
N THR D 71 -1.73 -25.34 35.01
CA THR D 71 -1.91 -24.04 35.63
C THR D 71 -2.29 -23.01 34.56
N GLY D 72 -2.91 -23.49 33.48
CA GLY D 72 -3.18 -22.66 32.32
C GLY D 72 -3.74 -21.29 32.60
N GLY D 73 -3.32 -20.30 31.82
CA GLY D 73 -3.79 -18.93 31.99
C GLY D 73 -4.74 -18.49 30.88
N THR D 74 -4.81 -17.19 30.64
CA THR D 74 -5.67 -16.65 29.57
C THR D 74 -4.90 -16.44 28.27
N LEU D 75 -5.63 -16.32 27.15
CA LEU D 75 -5.01 -15.98 25.89
C LEU D 75 -4.35 -14.61 25.99
N ILE D 76 -4.94 -13.72 26.80
CA ILE D 76 -4.37 -12.38 26.96
C ILE D 76 -2.98 -12.46 27.58
N GLU D 77 -2.82 -13.30 28.60
CA GLU D 77 -1.51 -13.44 29.24
C GLU D 77 -0.50 -14.04 28.26
N SER D 78 -0.95 -15.03 27.48
CA SER D 78 -0.08 -15.61 26.45
C SER D 78 0.35 -14.55 25.43
N ALA D 79 -0.59 -13.73 24.98
CA ALA D 79 -0.26 -12.68 24.03
C ALA D 79 0.81 -11.75 24.61
N ILE D 80 0.65 -11.39 25.88
CA ILE D 80 1.66 -10.57 26.56
C ILE D 80 3.03 -11.26 26.56
N LEU D 81 3.06 -12.54 26.94
CA LEU D 81 4.31 -13.30 26.98
C LEU D 81 4.97 -13.41 25.59
N VAL D 82 4.17 -13.80 24.60
CA VAL D 82 4.67 -13.98 23.25
C VAL D 82 5.22 -12.67 22.68
N GLU D 83 4.51 -11.56 22.88
CA GLU D 83 4.99 -10.28 22.38
C GLU D 83 6.37 -9.97 22.93
N GLU D 84 6.53 -10.09 24.24
CA GLU D 84 7.81 -9.81 24.87
C GLU D 84 8.91 -10.72 24.29
N CYS D 85 8.65 -12.02 24.24
CA CYS D 85 9.64 -12.96 23.73
C CYS D 85 10.05 -12.69 22.28
N TYR D 86 9.07 -12.44 21.41
CA TYR D 86 9.39 -12.16 20.02
C TYR D 86 10.14 -10.85 19.81
N SER D 87 9.97 -9.91 20.74
CA SER D 87 10.71 -8.66 20.63
C SER D 87 12.18 -8.88 21.01
N VAL D 88 12.50 -10.07 21.53
CA VAL D 88 13.84 -10.33 22.03
C VAL D 88 14.53 -11.44 21.24
N GLU D 89 13.88 -12.59 21.18
CA GLU D 89 14.49 -13.77 20.57
C GLU D 89 13.41 -14.73 20.06
N PRO D 90 13.01 -14.57 18.78
CA PRO D 90 11.93 -15.39 18.21
C PRO D 90 12.24 -16.89 18.16
N SER D 91 13.44 -17.25 17.72
CA SER D 91 13.71 -18.65 17.43
C SER D 91 13.61 -19.55 18.67
N ALA D 92 14.44 -19.28 19.67
CA ALA D 92 14.42 -20.05 20.90
C ALA D 92 13.02 -20.05 21.52
N ALA D 93 12.36 -18.89 21.49
CA ALA D 93 10.99 -18.76 21.97
C ALA D 93 10.00 -19.71 21.29
N LEU D 94 10.12 -19.87 19.97
CA LEU D 94 9.15 -20.66 19.23
C LEU D 94 9.17 -22.16 19.59
N THR D 95 10.35 -22.69 19.86
CA THR D 95 10.45 -24.07 20.33
C THR D 95 9.52 -24.25 21.53
N ILE D 96 9.64 -23.35 22.50
CA ILE D 96 8.75 -23.37 23.66
C ILE D 96 7.27 -23.27 23.26
N PHE D 97 6.92 -22.26 22.45
CA PHE D 97 5.52 -22.08 22.05
C PHE D 97 4.97 -23.23 21.21
N ALA D 98 5.82 -23.91 20.45
CA ALA D 98 5.36 -25.01 19.62
C ALA D 98 4.85 -26.17 20.49
N THR D 99 5.46 -26.35 21.64
CA THR D 99 4.98 -27.34 22.60
C THR D 99 3.58 -26.97 23.05
N GLY D 100 3.38 -25.69 23.36
CA GLY D 100 2.05 -25.18 23.70
C GLY D 100 1.01 -25.47 22.62
N LEU D 101 1.39 -25.29 21.36
CA LEU D 101 0.50 -25.61 20.25
C LEU D 101 0.20 -27.11 20.22
N GLY D 102 1.24 -27.92 20.34
CA GLY D 102 1.07 -29.37 20.37
C GLY D 102 0.09 -29.79 21.46
N LEU D 103 0.19 -29.15 22.61
CA LEU D 103 -0.69 -29.47 23.73
C LEU D 103 -2.14 -28.99 23.55
N THR D 104 -2.36 -28.02 22.66
CA THR D 104 -3.69 -27.40 22.54
C THR D 104 -4.85 -28.33 22.17
N PRO D 105 -4.67 -29.21 21.17
CA PRO D 105 -5.78 -30.12 20.88
C PRO D 105 -6.15 -30.96 22.10
N ILE D 106 -5.16 -31.26 22.94
CA ILE D 106 -5.41 -32.03 24.15
C ILE D 106 -6.27 -31.20 25.11
N ASN D 107 -5.99 -29.90 25.19
CA ASN D 107 -6.80 -29.02 26.03
C ASN D 107 -8.24 -28.94 25.53
N LEU D 108 -8.41 -29.03 24.21
CA LEU D 108 -9.73 -28.87 23.59
C LEU D 108 -10.53 -30.17 23.58
N ALA D 109 -9.84 -31.30 23.46
CA ALA D 109 -10.49 -32.55 23.10
C ALA D 109 -10.24 -33.74 24.05
N ALA D 110 -9.21 -33.63 24.89
CA ALA D 110 -8.83 -34.76 25.75
C ALA D 110 -9.93 -35.19 26.72
N GLY D 111 -10.13 -36.51 26.83
CA GLY D 111 -11.01 -37.09 27.81
C GLY D 111 -10.25 -37.67 28.99
N PRO D 112 -10.96 -38.40 29.87
CA PRO D 112 -10.32 -38.97 31.07
C PRO D 112 -9.13 -39.86 30.73
N GLN D 113 -9.25 -40.60 29.63
CA GLN D 113 -8.25 -41.60 29.27
C GLN D 113 -6.92 -41.00 28.81
N HIS D 114 -6.87 -39.68 28.68
CA HIS D 114 -5.68 -39.05 28.11
C HIS D 114 -4.75 -38.46 29.16
N ALA D 115 -5.17 -38.52 30.42
CA ALA D 115 -4.38 -37.98 31.51
C ALA D 115 -2.96 -38.52 31.52
N GLU D 116 -2.81 -39.79 31.17
CA GLU D 116 -1.50 -40.43 31.19
C GLU D 116 -0.50 -39.71 30.28
N PHE D 117 -1.01 -39.11 29.20
CA PHE D 117 -0.14 -38.48 28.21
C PHE D 117 0.45 -37.15 28.65
N LEU D 118 -0.23 -36.45 29.56
CA LEU D 118 0.24 -35.13 30.00
C LEU D 118 1.29 -35.22 31.10
N ALA D 119 1.37 -36.39 31.72
CA ALA D 119 2.28 -36.62 32.84
C ALA D 119 3.64 -35.94 32.70
N PRO D 120 4.35 -36.21 31.60
CA PRO D 120 5.71 -35.64 31.46
C PRO D 120 5.68 -34.10 31.46
N PHE D 121 4.56 -33.53 31.05
CA PHE D 121 4.47 -32.08 30.91
C PHE D 121 4.04 -31.41 32.20
N LEU D 122 3.50 -32.21 33.13
CA LEU D 122 3.00 -31.71 34.42
C LEU D 122 4.00 -31.97 35.56
N SER D 123 4.98 -32.83 35.32
CA SER D 123 5.97 -33.19 36.33
C SER D 123 6.92 -32.04 36.66
N GLY D 124 6.95 -31.02 35.82
CA GLY D 124 7.86 -29.91 36.05
C GLY D 124 9.32 -30.30 35.88
N GLU D 125 9.57 -31.51 35.37
CA GLU D 125 10.95 -32.01 35.23
C GLU D 125 11.49 -31.97 33.80
N GLY D 126 12.78 -31.69 33.66
CA GLY D 126 13.49 -31.90 32.41
C GLY D 126 13.04 -31.04 31.24
N SER D 127 12.89 -31.65 30.08
CA SER D 127 12.63 -30.88 28.86
C SER D 127 11.84 -31.63 27.78
N PRO D 128 10.64 -32.10 28.12
CA PRO D 128 9.80 -32.85 27.17
C PRO D 128 9.22 -31.90 26.13
N LEU D 129 9.17 -32.34 24.88
CA LEU D 129 8.71 -31.54 23.76
C LEU D 129 7.43 -32.12 23.22
N ALA D 130 6.49 -31.24 22.87
CA ALA D 130 5.28 -31.65 22.18
C ALA D 130 5.22 -30.99 20.81
N SER D 131 4.32 -31.46 19.96
CA SER D 131 4.23 -30.96 18.60
C SER D 131 2.89 -31.28 17.99
N LEU D 132 2.30 -30.32 17.29
CA LEU D 132 1.07 -30.57 16.55
C LEU D 132 1.46 -30.85 15.10
N VAL D 133 1.52 -32.14 14.76
CA VAL D 133 2.07 -32.57 13.48
C VAL D 133 0.97 -32.66 12.43
N PHE D 134 0.87 -31.64 11.60
CA PHE D 134 -0.28 -31.44 10.73
C PHE D 134 0.15 -31.24 9.28
N SER D 135 1.31 -30.63 9.09
CA SER D 135 1.79 -30.22 7.77
C SER D 135 2.59 -31.28 7.01
N GLU D 136 2.30 -31.38 5.72
CA GLU D 136 2.92 -32.37 4.84
C GLU D 136 3.61 -31.69 3.67
N PRO D 137 4.61 -32.36 3.08
CA PRO D 137 5.36 -31.82 1.93
C PRO D 137 4.48 -31.29 0.80
N GLY D 138 3.30 -31.87 0.58
CA GLY D 138 2.48 -31.52 -0.57
C GLY D 138 1.44 -30.45 -0.32
N GLY D 139 1.52 -29.83 0.85
CA GLY D 139 0.58 -28.79 1.23
C GLY D 139 -0.66 -29.39 1.86
N VAL D 140 -1.44 -28.55 2.53
CA VAL D 140 -2.60 -29.04 3.27
C VAL D 140 -3.74 -28.03 3.24
N ALA D 141 -3.56 -26.95 2.49
CA ALA D 141 -4.64 -25.99 2.33
C ALA D 141 -5.80 -26.68 1.62
N ASN D 142 -5.48 -27.67 0.81
CA ASN D 142 -6.51 -28.43 0.09
C ASN D 142 -6.58 -29.91 0.44
N ALA D 143 -6.37 -30.23 1.72
CA ALA D 143 -6.56 -31.61 2.18
C ALA D 143 -8.05 -31.86 2.48
N LEU D 144 -8.79 -30.79 2.74
CA LEU D 144 -10.18 -30.87 3.14
C LEU D 144 -11.12 -30.73 1.94
N GLU D 145 -10.57 -30.65 0.73
CA GLU D 145 -11.37 -30.26 -0.42
C GLU D 145 -11.90 -31.43 -1.27
N LYS D 146 -13.19 -31.38 -1.57
CA LYS D 146 -13.83 -32.41 -2.37
C LYS D 146 -13.16 -32.57 -3.73
N GLY D 147 -12.38 -33.64 -3.89
CA GLY D 147 -11.74 -33.93 -5.16
C GLY D 147 -10.26 -34.23 -5.03
N ALA D 148 -9.67 -33.85 -3.90
CA ALA D 148 -8.24 -33.94 -3.71
C ALA D 148 -7.82 -35.25 -3.06
N PRO D 149 -6.51 -35.60 -3.18
CA PRO D 149 -5.98 -36.82 -2.57
C PRO D 149 -6.05 -36.81 -1.04
N GLY D 150 -6.57 -35.73 -0.45
CA GLY D 150 -6.64 -35.59 0.99
C GLY D 150 -5.28 -35.72 1.66
N PHE D 151 -5.27 -35.79 3.00
CA PHE D 151 -4.01 -35.97 3.71
C PHE D 151 -3.27 -37.21 3.20
N GLN D 152 -1.97 -37.08 3.00
CA GLN D 152 -1.14 -38.20 2.56
C GLN D 152 -0.67 -39.06 3.73
N THR D 153 -0.74 -38.50 4.94
CA THR D 153 -0.52 -39.28 6.14
C THR D 153 -1.82 -39.97 6.51
N THR D 154 -1.80 -41.29 6.60
CA THR D 154 -3.01 -42.07 6.85
C THR D 154 -2.89 -42.99 8.05
N ALA D 155 -4.04 -43.28 8.66
CA ALA D 155 -4.11 -44.23 9.77
C ALA D 155 -5.27 -45.20 9.55
N ARG D 156 -5.01 -46.47 9.83
CA ARG D 156 -6.06 -47.48 9.68
C ARG D 156 -6.14 -48.42 10.88
N LEU D 157 -7.37 -48.77 11.25
CA LEU D 157 -7.63 -49.59 12.42
C LEU D 157 -7.49 -51.08 12.07
N GLU D 158 -6.40 -51.68 12.54
CA GLU D 158 -6.16 -53.10 12.32
C GLU D 158 -6.36 -53.91 13.60
N GLY D 159 -7.61 -54.29 13.86
CA GLY D 159 -7.96 -55.04 15.04
C GLY D 159 -8.31 -54.13 16.19
N ASP D 160 -7.32 -53.89 17.05
CA ASP D 160 -7.51 -53.06 18.24
C ASP D 160 -6.36 -52.07 18.42
N GLU D 161 -5.58 -51.91 17.35
CA GLU D 161 -4.55 -50.89 17.32
C GLU D 161 -4.64 -50.11 16.01
N TRP D 162 -4.27 -48.83 16.07
CA TRP D 162 -4.24 -48.01 14.87
C TRP D 162 -2.88 -48.05 14.23
N VAL D 163 -2.86 -48.11 12.90
CA VAL D 163 -1.60 -48.18 12.17
C VAL D 163 -1.40 -46.90 11.36
N ILE D 164 -0.29 -46.23 11.64
CA ILE D 164 -0.07 -44.91 11.06
C ILE D 164 1.10 -44.90 10.08
N ASN D 165 0.82 -44.39 8.88
CA ASN D 165 1.84 -44.22 7.85
C ASN D 165 1.70 -42.84 7.20
N GLY D 166 2.80 -42.10 7.15
CA GLY D 166 2.79 -40.79 6.53
C GLY D 166 4.12 -40.07 6.63
N GLU D 167 4.30 -39.08 5.76
CA GLU D 167 5.44 -38.17 5.85
C GLU D 167 4.93 -36.81 6.31
N LYS D 168 5.75 -36.11 7.08
CA LYS D 168 5.35 -34.84 7.63
C LYS D 168 6.46 -33.83 7.50
N MET D 169 6.10 -32.56 7.64
CA MET D 169 7.04 -31.49 7.43
C MET D 169 6.58 -30.22 8.11
N TRP D 170 7.52 -29.44 8.61
CA TRP D 170 7.22 -28.16 9.21
C TRP D 170 6.71 -28.29 10.65
N ALA D 171 6.45 -29.52 11.09
CA ALA D 171 5.97 -29.76 12.45
C ALA D 171 7.05 -29.47 13.48
N THR D 172 7.06 -28.24 13.98
CA THR D 172 8.04 -27.80 14.97
C THR D 172 8.12 -28.80 16.13
N ASN D 173 9.33 -29.23 16.48
CA ASN D 173 9.56 -30.08 17.65
C ASN D 173 9.41 -31.60 17.47
N CYS D 174 8.79 -32.03 16.37
CA CYS D 174 8.35 -33.42 16.20
C CYS D 174 9.43 -34.51 16.30
N ALA D 175 10.70 -34.16 16.12
CA ALA D 175 11.76 -35.15 16.17
C ALA D 175 12.57 -35.17 17.48
N GLY D 176 12.19 -34.34 18.45
CA GLY D 176 12.83 -34.36 19.75
C GLY D 176 14.26 -33.87 19.77
N TRP D 177 14.86 -33.88 20.96
CA TRP D 177 16.22 -33.38 21.07
C TRP D 177 17.26 -34.28 20.37
N ASP D 178 17.06 -35.59 20.42
CA ASP D 178 18.04 -36.52 19.85
C ASP D 178 17.63 -37.01 18.45
N PHE D 179 16.56 -36.42 17.92
CA PHE D 179 16.10 -36.65 16.55
C PHE D 179 15.42 -37.99 16.32
N LYS D 180 15.14 -38.71 17.40
CA LYS D 180 14.47 -40.00 17.30
C LYS D 180 13.00 -39.91 17.65
N GLY D 181 12.46 -38.69 17.71
CA GLY D 181 11.05 -38.49 17.98
C GLY D 181 10.80 -37.75 19.29
N CYS D 182 9.84 -36.81 19.26
CA CYS D 182 9.51 -36.01 20.43
C CYS D 182 8.64 -36.76 21.43
N ASP D 183 8.65 -36.31 22.68
CA ASP D 183 7.85 -36.91 23.73
C ASP D 183 6.39 -37.14 23.36
N LEU D 184 5.76 -36.16 22.71
CA LEU D 184 4.32 -36.22 22.45
C LEU D 184 3.92 -35.48 21.18
N ALA D 185 3.47 -36.22 20.17
CA ALA D 185 2.98 -35.60 18.95
C ALA D 185 1.47 -35.85 18.76
N CYS D 186 0.73 -34.78 18.47
CA CYS D 186 -0.65 -34.92 17.98
C CYS D 186 -0.56 -35.02 16.47
N VAL D 187 -0.69 -36.23 15.95
CA VAL D 187 -0.65 -36.43 14.50
C VAL D 187 -2.02 -36.28 13.86
N VAL D 188 -2.17 -35.25 13.02
CA VAL D 188 -3.40 -35.08 12.27
C VAL D 188 -3.31 -35.92 10.99
N CYS D 189 -4.34 -36.71 10.71
CA CYS D 189 -4.26 -37.69 9.64
C CYS D 189 -5.63 -38.15 9.11
N ARG D 190 -5.59 -38.97 8.08
CA ARG D 190 -6.79 -39.41 7.38
C ARG D 190 -7.11 -40.89 7.65
N ASP D 191 -8.33 -41.15 8.09
CA ASP D 191 -8.79 -42.51 8.36
C ASP D 191 -8.94 -43.32 7.08
N ALA D 192 -7.99 -44.23 6.84
CA ALA D 192 -8.02 -45.10 5.68
C ALA D 192 -8.48 -46.51 6.05
N THR D 193 -9.25 -46.62 7.12
CA THR D 193 -9.82 -47.89 7.54
C THR D 193 -10.90 -48.32 6.54
N THR D 194 -11.78 -47.40 6.19
CA THR D 194 -12.76 -47.64 5.13
C THR D 194 -12.78 -46.48 4.15
N PRO D 195 -12.64 -46.78 2.84
CA PRO D 195 -12.61 -45.76 1.79
C PRO D 195 -13.69 -44.69 1.91
N LEU D 196 -13.33 -43.46 1.56
CA LEU D 196 -14.25 -42.33 1.54
C LEU D 196 -15.37 -42.57 0.54
N GLU D 197 -16.61 -42.30 0.93
CA GLU D 197 -17.76 -42.54 0.07
C GLU D 197 -17.87 -41.52 -1.06
N GLU D 198 -18.54 -41.93 -2.14
CA GLU D 198 -18.74 -41.08 -3.30
C GLU D 198 -19.52 -39.81 -2.93
N GLY D 199 -18.87 -38.66 -3.09
CA GLY D 199 -19.49 -37.37 -2.81
C GLY D 199 -19.56 -37.04 -1.33
N GLN D 200 -18.67 -37.62 -0.56
CA GLN D 200 -18.66 -37.43 0.89
C GLN D 200 -17.63 -36.38 1.30
N ASP D 201 -18.04 -35.48 2.18
CA ASP D 201 -17.17 -34.43 2.71
C ASP D 201 -15.92 -35.01 3.37
N PRO D 202 -14.76 -34.84 2.72
CA PRO D 202 -13.47 -35.43 3.14
C PRO D 202 -13.12 -35.12 4.60
N GLU D 203 -13.81 -34.15 5.19
CA GLU D 203 -13.63 -33.80 6.59
C GLU D 203 -13.95 -34.99 7.48
N ASN D 204 -14.95 -35.76 7.06
CA ASN D 204 -15.46 -36.89 7.86
C ASN D 204 -14.42 -37.96 8.23
N LYS D 205 -13.30 -37.98 7.52
CA LYS D 205 -12.28 -39.00 7.75
C LYS D 205 -11.07 -38.47 8.52
N VAL D 206 -11.14 -37.22 8.95
CA VAL D 206 -9.99 -36.58 9.61
C VAL D 206 -9.92 -36.96 11.09
N MET D 207 -8.72 -37.31 11.55
CA MET D 207 -8.52 -37.68 12.94
C MET D 207 -7.33 -36.96 13.53
N ILE D 208 -7.24 -36.97 14.86
CA ILE D 208 -5.98 -36.67 15.52
C ILE D 208 -5.61 -37.87 16.40
N ILE D 209 -4.36 -38.31 16.30
CA ILE D 209 -3.91 -39.46 17.07
C ILE D 209 -2.59 -39.18 17.74
N LEU D 210 -2.51 -39.46 19.03
CA LEU D 210 -1.29 -39.19 19.78
C LEU D 210 -0.22 -40.23 19.42
N VAL D 211 1.03 -39.79 19.44
CA VAL D 211 2.17 -40.67 19.22
C VAL D 211 3.30 -40.25 20.16
N THR D 212 3.60 -41.07 21.16
CA THR D 212 4.64 -40.76 22.12
C THR D 212 6.00 -41.31 21.73
N ARG D 213 7.05 -40.76 22.31
CA ARG D 213 8.39 -41.31 22.09
C ARG D 213 8.41 -42.77 22.53
N ALA D 214 7.58 -43.10 23.51
CA ALA D 214 7.48 -44.47 24.00
C ALA D 214 6.88 -45.39 22.93
N ASP D 215 5.86 -44.91 22.21
CA ASP D 215 5.29 -45.66 21.11
C ASP D 215 6.32 -45.89 20.01
N LEU D 216 7.10 -44.84 19.70
CA LEU D 216 8.09 -44.96 18.64
C LEU D 216 9.14 -46.00 19.01
N ASP D 217 9.64 -45.89 20.23
CA ASP D 217 10.65 -46.82 20.72
C ASP D 217 10.10 -48.25 20.68
N ARG D 218 8.81 -48.38 20.99
CA ARG D 218 8.16 -49.67 21.03
C ARG D 218 8.08 -50.33 19.66
N ASN D 219 7.79 -49.53 18.63
CA ASN D 219 7.68 -50.04 17.26
C ASN D 219 9.05 -50.33 16.63
N GLY D 220 10.11 -50.02 17.36
CA GLY D 220 11.47 -50.34 16.94
C GLY D 220 11.97 -49.53 15.76
N GLU D 221 13.06 -50.01 15.15
CA GLU D 221 13.72 -49.30 14.07
C GLU D 221 12.82 -49.07 12.85
N GLY D 222 13.04 -47.93 12.19
CA GLY D 222 12.35 -47.62 10.96
C GLY D 222 10.96 -47.07 11.15
N SER D 223 10.50 -47.05 12.38
CA SER D 223 9.17 -46.53 12.67
C SER D 223 9.15 -45.02 12.48
N PHE D 224 10.27 -44.38 12.80
CA PHE D 224 10.40 -42.92 12.67
C PHE D 224 11.76 -42.55 12.10
N GLU D 225 11.73 -41.78 11.02
CA GLU D 225 12.95 -41.44 10.29
C GLU D 225 12.98 -39.97 9.89
N VAL D 226 14.12 -39.32 10.11
CA VAL D 226 14.32 -37.96 9.64
C VAL D 226 14.84 -37.99 8.20
N LEU D 227 13.94 -37.74 7.25
CA LEU D 227 14.29 -37.71 5.82
C LEU D 227 15.16 -36.50 5.46
N ARG D 228 14.56 -35.32 5.53
CA ARG D 228 15.22 -34.08 5.14
C ARG D 228 15.11 -33.06 6.27
N HIS D 229 16.21 -32.40 6.59
CA HIS D 229 16.14 -31.23 7.45
C HIS D 229 15.89 -29.99 6.60
N VAL D 230 14.90 -29.20 7.00
CA VAL D 230 14.52 -28.00 6.27
C VAL D 230 15.16 -26.75 6.87
N ALA D 231 16.05 -26.14 6.11
CA ALA D 231 16.69 -24.90 6.55
C ALA D 231 15.78 -23.71 6.23
N THR D 232 15.63 -22.80 7.20
CA THR D 232 14.77 -21.62 7.06
C THR D 232 15.55 -20.32 7.31
N PRO D 233 15.11 -19.20 6.71
CA PRO D 233 15.80 -17.90 6.87
C PRO D 233 15.68 -17.29 8.27
N GLY D 234 14.60 -17.60 8.97
CA GLY D 234 14.41 -17.17 10.35
C GLY D 234 14.06 -18.38 11.19
N HIS D 235 14.07 -18.21 12.51
CA HIS D 235 13.86 -19.35 13.39
C HIS D 235 14.94 -20.41 13.10
N THR D 236 16.19 -19.99 13.14
CA THR D 236 17.30 -20.88 12.74
C THR D 236 17.67 -21.91 13.79
N SER D 237 17.17 -21.75 15.01
CA SER D 237 17.43 -22.71 16.08
C SER D 237 16.27 -23.67 16.26
N VAL D 238 15.28 -23.57 15.38
CA VAL D 238 14.07 -24.37 15.48
C VAL D 238 14.12 -25.54 14.50
N SER D 239 13.67 -26.70 14.97
CA SER D 239 13.80 -27.94 14.20
C SER D 239 12.43 -28.51 13.86
N GLY D 240 12.07 -28.46 12.58
CA GLY D 240 10.80 -28.99 12.12
C GLY D 240 10.97 -29.72 10.79
N PRO D 241 11.73 -30.82 10.82
CA PRO D 241 12.22 -31.53 9.62
C PRO D 241 11.14 -32.29 8.86
N HIS D 242 11.55 -32.80 7.70
CA HIS D 242 10.75 -33.70 6.89
C HIS D 242 11.01 -35.11 7.42
N VAL D 243 9.97 -35.73 7.95
CA VAL D 243 10.12 -37.00 8.66
C VAL D 243 9.11 -38.01 8.13
N ARG D 244 9.38 -39.30 8.32
CA ARG D 244 8.41 -40.32 7.94
C ARG D 244 8.06 -41.26 9.09
N TYR D 245 6.77 -41.50 9.26
CA TYR D 245 6.25 -42.49 10.18
C TYR D 245 5.93 -43.76 9.39
N THR D 246 6.61 -44.85 9.71
CA THR D 246 6.38 -46.12 9.02
C THR D 246 5.77 -47.15 9.96
N ASN D 247 4.58 -47.64 9.61
CA ASN D 247 3.84 -48.61 10.42
C ASN D 247 3.95 -48.38 11.93
N VAL D 248 3.63 -47.15 12.34
CA VAL D 248 3.63 -46.81 13.75
C VAL D 248 2.32 -47.30 14.35
N ARG D 249 2.42 -48.30 15.22
CA ARG D 249 1.25 -48.97 15.77
C ARG D 249 0.97 -48.50 17.20
N VAL D 250 -0.29 -48.16 17.47
CA VAL D 250 -0.69 -47.61 18.76
C VAL D 250 -2.08 -48.12 19.19
N PRO D 251 -2.31 -48.19 20.52
CA PRO D 251 -3.58 -48.64 21.10
C PRO D 251 -4.68 -47.64 20.80
N THR D 252 -5.93 -48.06 20.94
CA THR D 252 -7.07 -47.19 20.68
C THR D 252 -7.23 -46.07 21.70
N LYS D 253 -6.46 -46.10 22.78
CA LYS D 253 -6.50 -45.00 23.74
C LYS D 253 -5.78 -43.78 23.20
N ASN D 254 -4.88 -44.01 22.24
CA ASN D 254 -4.08 -42.94 21.63
C ASN D 254 -4.90 -42.00 20.76
N VAL D 255 -6.09 -42.43 20.35
CA VAL D 255 -6.98 -41.58 19.58
C VAL D 255 -7.43 -40.41 20.43
N LEU D 256 -7.24 -39.20 19.91
CA LEU D 256 -7.70 -37.98 20.58
C LEU D 256 -8.98 -37.49 19.89
N CYS D 257 -8.93 -37.44 18.57
CA CYS D 257 -10.09 -37.04 17.78
C CYS D 257 -10.43 -38.11 16.75
N PRO D 258 -11.59 -38.75 16.93
CA PRO D 258 -12.14 -39.79 16.05
C PRO D 258 -12.38 -39.22 14.66
N ALA D 259 -12.39 -40.09 13.65
CA ALA D 259 -12.69 -39.65 12.28
C ALA D 259 -13.92 -38.74 12.26
N GLY D 260 -13.75 -37.54 11.70
CA GLY D 260 -14.85 -36.59 11.59
C GLY D 260 -14.83 -35.48 12.61
N GLN D 261 -13.95 -35.60 13.62
CA GLN D 261 -13.88 -34.60 14.69
C GLN D 261 -12.53 -33.85 14.69
N GLY D 262 -11.57 -34.38 13.95
CA GLY D 262 -10.22 -33.85 13.99
C GLY D 262 -10.05 -32.48 13.35
N ALA D 263 -10.78 -32.22 12.28
CA ALA D 263 -10.72 -30.95 11.56
C ALA D 263 -11.12 -29.79 12.46
N LYS D 264 -12.30 -29.89 13.05
CA LYS D 264 -12.79 -28.86 13.95
C LYS D 264 -11.80 -28.55 15.05
N VAL D 265 -11.21 -29.59 15.63
CA VAL D 265 -10.28 -29.39 16.73
C VAL D 265 -8.96 -28.81 16.27
N ALA D 266 -8.45 -29.27 15.12
CA ALA D 266 -7.24 -28.67 14.54
C ALA D 266 -7.42 -27.16 14.33
N PHE D 267 -8.51 -26.78 13.66
CA PHE D 267 -8.80 -25.38 13.36
C PHE D 267 -9.09 -24.61 14.65
N GLY D 268 -9.73 -25.27 15.60
CA GLY D 268 -9.91 -24.71 16.93
C GLY D 268 -8.57 -24.32 17.53
N ALA D 269 -7.61 -25.22 17.45
CA ALA D 269 -6.28 -24.94 17.96
C ALA D 269 -5.65 -23.79 17.18
N PHE D 270 -5.90 -23.75 15.88
CA PHE D 270 -5.33 -22.73 15.00
C PHE D 270 -5.93 -21.36 15.23
N ASP D 271 -7.16 -21.32 15.73
CA ASP D 271 -7.78 -20.06 16.12
C ASP D 271 -7.03 -19.45 17.29
N GLY D 272 -6.79 -20.25 18.33
CA GLY D 272 -6.01 -19.79 19.47
C GLY D 272 -4.65 -19.27 19.05
N SER D 273 -3.99 -20.01 18.17
CA SER D 273 -2.64 -19.66 17.79
C SER D 273 -2.62 -18.41 16.91
N ALA D 274 -3.67 -18.22 16.12
CA ALA D 274 -3.84 -17.01 15.31
C ALA D 274 -3.65 -15.75 16.16
N VAL D 275 -4.31 -15.72 17.32
CA VAL D 275 -4.14 -14.61 18.25
C VAL D 275 -2.68 -14.44 18.63
N LEU D 276 -1.99 -15.56 18.85
CA LEU D 276 -0.59 -15.50 19.26
C LEU D 276 0.33 -15.12 18.10
N VAL D 277 -0.06 -15.46 16.88
CA VAL D 277 0.70 -15.02 15.71
C VAL D 277 0.61 -13.50 15.62
N GLY D 278 -0.54 -12.96 15.98
CA GLY D 278 -0.69 -11.51 16.07
C GLY D 278 0.30 -10.96 17.08
N ALA D 279 0.40 -11.61 18.23
CA ALA D 279 1.33 -11.17 19.26
C ALA D 279 2.77 -11.26 18.78
N MET D 280 3.10 -12.31 18.05
CA MET D 280 4.44 -12.39 17.46
C MET D 280 4.70 -11.18 16.57
N GLY D 281 3.69 -10.79 15.81
CA GLY D 281 3.83 -9.67 14.90
C GLY D 281 4.06 -8.39 15.68
N VAL D 282 3.30 -8.23 16.76
CA VAL D 282 3.48 -7.06 17.61
C VAL D 282 4.91 -7.04 18.17
N GLY D 283 5.41 -8.21 18.62
CA GLY D 283 6.76 -8.27 19.16
C GLY D 283 7.86 -7.86 18.18
N LEU D 284 7.78 -8.35 16.94
CA LEU D 284 8.77 -8.01 15.94
C LEU D 284 8.72 -6.52 15.61
N MET D 285 7.51 -5.98 15.53
CA MET D 285 7.32 -4.57 15.21
C MET D 285 7.89 -3.72 16.33
N ARG D 286 7.69 -4.17 17.58
CA ARG D 286 8.24 -3.44 18.70
C ARG D 286 9.77 -3.40 18.61
N ALA D 287 10.38 -4.53 18.30
CA ALA D 287 11.83 -4.64 18.20
C ALA D 287 12.36 -3.80 17.04
N ALA D 288 11.63 -3.83 15.92
CA ALA D 288 12.06 -3.05 14.77
C ALA D 288 12.01 -1.57 15.12
N PHE D 289 10.91 -1.13 15.71
CA PHE D 289 10.79 0.29 16.08
C PHE D 289 11.88 0.70 17.09
N ASP D 290 12.06 -0.12 18.13
CA ASP D 290 13.08 0.14 19.14
C ASP D 290 14.48 0.29 18.53
N ALA D 291 14.83 -0.61 17.62
CA ALA D 291 16.16 -0.58 17.02
C ALA D 291 16.33 0.63 16.12
N ALA D 292 15.28 0.96 15.37
CA ALA D 292 15.33 2.13 14.48
C ALA D 292 15.43 3.41 15.30
N LEU D 293 14.59 3.52 16.33
CA LEU D 293 14.61 4.68 17.22
C LEU D 293 15.99 4.81 17.88
N LYS D 294 16.52 3.70 18.38
CA LYS D 294 17.82 3.70 19.04
C LYS D 294 18.87 4.22 18.06
N PHE D 295 18.88 3.66 16.86
CA PHE D 295 19.81 4.09 15.82
C PHE D 295 19.75 5.60 15.63
N ALA D 296 18.53 6.13 15.49
CA ALA D 296 18.34 7.56 15.22
C ALA D 296 18.83 8.44 16.37
N LYS D 297 18.57 8.00 17.60
CA LYS D 297 18.94 8.81 18.76
C LYS D 297 20.46 8.86 19.00
N GLU D 298 21.20 7.92 18.41
CA GLU D 298 22.65 7.97 18.56
C GLU D 298 23.45 8.29 17.28
N ASP D 299 22.81 8.19 16.11
CA ASP D 299 23.53 8.38 14.83
C ASP D 299 22.81 9.37 13.93
N ASN D 300 23.37 10.57 13.76
CA ASN D 300 22.75 11.57 12.91
C ASN D 300 23.12 11.47 11.42
N ARG D 301 23.76 10.36 11.04
CA ARG D 301 24.17 10.09 9.66
C ARG D 301 24.94 11.26 9.05
N GLY D 302 25.81 11.87 9.85
CA GLY D 302 26.62 12.98 9.38
C GLY D 302 25.82 14.24 9.08
N GLY D 303 24.60 14.32 9.61
CA GLY D 303 23.75 15.46 9.33
C GLY D 303 24.03 16.66 10.21
N ALA D 304 23.51 17.81 9.81
CA ALA D 304 23.62 19.04 10.59
C ALA D 304 22.54 19.07 11.66
N VAL D 305 21.56 18.16 11.56
CA VAL D 305 20.51 18.06 12.56
C VAL D 305 20.32 16.59 12.96
N PRO D 306 19.65 16.35 14.09
CA PRO D 306 19.36 14.96 14.47
C PRO D 306 18.53 14.25 13.41
N LEU D 307 18.71 12.93 13.28
CA LEU D 307 18.02 12.15 12.26
C LEU D 307 16.50 12.28 12.34
N LEU D 308 15.96 12.38 13.55
CA LEU D 308 14.52 12.51 13.74
C LEU D 308 13.96 13.86 13.30
N GLU D 309 14.84 14.81 12.99
CA GLU D 309 14.38 16.10 12.45
C GLU D 309 14.06 16.02 10.95
N ARG D 310 14.49 14.95 10.29
CA ARG D 310 14.15 14.71 8.90
C ARG D 310 12.72 14.17 8.82
N GLN D 311 11.81 14.94 8.22
CA GLN D 311 10.41 14.49 8.10
C GLN D 311 10.26 13.09 7.50
N ALA D 312 10.98 12.80 6.42
CA ALA D 312 10.82 11.51 5.75
C ALA D 312 11.20 10.35 6.66
N PHE D 313 12.28 10.51 7.42
CA PHE D 313 12.70 9.50 8.37
C PHE D 313 11.67 9.35 9.50
N ALA D 314 11.32 10.47 10.13
CA ALA D 314 10.40 10.45 11.27
C ALA D 314 9.05 9.84 10.91
N ASP D 315 8.57 10.15 9.71
CA ASP D 315 7.28 9.64 9.25
C ASP D 315 7.30 8.13 9.05
N LEU D 316 8.43 7.59 8.63
CA LEU D 316 8.58 6.14 8.54
C LEU D 316 8.45 5.53 9.95
N LEU D 317 9.19 6.09 10.91
CA LEU D 317 9.17 5.59 12.27
C LEU D 317 7.81 5.68 12.94
N SER D 318 7.15 6.85 12.82
CA SER D 318 5.86 7.04 13.45
C SER D 318 4.80 6.19 12.78
N GLY D 319 4.97 5.93 11.49
CA GLY D 319 4.08 5.02 10.77
C GLY D 319 4.16 3.63 11.39
N VAL D 320 5.37 3.20 11.69
CA VAL D 320 5.55 1.88 12.34
C VAL D 320 4.92 1.87 13.74
N LYS D 321 5.16 2.93 14.51
CA LYS D 321 4.62 3.02 15.87
C LYS D 321 3.09 2.92 15.84
N ILE D 322 2.48 3.64 14.90
CA ILE D 322 1.03 3.65 14.75
C ILE D 322 0.51 2.24 14.45
N GLN D 323 1.12 1.58 13.47
CA GLN D 323 0.71 0.23 13.12
C GLN D 323 0.87 -0.75 14.30
N THR D 324 1.93 -0.57 15.09
CA THR D 324 2.22 -1.46 16.21
C THR D 324 1.16 -1.33 17.29
N GLU D 325 0.73 -0.10 17.55
CA GLU D 325 -0.32 0.14 18.54
C GLU D 325 -1.65 -0.42 18.09
N ALA D 326 -1.98 -0.26 16.80
CA ALA D 326 -3.19 -0.88 16.28
C ALA D 326 -3.11 -2.41 16.39
N ALA D 327 -1.95 -2.95 16.02
CA ALA D 327 -1.72 -4.39 16.04
C ALA D 327 -1.94 -4.98 17.44
N ARG D 328 -1.35 -4.36 18.45
CA ARG D 328 -1.54 -4.86 19.82
C ARG D 328 -2.97 -4.70 20.31
N ALA D 329 -3.59 -3.55 20.02
CA ALA D 329 -4.96 -3.34 20.49
C ALA D 329 -5.89 -4.38 19.86
N LEU D 330 -5.69 -4.68 18.59
CA LEU D 330 -6.50 -5.69 17.91
C LEU D 330 -6.20 -7.09 18.49
N THR D 331 -4.92 -7.40 18.67
CA THR D 331 -4.53 -8.68 19.25
C THR D 331 -5.18 -8.91 20.63
N TRP D 332 -5.09 -7.93 21.52
CA TRP D 332 -5.74 -8.05 22.82
C TRP D 332 -7.27 -8.18 22.72
N LYS D 333 -7.89 -7.39 21.84
CA LYS D 333 -9.33 -7.56 21.62
C LYS D 333 -9.69 -8.98 21.20
N ALA D 334 -8.94 -9.54 20.26
CA ALA D 334 -9.21 -10.92 19.81
C ALA D 334 -8.96 -11.92 20.95
N ALA D 335 -7.91 -11.69 21.72
CA ALA D 335 -7.55 -12.58 22.83
C ALA D 335 -8.67 -12.56 23.84
N HIS D 336 -9.18 -11.37 24.12
CA HIS D 336 -10.26 -11.23 25.08
C HIS D 336 -11.56 -11.85 24.59
N ALA D 337 -11.93 -11.55 23.34
CA ALA D 337 -13.19 -12.02 22.78
C ALA D 337 -13.24 -13.55 22.63
N MET D 338 -12.11 -14.15 22.28
CA MET D 338 -12.07 -15.60 22.10
C MET D 338 -12.54 -16.35 23.35
N GLU D 339 -12.24 -15.79 24.52
CA GLU D 339 -12.56 -16.45 25.78
C GLU D 339 -13.75 -15.82 26.52
N ASN D 340 -14.20 -14.66 26.05
CA ASN D 340 -15.22 -13.93 26.79
C ASN D 340 -16.40 -13.43 25.98
N GLY D 341 -16.34 -13.55 24.65
CA GLY D 341 -17.40 -13.01 23.81
C GLY D 341 -17.34 -11.49 23.81
N PRO D 342 -18.43 -10.80 23.40
CA PRO D 342 -19.81 -11.26 23.16
C PRO D 342 -20.16 -11.92 21.84
N GLY D 343 -19.20 -12.29 21.00
CA GLY D 343 -19.64 -13.01 19.82
C GLY D 343 -20.16 -14.42 20.12
N ASP D 344 -20.71 -15.10 19.11
CA ASP D 344 -20.79 -16.56 19.18
C ASP D 344 -19.43 -17.07 18.69
N TYR D 345 -19.24 -18.39 18.62
CA TYR D 345 -17.91 -18.86 18.25
C TYR D 345 -17.45 -18.32 16.89
N ASP D 346 -18.39 -18.20 15.97
CA ASP D 346 -18.07 -17.66 14.64
C ASP D 346 -17.54 -16.23 14.73
N ALA D 347 -18.25 -15.38 15.47
CA ALA D 347 -17.83 -14.00 15.68
C ALA D 347 -16.44 -13.92 16.31
N ARG D 348 -16.20 -14.78 17.30
CA ARG D 348 -14.95 -14.77 18.03
C ARG D 348 -13.76 -15.09 17.14
N ARG D 349 -13.89 -16.15 16.37
CA ARG D 349 -12.77 -16.55 15.53
C ARG D 349 -12.49 -15.60 14.37
N GLU D 350 -13.50 -14.82 13.97
CA GLU D 350 -13.28 -13.83 12.92
C GLU D 350 -12.24 -12.85 13.43
N LEU D 351 -12.35 -12.51 14.70
CA LEU D 351 -11.40 -11.59 15.32
C LEU D 351 -10.01 -12.21 15.45
N ALA D 352 -9.95 -13.49 15.83
CA ALA D 352 -8.66 -14.17 15.91
C ALA D 352 -7.97 -14.17 14.54
N LEU D 353 -8.71 -14.53 13.50
CA LEU D 353 -8.16 -14.48 12.15
C LEU D 353 -7.75 -13.05 11.76
N ALA D 354 -8.58 -12.07 12.12
CA ALA D 354 -8.25 -10.67 11.85
C ALA D 354 -6.91 -10.31 12.48
N ALA D 355 -6.72 -10.68 13.74
CA ALA D 355 -5.47 -10.37 14.42
C ALA D 355 -4.29 -10.98 13.66
N LYS D 356 -4.43 -12.25 13.30
CA LYS D 356 -3.35 -12.95 12.60
C LYS D 356 -2.99 -12.25 11.28
N VAL D 357 -4.01 -11.92 10.50
CA VAL D 357 -3.81 -11.32 9.18
C VAL D 357 -3.25 -9.90 9.27
N PHE D 358 -3.90 -9.06 10.06
CA PHE D 358 -3.45 -7.68 10.27
C PHE D 358 -2.01 -7.60 10.74
N CYS D 359 -1.70 -8.30 11.84
CA CYS D 359 -0.38 -8.15 12.48
C CYS D 359 0.76 -8.80 11.69
N SER D 360 0.49 -9.96 11.09
CA SER D 360 1.53 -10.59 10.28
C SER D 360 1.93 -9.70 9.11
N GLU D 361 0.94 -9.16 8.41
CA GLU D 361 1.24 -8.31 7.27
C GLU D 361 1.84 -6.99 7.71
N ALA D 362 1.33 -6.43 8.80
CA ALA D 362 1.89 -5.20 9.35
C ALA D 362 3.35 -5.38 9.78
N ALA D 363 3.69 -6.57 10.28
CA ALA D 363 5.05 -6.81 10.75
C ALA D 363 6.03 -6.79 9.58
N VAL D 364 5.65 -7.44 8.48
CA VAL D 364 6.49 -7.46 7.29
C VAL D 364 6.69 -6.05 6.77
N LYS D 365 5.59 -5.31 6.63
CA LYS D 365 5.67 -3.91 6.18
C LYS D 365 6.52 -3.06 7.14
N ALA D 366 6.35 -3.26 8.45
CA ALA D 366 7.14 -2.48 9.41
C ALA D 366 8.65 -2.74 9.26
N CYS D 367 9.02 -4.00 9.07
CA CYS D 367 10.43 -4.35 8.92
C CYS D 367 11.02 -3.78 7.63
N THR D 368 10.24 -3.75 6.56
CA THR D 368 10.67 -3.11 5.31
C THR D 368 10.83 -1.59 5.48
N ASP D 369 9.84 -0.97 6.12
CA ASP D 369 9.89 0.47 6.40
C ASP D 369 11.12 0.85 7.24
N VAL D 370 11.40 0.08 8.28
CA VAL D 370 12.52 0.39 9.16
C VAL D 370 13.87 0.24 8.43
N ILE D 371 13.98 -0.76 7.58
CA ILE D 371 15.17 -0.91 6.76
C ILE D 371 15.39 0.31 5.85
N ASN D 372 14.32 0.80 5.22
CA ASN D 372 14.47 1.97 4.37
C ASN D 372 14.84 3.21 5.17
N ALA D 373 14.28 3.32 6.37
CA ALA D 373 14.55 4.47 7.24
C ALA D 373 15.99 4.46 7.73
N VAL D 374 16.44 3.29 8.19
CA VAL D 374 17.78 3.17 8.72
C VAL D 374 18.80 3.31 7.58
N GLY D 375 18.43 2.79 6.41
CA GLY D 375 19.24 2.94 5.23
C GLY D 375 20.24 1.81 5.05
N ILE D 376 21.33 2.10 4.35
CA ILE D 376 22.29 1.08 3.99
C ILE D 376 22.82 0.28 5.20
N SER D 377 22.93 0.96 6.35
CA SER D 377 23.40 0.31 7.58
C SER D 377 22.58 -0.92 7.91
N ALA D 378 21.33 -0.96 7.48
CA ALA D 378 20.47 -2.08 7.84
C ALA D 378 20.79 -3.37 7.05
N TYR D 379 21.68 -3.27 6.06
CA TYR D 379 22.09 -4.46 5.30
C TYR D 379 23.26 -5.18 6.00
N ASP D 380 23.73 -4.56 7.08
CA ASP D 380 24.81 -5.10 7.92
C ASP D 380 24.25 -6.11 8.93
N LEU D 381 24.66 -7.37 8.81
CA LEU D 381 24.12 -8.43 9.66
C LEU D 381 24.56 -8.32 11.14
N GLN D 382 25.44 -7.36 11.41
CA GLN D 382 25.82 -7.04 12.78
C GLN D 382 24.66 -6.31 13.46
N ARG D 383 23.77 -5.76 12.63
CA ARG D 383 22.58 -5.05 13.14
C ARG D 383 21.36 -5.96 13.02
N PRO D 384 20.28 -5.65 13.75
CA PRO D 384 19.17 -6.60 13.88
C PRO D 384 18.11 -6.57 12.77
N PHE D 385 18.23 -5.66 11.81
CA PHE D 385 17.12 -5.41 10.90
C PHE D 385 16.86 -6.54 9.92
N SER D 386 17.92 -7.12 9.37
CA SER D 386 17.73 -8.21 8.42
C SER D 386 17.05 -9.44 9.04
N ASP D 387 17.47 -9.81 10.24
CA ASP D 387 16.89 -10.95 10.94
C ASP D 387 15.41 -10.71 11.27
N LEU D 388 15.09 -9.48 11.64
CA LEU D 388 13.71 -9.10 11.90
C LEU D 388 12.83 -9.36 10.66
N LEU D 389 13.24 -8.81 9.52
CA LEU D 389 12.51 -9.05 8.28
C LEU D 389 12.33 -10.53 7.99
N ASN D 390 13.42 -11.28 8.11
CA ASN D 390 13.38 -12.69 7.80
C ASN D 390 12.53 -13.52 8.75
N THR D 391 12.26 -13.00 9.94
CA THR D 391 11.29 -13.65 10.83
C THR D 391 9.87 -13.26 10.47
N ALA D 392 9.64 -11.97 10.22
CA ALA D 392 8.29 -11.48 9.97
C ALA D 392 7.68 -12.13 8.75
N VAL D 393 8.49 -12.36 7.73
CA VAL D 393 8.02 -12.89 6.46
C VAL D 393 7.34 -14.25 6.62
N VAL D 394 7.65 -14.94 7.71
CA VAL D 394 7.05 -16.25 7.95
C VAL D 394 5.65 -16.12 8.55
N LEU D 395 5.39 -15.00 9.21
CA LEU D 395 4.14 -14.87 9.95
C LEU D 395 2.87 -15.01 9.07
N PRO D 396 2.83 -14.36 7.89
CA PRO D 396 1.62 -14.50 7.06
C PRO D 396 1.44 -15.91 6.53
N ILE D 397 2.52 -16.67 6.36
CA ILE D 397 2.44 -17.98 5.73
C ILE D 397 2.37 -19.17 6.68
N PHE D 398 2.76 -19.03 7.94
CA PHE D 398 2.67 -20.22 8.78
C PHE D 398 1.38 -20.31 9.54
N ASP D 399 1.22 -21.38 10.32
CA ASP D 399 0.03 -21.55 11.14
C ASP D 399 -1.24 -21.25 10.33
N GLY D 400 -1.25 -21.71 9.08
CA GLY D 400 -2.36 -21.45 8.19
C GLY D 400 -2.17 -20.11 7.53
N GLY D 401 -1.62 -20.14 6.32
CA GLY D 401 -1.35 -18.92 5.56
C GLY D 401 -2.58 -18.05 5.37
N ASN D 402 -2.36 -16.75 5.26
CA ASN D 402 -3.45 -15.79 5.10
C ASN D 402 -4.23 -16.01 3.81
N VAL D 403 -3.53 -16.42 2.76
CA VAL D 403 -4.10 -16.45 1.41
C VAL D 403 -4.98 -17.66 1.07
N GLY D 404 -4.51 -18.86 1.43
CA GLY D 404 -5.23 -20.09 1.09
C GLY D 404 -6.07 -20.75 2.19
N ILE D 405 -6.05 -20.18 3.39
CA ILE D 405 -6.83 -20.73 4.50
C ILE D 405 -7.49 -19.62 5.32
N ARG D 406 -6.69 -18.78 5.98
CA ARG D 406 -7.21 -17.73 6.87
C ARG D 406 -8.32 -16.87 6.22
N ARG D 407 -8.07 -16.37 5.02
CA ARG D 407 -9.10 -15.63 4.29
C ARG D 407 -10.23 -16.50 3.71
N ARG D 408 -9.97 -17.81 3.57
CA ARG D 408 -10.96 -18.73 3.03
C ARG D 408 -12.02 -18.99 4.10
N HIS D 409 -11.55 -19.03 5.34
CA HIS D 409 -12.41 -19.20 6.48
C HIS D 409 -13.19 -17.92 6.74
N LEU D 410 -12.55 -16.77 6.60
CA LEU D 410 -13.26 -15.49 6.76
C LEU D 410 -14.41 -15.41 5.78
N GLN D 411 -14.18 -15.89 4.57
CA GLN D 411 -15.19 -15.91 3.54
C GLN D 411 -16.38 -16.77 3.94
N GLN D 412 -16.10 -17.98 4.45
CA GLN D 412 -17.14 -18.89 4.92
C GLN D 412 -17.93 -18.33 6.11
N LEU D 413 -17.23 -17.65 7.01
CA LEU D 413 -17.88 -17.01 8.15
C LEU D 413 -18.93 -16.02 7.66
N MET D 414 -18.52 -15.15 6.74
CA MET D 414 -19.39 -14.09 6.25
C MET D 414 -20.55 -14.64 5.43
N LEU D 415 -20.37 -15.80 4.84
CA LEU D 415 -21.42 -16.40 4.00
C LEU D 415 -22.57 -16.99 4.82
N LYS D 416 -22.32 -17.32 6.08
CA LYS D 416 -23.36 -17.87 6.93
C LYS D 416 -24.50 -16.89 7.15
N PRO D 417 -25.74 -17.39 7.06
CA PRO D 417 -26.92 -16.53 7.25
C PRO D 417 -26.95 -15.96 8.66
N THR D 418 -26.23 -16.60 9.58
CA THR D 418 -26.19 -16.14 10.96
C THR D 418 -25.10 -15.10 11.23
N TYR D 419 -24.29 -14.80 10.22
CA TYR D 419 -23.22 -13.80 10.38
C TYR D 419 -23.81 -12.50 10.91
N ASP D 420 -23.18 -11.96 11.95
CA ASP D 420 -23.65 -10.73 12.58
C ASP D 420 -22.44 -9.84 12.80
N ALA D 421 -22.20 -8.96 11.83
CA ALA D 421 -20.89 -8.28 11.71
C ALA D 421 -20.27 -7.78 13.00
N TRP D 422 -21.01 -6.97 13.77
CA TRP D 422 -20.39 -6.29 14.90
C TRP D 422 -20.72 -6.89 16.26
N SER D 423 -21.27 -8.11 16.24
CA SER D 423 -21.71 -8.78 17.46
C SER D 423 -20.55 -9.04 18.43
N SER D 424 -19.34 -9.17 17.90
CA SER D 424 -18.17 -9.40 18.73
C SER D 424 -17.75 -8.14 19.50
N THR D 425 -18.42 -7.02 19.23
CA THR D 425 -18.17 -5.78 19.95
C THR D 425 -19.42 -5.28 20.67
N TYR D 426 -20.52 -5.17 19.92
CA TYR D 426 -21.73 -4.54 20.43
C TYR D 426 -22.83 -5.54 20.83
N GLY D 427 -22.57 -6.83 20.68
CA GLY D 427 -23.48 -7.86 21.16
C GLY D 427 -24.48 -8.30 20.11
#